data_9G62
#
_entry.id   9G62
#
_cell.length_a   1.00
_cell.length_b   1.00
_cell.length_c   1.00
_cell.angle_alpha   90.00
_cell.angle_beta   90.00
_cell.angle_gamma   90.00
#
_symmetry.space_group_name_H-M   'P 1'
#
loop_
_entity.id
_entity.type
_entity.pdbx_description
1 polymer 'Gamma-aminobutyric acid receptor subunit rho-1'
2 non-polymer Muscimol
3 non-polymer 2-acetamido-2-deoxy-beta-D-glucopyranose
4 non-polymer Tetrahydrodeoxycorticosterone
5 non-polymer DODECANE
6 non-polymer N-OCTANE
7 non-polymer HEXANE
#
_entity_poly.entity_id   1
_entity_poly.type   'polypeptide(L)'
_entity_poly.pdbx_seq_one_letter_code
;MLAVPNMRFGIFLLWWGWVLATESRMHWPGREVHEMSKKGRPQRQRREVHEDAHKQVSPILRRSPDITKSPLTKSEQLLR
IDDHDFSMRPGFGGPAIPVGVDVQVESLDSISEVDMDFTMTLYLRHYWKDERLSFPSTNNLSMTFDGRLVKKIWVPDMFF
VHSKRSFIHDTTTDNVMLRVQPDGKVLYSLRVTVTAMCNMDFSRFPLDTQTCSLEIESYAYTEDDLMLYWKKGNDSLKTD
ERISLSQFLIQEFHTTTKLAFYSSTGWYNRLYINFTLRRHIFFFLLQTYFPATLMVMLSWVSFWIDRRAVPARVPLGITT
VLTMSTIITGVNASMPRVSYIKAVDIYLWVSFVFVFLSVLEYAAVNYLTTVQERKEQKLREKLPCTSGLPPPRTAMLDGN
YSDGEVNDLDNYMPENGEKPDRMMVQLTLASERSSPQRKSQRSSYVSMRIDTHAIDKYSRIIFPAAYILFNLIYWSIFS
;
_entity_poly.pdbx_strand_id   A,B,C,D,E
#
# COMPACT_ATOMS: atom_id res chain seq x y z
N GLN A 77 -15.12 6.36 50.75
CA GLN A 77 -14.48 7.03 49.63
C GLN A 77 -13.77 8.30 50.09
N LEU A 78 -12.52 8.45 49.67
CA LEU A 78 -11.75 9.64 50.03
C LEU A 78 -12.28 10.88 49.31
N LEU A 79 -12.74 10.71 48.08
CA LEU A 79 -13.28 11.81 47.28
C LEU A 79 -14.80 11.69 47.19
N ARG A 80 -15.48 12.81 47.45
CA ARG A 80 -16.94 12.86 47.39
C ARG A 80 -17.39 13.15 45.96
N ILE A 81 -17.20 12.15 45.10
CA ILE A 81 -17.54 12.30 43.69
C ILE A 81 -19.05 12.36 43.51
N ASP A 82 -19.79 11.50 44.21
CA ASP A 82 -21.23 11.41 44.03
C ASP A 82 -21.98 12.61 44.61
N ASP A 83 -21.32 13.48 45.36
CA ASP A 83 -21.98 14.60 46.00
C ASP A 83 -21.94 15.88 45.16
N HIS A 84 -21.39 15.83 43.95
CA HIS A 84 -21.27 17.00 43.10
C HIS A 84 -21.67 16.64 41.67
N ASP A 85 -22.09 17.66 40.92
CA ASP A 85 -22.43 17.53 39.51
C ASP A 85 -21.24 18.04 38.70
N PHE A 86 -20.51 17.12 38.08
CA PHE A 86 -19.31 17.45 37.32
C PHE A 86 -19.61 17.76 35.86
N SER A 87 -20.86 18.07 35.53
CA SER A 87 -21.23 18.50 34.18
C SER A 87 -20.97 19.97 33.94
N MET A 88 -20.57 20.71 34.97
CA MET A 88 -20.26 22.13 34.86
C MET A 88 -18.81 22.38 35.28
N ARG A 89 -18.17 23.33 34.60
CA ARG A 89 -16.79 23.66 34.91
C ARG A 89 -16.69 24.34 36.28
N PRO A 90 -15.53 24.26 36.93
CA PRO A 90 -15.34 24.99 38.17
C PRO A 90 -15.50 26.49 37.96
N GLY A 91 -16.09 27.16 38.95
CA GLY A 91 -16.42 28.57 38.79
C GLY A 91 -17.48 28.81 37.75
N PHE A 92 -18.51 27.95 37.70
CA PHE A 92 -19.55 28.07 36.70
C PHE A 92 -20.31 29.38 36.85
N GLY A 93 -20.51 30.08 35.74
CA GLY A 93 -21.20 31.36 35.76
C GLY A 93 -20.37 32.52 36.26
N GLY A 94 -19.06 32.34 36.41
CA GLY A 94 -18.21 33.40 36.91
C GLY A 94 -16.96 33.60 36.07
N PRO A 95 -15.87 34.01 36.72
CA PRO A 95 -14.63 34.27 35.98
C PRO A 95 -14.04 32.98 35.41
N ALA A 96 -13.18 33.16 34.41
CA ALA A 96 -12.53 32.04 33.77
C ALA A 96 -11.53 31.35 34.71
N ILE A 97 -11.29 30.08 34.46
CA ILE A 97 -10.39 29.26 35.25
C ILE A 97 -9.10 29.05 34.48
N PRO A 98 -7.95 29.49 35.01
CA PRO A 98 -6.68 29.30 34.29
C PRO A 98 -6.29 27.83 34.19
N VAL A 99 -5.63 27.48 33.10
CA VAL A 99 -5.17 26.12 32.82
C VAL A 99 -3.73 26.19 32.33
N GLY A 100 -2.86 25.38 32.92
CA GLY A 100 -1.48 25.31 32.48
C GLY A 100 -1.19 24.09 31.63
N VAL A 101 -0.19 24.18 30.76
CA VAL A 101 0.16 23.10 29.85
C VAL A 101 1.67 22.87 29.89
N ASP A 102 2.07 21.62 30.01
CA ASP A 102 3.47 21.22 29.87
C ASP A 102 3.58 20.13 28.81
N VAL A 103 4.61 20.25 27.98
CA VAL A 103 4.78 19.37 26.82
C VAL A 103 6.21 18.84 26.79
N GLN A 104 6.34 17.53 26.63
CA GLN A 104 7.63 16.88 26.42
C GLN A 104 7.54 16.05 25.16
N VAL A 105 8.43 16.31 24.20
CA VAL A 105 8.42 15.65 22.91
C VAL A 105 9.24 14.38 23.00
N GLU A 106 8.68 13.27 22.53
CA GLU A 106 9.33 11.97 22.59
C GLU A 106 10.09 11.61 21.32
N SER A 107 9.44 11.65 20.16
CA SER A 107 10.12 11.32 18.91
C SER A 107 9.27 11.82 17.73
N LEU A 108 9.92 11.93 16.58
CA LEU A 108 9.25 12.24 15.32
C LEU A 108 9.32 11.00 14.42
N ASP A 109 8.17 10.60 13.88
CA ASP A 109 8.05 9.31 13.19
C ASP A 109 8.41 9.40 11.71
N SER A 110 7.68 10.20 10.94
CA SER A 110 7.88 10.23 9.49
C SER A 110 7.45 11.57 8.93
N ILE A 111 7.96 11.88 7.74
CA ILE A 111 7.61 13.08 6.99
C ILE A 111 7.26 12.66 5.57
N SER A 112 6.12 13.14 5.07
CA SER A 112 5.66 12.80 3.72
C SER A 112 5.69 14.06 2.87
N GLU A 113 6.34 13.98 1.71
CA GLU A 113 6.39 15.11 0.80
C GLU A 113 5.11 15.21 -0.04
N VAL A 114 4.57 14.08 -0.48
CA VAL A 114 3.36 14.11 -1.30
C VAL A 114 2.15 14.53 -0.47
N ASP A 115 2.07 14.06 0.77
CA ASP A 115 0.94 14.37 1.63
C ASP A 115 1.16 15.62 2.48
N MET A 116 2.41 16.05 2.65
CA MET A 116 2.76 17.29 3.34
C MET A 116 2.22 17.30 4.77
N ASP A 117 2.71 16.33 5.54
CA ASP A 117 2.36 16.22 6.95
C ASP A 117 3.48 15.52 7.70
N PHE A 118 3.40 15.58 9.03
CA PHE A 118 4.39 14.96 9.89
C PHE A 118 3.67 14.31 11.08
N THR A 119 4.35 13.36 11.71
CA THR A 119 3.81 12.62 12.83
C THR A 119 4.69 12.85 14.06
N MET A 120 4.05 13.13 15.19
CA MET A 120 4.77 13.42 16.42
C MET A 120 4.11 12.69 17.59
N THR A 121 4.95 12.20 18.50
CA THR A 121 4.49 11.60 19.75
C THR A 121 5.03 12.41 20.91
N LEU A 122 4.15 12.73 21.86
CA LEU A 122 4.50 13.66 22.93
C LEU A 122 3.64 13.37 24.16
N TYR A 123 4.07 13.92 25.29
CA TYR A 123 3.33 13.85 26.53
C TYR A 123 2.68 15.21 26.80
N LEU A 124 1.39 15.19 27.10
CA LEU A 124 0.62 16.40 27.35
C LEU A 124 0.19 16.43 28.81
N ARG A 125 0.41 17.55 29.47
CA ARG A 125 0.08 17.71 30.89
C ARG A 125 -0.80 18.94 31.08
N HIS A 126 -1.67 18.88 32.09
CA HIS A 126 -2.59 19.96 32.40
C HIS A 126 -2.51 20.30 33.88
N TYR A 127 -2.75 21.57 34.19
CA TYR A 127 -2.72 22.05 35.57
C TYR A 127 -3.92 22.94 35.81
N TRP A 128 -4.69 22.64 36.85
CA TRP A 128 -5.81 23.47 37.27
C TRP A 128 -6.15 23.12 38.70
N LYS A 129 -7.08 23.88 39.28
CA LYS A 129 -7.51 23.69 40.66
C LYS A 129 -9.03 23.56 40.71
N ASP A 130 -9.50 22.61 41.50
CA ASP A 130 -10.93 22.37 41.68
C ASP A 130 -11.17 22.07 43.15
N GLU A 131 -11.93 22.94 43.82
CA GLU A 131 -12.18 22.78 45.25
C GLU A 131 -13.08 21.59 45.55
N ARG A 132 -13.82 21.09 44.56
CA ARG A 132 -14.73 19.97 44.78
C ARG A 132 -13.99 18.64 45.00
N LEU A 133 -12.70 18.57 44.70
CA LEU A 133 -11.92 17.35 44.86
C LEU A 133 -11.05 17.38 46.11
N SER A 134 -11.29 18.33 47.01
CA SER A 134 -10.47 18.44 48.22
C SER A 134 -10.78 17.30 49.19
N PHE A 135 -9.73 16.81 49.84
CA PHE A 135 -9.86 15.76 50.85
C PHE A 135 -8.95 16.12 52.02
N PRO A 136 -9.32 15.70 53.24
CA PRO A 136 -8.50 16.05 54.41
C PRO A 136 -7.29 15.13 54.58
N SER A 137 -6.16 15.73 54.93
CA SER A 137 -4.94 15.01 55.20
C SER A 137 -4.01 15.90 56.00
N THR A 138 -2.95 15.29 56.55
CA THR A 138 -1.99 16.01 57.36
C THR A 138 -0.61 16.14 56.72
N ASN A 139 -0.26 15.25 55.78
CA ASN A 139 1.06 15.28 55.17
C ASN A 139 1.20 16.35 54.10
N ASN A 140 0.09 16.75 53.48
CA ASN A 140 0.09 17.75 52.41
C ASN A 140 0.99 17.31 51.26
N LEU A 141 0.66 16.16 50.69
CA LEU A 141 1.40 15.60 49.58
C LEU A 141 0.43 15.10 48.52
N SER A 142 0.91 15.07 47.28
CA SER A 142 0.08 14.62 46.17
C SER A 142 -0.19 13.12 46.29
N MET A 143 -1.41 12.73 45.94
CA MET A 143 -1.83 11.34 45.96
C MET A 143 -2.23 10.90 44.55
N THR A 144 -1.84 9.69 44.18
CA THR A 144 -2.03 9.18 42.83
C THR A 144 -3.14 8.13 42.83
N PHE A 145 -4.04 8.23 41.86
CA PHE A 145 -5.14 7.30 41.68
C PHE A 145 -4.90 6.46 40.42
N ASP A 146 -5.66 5.37 40.31
CA ASP A 146 -5.45 4.43 39.22
C ASP A 146 -5.70 5.04 37.84
N GLY A 147 -6.57 6.04 37.74
CA GLY A 147 -6.80 6.74 36.49
C GLY A 147 -8.17 6.52 35.87
N ARG A 148 -8.94 5.54 36.32
CA ARG A 148 -10.28 5.36 35.79
C ARG A 148 -11.31 6.31 36.39
N LEU A 149 -10.92 7.08 37.41
CA LEU A 149 -11.80 8.09 37.98
C LEU A 149 -11.86 9.35 37.12
N VAL A 150 -11.05 9.42 36.06
CA VAL A 150 -11.04 10.60 35.20
C VAL A 150 -12.40 10.79 34.52
N LYS A 151 -13.00 9.69 34.06
CA LYS A 151 -14.30 9.74 33.39
C LYS A 151 -15.45 10.13 34.32
N LYS A 152 -15.19 10.42 35.60
CA LYS A 152 -16.23 10.82 36.53
C LYS A 152 -16.05 12.24 37.03
N ILE A 153 -15.04 12.97 36.54
CA ILE A 153 -14.77 14.34 36.99
C ILE A 153 -14.62 15.22 35.76
N TRP A 154 -14.52 16.52 36.00
CA TRP A 154 -14.40 17.49 34.93
C TRP A 154 -12.98 17.51 34.37
N VAL A 155 -12.87 17.48 33.04
CA VAL A 155 -11.57 17.45 32.36
C VAL A 155 -11.61 18.41 31.18
N PRO A 156 -10.52 19.16 30.99
CA PRO A 156 -10.45 20.05 29.82
C PRO A 156 -10.60 19.30 28.52
N ASP A 157 -10.87 20.05 27.46
CA ASP A 157 -11.23 19.52 26.15
C ASP A 157 -10.29 20.05 25.08
N MET A 158 -8.99 20.00 25.35
CA MET A 158 -8.00 20.46 24.40
C MET A 158 -7.98 19.57 23.16
N PHE A 159 -7.72 20.17 22.01
CA PHE A 159 -7.65 19.43 20.76
C PHE A 159 -6.59 20.06 19.87
N PHE A 160 -6.13 19.30 18.88
CA PHE A 160 -5.08 19.73 17.97
C PHE A 160 -5.72 20.27 16.69
N VAL A 161 -5.40 21.52 16.35
CA VAL A 161 -5.96 22.16 15.17
C VAL A 161 -5.17 21.75 13.94
N HIS A 162 -5.86 21.65 12.80
CA HIS A 162 -5.26 21.30 11.52
C HIS A 162 -4.58 19.93 11.56
N SER A 163 -5.17 18.99 12.29
CA SER A 163 -4.66 17.63 12.35
C SER A 163 -5.48 16.71 11.46
N LYS A 164 -4.82 15.67 10.94
CA LYS A 164 -5.46 14.70 10.07
C LYS A 164 -5.92 13.45 10.80
N ARG A 165 -5.08 12.90 11.68
CA ARG A 165 -5.46 11.72 12.44
C ARG A 165 -4.62 11.66 13.70
N SER A 166 -5.18 11.03 14.73
CA SER A 166 -4.50 10.90 16.02
C SER A 166 -5.25 9.89 16.87
N PHE A 167 -4.57 9.39 17.90
CA PHE A 167 -5.14 8.37 18.77
C PHE A 167 -4.38 8.40 20.10
N ILE A 168 -4.89 7.62 21.05
CA ILE A 168 -4.31 7.52 22.38
C ILE A 168 -3.96 6.06 22.65
N HIS A 169 -2.76 5.82 23.14
CA HIS A 169 -2.33 4.47 23.46
C HIS A 169 -3.16 3.90 24.60
N ASP A 170 -3.49 2.61 24.51
CA ASP A 170 -4.35 1.96 25.51
C ASP A 170 -3.82 0.59 25.90
N THR A 171 -2.50 0.42 25.96
CA THR A 171 -1.88 -0.84 26.34
C THR A 171 -0.88 -0.59 27.45
N THR A 172 -0.98 -1.34 28.54
CA THR A 172 -2.04 -2.34 28.73
C THR A 172 -3.32 -1.69 29.21
N THR A 173 -3.22 -0.41 29.56
CA THR A 173 -4.36 0.41 29.94
C THR A 173 -4.16 1.79 29.36
N ASP A 174 -5.18 2.65 29.50
CA ASP A 174 -5.08 4.02 29.02
C ASP A 174 -3.95 4.74 29.74
N ASN A 175 -3.09 5.41 28.96
CA ASN A 175 -1.94 6.12 29.52
C ASN A 175 -2.43 7.43 30.14
N VAL A 176 -3.03 7.30 31.32
CA VAL A 176 -3.63 8.42 32.04
C VAL A 176 -3.05 8.46 33.44
N MET A 177 -2.63 9.65 33.86
CA MET A 177 -2.14 9.89 35.20
C MET A 177 -3.00 10.94 35.88
N LEU A 178 -3.41 10.67 37.12
CA LEU A 178 -4.25 11.58 37.88
C LEU A 178 -3.68 11.71 39.29
N ARG A 179 -3.23 12.92 39.62
CA ARG A 179 -2.72 13.23 40.95
C ARG A 179 -3.46 14.42 41.50
N VAL A 180 -3.97 14.30 42.72
CA VAL A 180 -4.77 15.34 43.35
C VAL A 180 -4.12 15.72 44.67
N GLN A 181 -3.87 17.00 44.86
CA GLN A 181 -3.35 17.53 46.11
C GLN A 181 -4.48 17.73 47.11
N PRO A 182 -4.17 17.77 48.41
CA PRO A 182 -5.23 17.95 49.41
C PRO A 182 -6.03 19.23 49.23
N ASP A 183 -5.40 20.31 48.77
CA ASP A 183 -6.11 21.57 48.60
C ASP A 183 -6.95 21.61 47.33
N GLY A 184 -6.79 20.63 46.44
CA GLY A 184 -7.60 20.54 45.24
C GLY A 184 -6.83 20.69 43.93
N LYS A 185 -5.51 20.87 43.97
CA LYS A 185 -4.74 20.95 42.74
C LYS A 185 -4.70 19.59 42.06
N VAL A 186 -4.87 19.59 40.74
CA VAL A 186 -5.01 18.37 39.96
C VAL A 186 -3.96 18.35 38.86
N LEU A 187 -3.30 17.21 38.69
CA LEU A 187 -2.35 16.98 37.62
C LEU A 187 -2.89 15.90 36.70
N TYR A 188 -2.92 16.20 35.40
CA TYR A 188 -3.49 15.30 34.40
C TYR A 188 -2.51 15.17 33.25
N SER A 189 -2.20 13.93 32.86
CA SER A 189 -1.22 13.65 31.82
C SER A 189 -1.78 12.67 30.82
N LEU A 190 -1.31 12.77 29.58
CA LEU A 190 -1.73 11.89 28.50
C LEU A 190 -0.55 11.62 27.57
N ARG A 191 -0.66 10.53 26.82
CA ARG A 191 0.31 10.15 25.81
C ARG A 191 -0.43 9.94 24.50
N VAL A 192 -0.14 10.79 23.51
CA VAL A 192 -0.86 10.79 22.24
C VAL A 192 0.14 10.83 21.09
N THR A 193 -0.34 10.39 19.92
CA THR A 193 0.41 10.51 18.67
C THR A 193 -0.45 11.28 17.69
N VAL A 194 0.08 12.39 17.18
CA VAL A 194 -0.69 13.33 16.38
C VAL A 194 -0.02 13.54 15.03
N THR A 195 -0.83 13.52 13.98
CA THR A 195 -0.37 13.83 12.62
C THR A 195 -0.98 15.18 12.22
N ALA A 196 -0.11 16.11 11.83
CA ALA A 196 -0.53 17.46 11.49
C ALA A 196 0.07 17.85 10.14
N MET A 197 -0.67 18.66 9.40
CA MET A 197 -0.26 19.09 8.07
C MET A 197 0.71 20.26 8.16
N CYS A 198 1.57 20.37 7.15
CA CYS A 198 2.54 21.45 7.08
C CYS A 198 2.75 21.83 5.61
N ASN A 199 2.73 23.13 5.34
CA ASN A 199 2.88 23.64 3.97
C ASN A 199 4.37 23.84 3.70
N MET A 200 4.91 23.04 2.79
CA MET A 200 6.32 23.08 2.44
C MET A 200 6.51 23.70 1.06
N ASP A 201 7.67 24.30 0.85
CA ASP A 201 8.06 24.88 -0.42
C ASP A 201 9.26 24.13 -0.97
N PHE A 202 9.20 23.76 -2.25
CA PHE A 202 10.26 22.99 -2.89
C PHE A 202 10.95 23.76 -4.00
N SER A 203 11.05 25.09 -3.86
CA SER A 203 11.75 25.89 -4.87
C SER A 203 13.24 25.59 -4.88
N ARG A 204 13.82 25.27 -3.73
CA ARG A 204 15.24 24.99 -3.61
C ARG A 204 15.54 23.51 -3.38
N PHE A 205 14.59 22.62 -3.71
CA PHE A 205 14.81 21.20 -3.54
C PHE A 205 16.00 20.74 -4.38
N PRO A 206 16.86 19.85 -3.87
CA PRO A 206 16.80 19.25 -2.54
C PRO A 206 17.60 19.99 -1.46
N LEU A 207 17.94 21.24 -1.72
CA LEU A 207 18.70 22.07 -0.78
C LEU A 207 17.81 23.06 -0.04
N ASP A 208 16.58 22.67 0.26
CA ASP A 208 15.60 23.56 0.87
C ASP A 208 15.59 23.40 2.39
N THR A 209 14.93 24.34 3.05
CA THR A 209 14.74 24.33 4.49
C THR A 209 13.27 24.55 4.80
N GLN A 210 12.72 23.72 5.68
CA GLN A 210 11.29 23.73 5.96
C GLN A 210 11.05 24.03 7.43
N THR A 211 9.95 24.74 7.70
CA THR A 211 9.52 25.06 9.05
C THR A 211 8.08 24.61 9.23
N CYS A 212 7.81 23.92 10.34
CA CYS A 212 6.48 23.43 10.66
C CYS A 212 6.15 23.72 12.10
N SER A 213 4.86 23.69 12.43
CA SER A 213 4.41 24.03 13.77
C SER A 213 3.22 23.16 14.14
N LEU A 214 3.00 23.04 15.45
CA LEU A 214 1.88 22.29 16.00
C LEU A 214 1.04 23.22 16.86
N GLU A 215 -0.29 23.08 16.76
CA GLU A 215 -1.22 23.99 17.41
C GLU A 215 -2.07 23.23 18.42
N ILE A 216 -2.26 23.85 19.58
CA ILE A 216 -3.09 23.31 20.66
C ILE A 216 -4.13 24.36 21.02
N GLU A 217 -5.39 23.95 21.10
CA GLU A 217 -6.48 24.88 21.37
C GLU A 217 -7.60 24.14 22.09
N SER A 218 -8.40 24.90 22.84
CA SER A 218 -9.61 24.38 23.46
C SER A 218 -10.77 24.47 22.48
N TYR A 219 -11.56 23.39 22.42
CA TYR A 219 -12.61 23.31 21.41
C TYR A 219 -13.90 23.98 21.87
N ALA A 220 -14.29 23.80 23.13
CA ALA A 220 -15.60 24.21 23.60
C ALA A 220 -15.60 25.55 24.33
N TYR A 221 -14.58 25.85 25.12
CA TYR A 221 -14.58 27.03 25.98
C TYR A 221 -13.78 28.16 25.34
N THR A 222 -14.37 29.35 25.34
CA THR A 222 -13.72 30.54 24.81
C THR A 222 -12.83 31.17 25.88
N GLU A 223 -12.30 32.36 25.57
CA GLU A 223 -11.43 33.04 26.53
C GLU A 223 -12.20 33.55 27.75
N ASP A 224 -13.52 33.70 27.65
CA ASP A 224 -14.32 34.18 28.77
C ASP A 224 -14.65 33.07 29.77
N ASP A 225 -14.36 31.81 29.43
CA ASP A 225 -14.62 30.70 30.33
C ASP A 225 -13.36 29.92 30.71
N LEU A 226 -12.36 29.88 29.83
CA LEU A 226 -11.12 29.17 30.12
C LEU A 226 -9.96 29.95 29.53
N MET A 227 -8.91 30.15 30.33
CA MET A 227 -7.70 30.84 29.90
C MET A 227 -6.57 29.82 29.78
N LEU A 228 -5.94 29.78 28.61
CA LEU A 228 -4.89 28.83 28.31
C LEU A 228 -3.54 29.55 28.22
N TYR A 229 -2.54 29.02 28.90
CA TYR A 229 -1.21 29.62 28.92
C TYR A 229 -0.18 28.55 29.25
N TRP A 230 1.07 28.83 28.91
CA TRP A 230 2.16 27.92 29.21
C TRP A 230 2.47 27.94 30.70
N LYS A 231 2.68 26.76 31.28
CA LYS A 231 2.87 26.65 32.72
C LYS A 231 4.10 27.41 33.20
N LYS A 232 5.22 27.28 32.47
CA LYS A 232 6.48 27.89 32.88
C LYS A 232 7.09 28.70 31.74
N GLY A 233 6.28 29.13 30.79
CA GLY A 233 6.80 29.96 29.71
C GLY A 233 7.74 29.19 28.81
N ASN A 234 8.94 29.73 28.61
CA ASN A 234 9.91 29.13 27.72
C ASN A 234 10.45 27.80 28.23
N ASP A 235 10.28 27.50 29.52
CA ASP A 235 10.78 26.28 30.12
C ASP A 235 9.78 25.14 30.10
N SER A 236 8.62 25.32 29.46
CA SER A 236 7.58 24.31 29.45
C SER A 236 7.76 23.28 28.34
N LEU A 237 8.78 23.42 27.50
CA LEU A 237 9.02 22.51 26.39
C LEU A 237 10.30 21.73 26.64
N LYS A 238 10.21 20.40 26.56
CA LYS A 238 11.35 19.51 26.70
C LYS A 238 11.38 18.52 25.55
N THR A 239 12.58 18.10 25.18
CA THR A 239 12.77 17.18 24.08
C THR A 239 13.69 16.04 24.51
N ASP A 240 13.39 14.84 24.00
CA ASP A 240 14.21 13.67 24.29
C ASP A 240 15.53 13.75 23.55
N GLU A 241 16.58 13.23 24.17
CA GLU A 241 17.90 13.22 23.56
C GLU A 241 18.04 12.23 22.42
N ARG A 242 17.07 11.32 22.26
CA ARG A 242 17.11 10.30 21.22
C ARG A 242 16.37 10.71 19.95
N ILE A 243 15.84 11.93 19.90
CA ILE A 243 15.12 12.38 18.71
C ILE A 243 16.09 12.57 17.56
N SER A 244 15.84 11.90 16.45
CA SER A 244 16.70 11.99 15.28
C SER A 244 15.91 11.60 14.04
N LEU A 245 16.35 12.12 12.89
CA LEU A 245 15.78 11.79 11.60
C LEU A 245 16.89 11.39 10.64
N SER A 246 16.63 10.35 9.85
CA SER A 246 17.66 9.84 8.94
C SER A 246 17.98 10.84 7.86
N GLN A 247 16.98 11.56 7.34
CA GLN A 247 17.15 12.46 6.21
C GLN A 247 17.11 13.94 6.60
N PHE A 248 16.68 14.26 7.81
CA PHE A 248 16.50 15.65 8.22
C PHE A 248 17.27 15.93 9.50
N LEU A 249 17.61 17.21 9.67
CA LEU A 249 18.26 17.71 10.88
C LEU A 249 17.29 18.60 11.63
N ILE A 250 17.10 18.32 12.92
CA ILE A 250 16.10 18.99 13.74
C ILE A 250 16.78 20.02 14.63
N GLN A 251 16.21 21.22 14.68
CA GLN A 251 16.78 22.31 15.45
C GLN A 251 15.72 23.37 15.68
N GLU A 252 16.06 24.33 16.55
CA GLU A 252 15.26 25.54 16.79
C GLU A 252 13.86 25.21 17.31
N PHE A 253 13.83 24.59 18.49
CA PHE A 253 12.57 24.36 19.18
C PHE A 253 12.22 25.57 20.04
N HIS A 254 11.01 26.09 19.86
CA HIS A 254 10.53 27.21 20.65
C HIS A 254 9.01 27.23 20.59
N THR A 255 8.41 28.00 21.50
CA THR A 255 6.96 28.09 21.63
C THR A 255 6.53 29.54 21.57
N THR A 256 5.33 29.77 21.04
CA THR A 256 4.75 31.10 20.95
C THR A 256 3.28 31.01 21.35
N THR A 257 2.59 32.15 21.32
CA THR A 257 1.19 32.21 21.68
C THR A 257 0.50 33.26 20.81
N LYS A 258 -0.71 32.93 20.37
CA LYS A 258 -1.49 33.83 19.53
C LYS A 258 -2.96 33.51 19.69
N LEU A 259 -3.80 34.52 19.51
CA LEU A 259 -5.25 34.37 19.62
C LEU A 259 -5.85 33.97 18.28
N ALA A 260 -7.02 33.35 18.34
CA ALA A 260 -7.77 32.94 17.16
C ALA A 260 -9.21 33.41 17.29
N PHE A 261 -9.82 33.71 16.14
CA PHE A 261 -11.19 34.20 16.11
C PHE A 261 -12.01 33.37 15.13
N TYR A 262 -13.24 33.05 15.52
CA TYR A 262 -14.21 32.40 14.66
C TYR A 262 -15.44 33.30 14.55
N SER A 263 -15.99 33.39 13.34
CA SER A 263 -17.05 34.35 13.07
C SER A 263 -18.35 34.01 13.80
N SER A 264 -18.53 32.78 14.26
CA SER A 264 -19.80 32.36 14.84
C SER A 264 -19.70 31.79 16.24
N THR A 265 -18.50 31.70 16.83
CA THR A 265 -18.39 31.16 18.18
C THR A 265 -17.71 32.15 19.13
N GLY A 266 -16.75 32.91 18.63
CA GLY A 266 -16.05 33.88 19.43
C GLY A 266 -14.55 33.70 19.31
N TRP A 267 -13.83 34.18 20.33
CA TRP A 267 -12.38 34.18 20.35
C TRP A 267 -11.85 33.00 21.15
N TYR A 268 -10.64 32.56 20.78
CA TYR A 268 -9.97 31.46 21.47
C TYR A 268 -8.48 31.76 21.57
N ASN A 269 -7.79 31.00 22.41
CA ASN A 269 -6.36 31.12 22.61
C ASN A 269 -5.66 29.87 22.10
N ARG A 270 -4.57 30.07 21.36
CA ARG A 270 -3.83 28.98 20.75
C ARG A 270 -2.40 28.95 21.29
N LEU A 271 -1.81 27.75 21.30
CA LEU A 271 -0.41 27.56 21.67
C LEU A 271 0.32 26.91 20.51
N TYR A 272 1.58 27.29 20.31
CA TYR A 272 2.36 26.84 19.17
C TYR A 272 3.66 26.18 19.63
N ILE A 273 4.07 25.15 18.89
CA ILE A 273 5.36 24.50 19.06
C ILE A 273 6.04 24.48 17.69
N ASN A 274 7.20 25.13 17.59
CA ASN A 274 7.86 25.34 16.32
C ASN A 274 9.21 24.62 16.28
N PHE A 275 9.59 24.21 15.07
CA PHE A 275 10.87 23.56 14.85
C PHE A 275 11.26 23.75 13.39
N THR A 276 12.54 23.51 13.10
CA THR A 276 13.10 23.71 11.76
C THR A 276 13.79 22.43 11.32
N LEU A 277 13.74 22.17 10.01
CA LEU A 277 14.29 20.95 9.44
C LEU A 277 15.20 21.28 8.26
N ARG A 278 16.28 20.52 8.12
CA ARG A 278 17.24 20.68 7.03
C ARG A 278 17.58 19.32 6.45
N ARG A 279 17.59 19.24 5.12
CA ARG A 279 17.85 17.97 4.45
C ARG A 279 19.34 17.67 4.40
N HIS A 280 19.65 16.41 4.07
CA HIS A 280 21.02 15.98 3.81
C HIS A 280 21.23 15.81 2.31
N ILE A 281 22.32 16.36 1.80
CA ILE A 281 22.54 16.45 0.36
C ILE A 281 23.40 15.30 -0.19
N PHE A 282 23.98 14.48 0.68
CA PHE A 282 24.90 13.45 0.20
C PHE A 282 24.22 12.46 -0.73
N PHE A 283 23.02 12.00 -0.35
CA PHE A 283 22.33 11.00 -1.17
C PHE A 283 21.97 11.55 -2.54
N PHE A 284 21.46 12.78 -2.59
CA PHE A 284 21.03 13.35 -3.86
C PHE A 284 22.21 13.59 -4.80
N LEU A 285 23.34 14.05 -4.25
CA LEU A 285 24.52 14.28 -5.07
C LEU A 285 24.99 12.98 -5.73
N LEU A 286 25.15 11.93 -4.92
CA LEU A 286 25.69 10.68 -5.44
C LEU A 286 24.73 10.00 -6.41
N GLN A 287 23.42 10.08 -6.16
CA GLN A 287 22.46 9.35 -6.98
C GLN A 287 22.06 10.09 -8.24
N THR A 288 22.08 11.42 -8.22
CA THR A 288 21.58 12.21 -9.34
C THR A 288 22.67 13.06 -10.00
N TYR A 289 23.40 13.86 -9.23
CA TYR A 289 24.34 14.80 -9.83
C TYR A 289 25.53 14.10 -10.46
N PHE A 290 26.13 13.13 -9.77
CA PHE A 290 27.27 12.41 -10.33
C PHE A 290 26.94 11.66 -11.62
N PRO A 291 25.86 10.86 -11.70
CA PRO A 291 25.56 10.21 -12.98
C PRO A 291 25.30 11.18 -14.12
N ALA A 292 24.70 12.33 -13.82
CA ALA A 292 24.43 13.32 -14.87
C ALA A 292 25.73 13.88 -15.44
N THR A 293 26.70 14.19 -14.58
CA THR A 293 27.96 14.76 -15.05
C THR A 293 28.74 13.76 -15.88
N LEU A 294 28.74 12.48 -15.47
CA LEU A 294 29.48 11.46 -16.20
C LEU A 294 28.93 11.28 -17.62
N MET A 295 27.61 11.32 -17.77
CA MET A 295 27.00 11.18 -19.09
C MET A 295 27.39 12.34 -20.01
N VAL A 296 27.45 13.55 -19.46
CA VAL A 296 27.83 14.71 -20.26
C VAL A 296 29.27 14.58 -20.75
N MET A 297 30.17 14.15 -19.86
CA MET A 297 31.56 13.99 -20.26
C MET A 297 31.73 12.81 -21.22
N LEU A 298 30.80 11.87 -21.21
CA LEU A 298 30.88 10.75 -22.15
C LEU A 298 30.67 11.21 -23.59
N SER A 299 29.85 12.25 -23.80
CA SER A 299 29.61 12.74 -25.16
C SER A 299 30.82 13.49 -25.70
N TRP A 300 31.70 13.97 -24.82
CA TRP A 300 32.86 14.73 -25.26
C TRP A 300 33.94 13.86 -25.90
N VAL A 301 33.91 12.54 -25.65
CA VAL A 301 34.93 11.66 -26.21
C VAL A 301 34.74 11.45 -27.70
N SER A 302 33.55 11.77 -28.24
CA SER A 302 33.32 11.61 -29.66
C SER A 302 34.08 12.62 -30.50
N PHE A 303 34.45 13.76 -29.92
CA PHE A 303 35.19 14.78 -30.65
C PHE A 303 36.62 14.36 -30.95
N TRP A 304 37.14 13.34 -30.27
CA TRP A 304 38.49 12.86 -30.50
C TRP A 304 38.54 11.64 -31.41
N ILE A 305 37.40 11.24 -31.97
CA ILE A 305 37.33 10.10 -32.86
C ILE A 305 37.27 10.58 -34.29
N ASP A 306 37.88 9.82 -35.21
CA ASP A 306 37.88 10.18 -36.61
C ASP A 306 36.45 10.26 -37.15
N ARG A 307 36.19 11.29 -37.95
CA ARG A 307 34.85 11.52 -38.48
C ARG A 307 34.44 10.53 -39.54
N ARG A 308 35.37 9.73 -40.06
CA ARG A 308 35.04 8.74 -41.08
C ARG A 308 34.34 7.50 -40.52
N ALA A 309 34.36 7.32 -39.19
CA ALA A 309 33.66 6.21 -38.56
C ALA A 309 32.25 6.65 -38.18
N VAL A 310 31.42 6.82 -39.21
CA VAL A 310 30.05 7.29 -39.00
C VAL A 310 29.24 6.33 -38.13
N PRO A 311 29.24 4.99 -38.37
CA PRO A 311 28.43 4.11 -37.52
C PRO A 311 29.02 3.91 -36.14
N ALA A 312 30.13 4.58 -35.84
CA ALA A 312 30.78 4.47 -34.54
C ALA A 312 30.52 5.66 -33.63
N ARG A 313 30.28 6.84 -34.19
CA ARG A 313 30.03 8.03 -33.40
C ARG A 313 28.55 8.32 -33.21
N VAL A 314 27.71 8.02 -34.20
CA VAL A 314 26.28 8.27 -34.07
C VAL A 314 25.66 7.47 -32.93
N PRO A 315 25.90 6.16 -32.79
CA PRO A 315 25.32 5.44 -31.64
C PRO A 315 25.79 5.98 -30.30
N LEU A 316 27.02 6.48 -30.21
CA LEU A 316 27.51 7.03 -28.95
C LEU A 316 26.67 8.22 -28.50
N GLY A 317 26.40 9.14 -29.42
CA GLY A 317 25.61 10.31 -29.06
C GLY A 317 24.18 9.98 -28.70
N ILE A 318 23.56 9.06 -29.46
CA ILE A 318 22.14 8.76 -29.25
C ILE A 318 21.94 8.05 -27.91
N THR A 319 22.81 7.09 -27.58
CA THR A 319 22.64 6.36 -26.33
C THR A 319 22.78 7.28 -25.11
N THR A 320 23.65 8.28 -25.20
CA THR A 320 23.78 9.25 -24.11
C THR A 320 22.49 10.06 -23.93
N VAL A 321 21.85 10.43 -25.03
CA VAL A 321 20.59 11.18 -24.95
C VAL A 321 19.52 10.33 -24.26
N LEU A 322 19.40 9.07 -24.66
CA LEU A 322 18.38 8.20 -24.09
C LEU A 322 18.65 7.96 -22.60
N THR A 323 19.91 7.76 -22.23
CA THR A 323 20.24 7.53 -20.83
C THR A 323 19.92 8.76 -19.98
N MET A 324 20.22 9.96 -20.50
CA MET A 324 19.90 11.19 -19.77
C MET A 324 18.40 11.34 -19.58
N SER A 325 17.61 10.98 -20.59
CA SER A 325 16.16 11.06 -20.46
C SER A 325 15.65 10.12 -19.39
N THR A 326 16.23 8.92 -19.30
CA THR A 326 15.82 7.96 -18.27
C THR A 326 16.10 8.50 -16.87
N ILE A 327 17.25 9.16 -16.70
CA ILE A 327 17.61 9.71 -15.40
C ILE A 327 16.61 10.78 -14.97
N ILE A 328 16.22 11.66 -15.91
CA ILE A 328 15.31 12.75 -15.58
C ILE A 328 13.95 12.19 -15.14
N THR A 329 13.45 11.17 -15.85
CA THR A 329 12.13 10.63 -15.53
C THR A 329 12.10 10.01 -14.13
N GLY A 330 13.16 9.30 -13.75
CA GLY A 330 13.14 8.59 -12.48
C GLY A 330 13.16 9.49 -11.27
N VAL A 331 13.67 10.71 -11.41
CA VAL A 331 13.79 11.61 -10.28
C VAL A 331 12.42 12.11 -9.84
N ASN A 332 11.55 12.44 -10.79
CA ASN A 332 10.25 13.03 -10.47
C ASN A 332 9.27 12.05 -9.84
N ALA A 333 9.59 10.76 -9.82
CA ALA A 333 8.66 9.77 -9.29
C ALA A 333 8.42 9.92 -7.79
N SER A 334 9.36 10.54 -7.07
CA SER A 334 9.26 10.67 -5.62
C SER A 334 8.82 12.05 -5.16
N MET A 335 8.35 12.90 -6.06
CA MET A 335 7.94 14.25 -5.73
C MET A 335 6.52 14.51 -6.22
N PRO A 336 5.78 15.40 -5.56
CA PRO A 336 4.42 15.70 -6.00
C PRO A 336 4.42 16.57 -7.24
N ARG A 337 3.22 16.77 -7.79
CA ARG A 337 3.02 17.54 -9.03
C ARG A 337 2.87 19.01 -8.67
N VAL A 338 4.01 19.67 -8.47
CA VAL A 338 4.03 21.10 -8.19
C VAL A 338 3.89 21.87 -9.48
N SER A 339 3.58 23.17 -9.38
CA SER A 339 3.38 24.03 -10.53
C SER A 339 4.60 24.90 -10.83
N TYR A 340 5.73 24.65 -10.18
CA TYR A 340 6.94 25.41 -10.39
C TYR A 340 8.13 24.47 -10.53
N ILE A 341 9.15 24.95 -11.21
CA ILE A 341 10.34 24.16 -11.51
C ILE A 341 11.28 24.18 -10.31
N LYS A 342 11.89 23.04 -10.01
CA LYS A 342 12.79 22.90 -8.88
C LYS A 342 14.24 23.09 -9.32
N ALA A 343 15.11 23.22 -8.32
CA ALA A 343 16.53 23.42 -8.60
C ALA A 343 17.15 22.22 -9.29
N VAL A 344 16.74 21.01 -8.89
CA VAL A 344 17.29 19.80 -9.50
C VAL A 344 16.88 19.69 -10.96
N ASP A 345 15.67 20.13 -11.30
CA ASP A 345 15.20 20.05 -12.68
C ASP A 345 16.04 20.92 -13.61
N ILE A 346 16.49 22.08 -13.12
CA ILE A 346 17.29 22.98 -13.94
C ILE A 346 18.60 22.31 -14.33
N TYR A 347 19.27 21.66 -13.36
CA TYR A 347 20.55 21.02 -13.64
C TYR A 347 20.39 19.89 -14.66
N LEU A 348 19.34 19.07 -14.49
CA LEU A 348 19.16 17.93 -15.37
C LEU A 348 18.83 18.36 -16.79
N TRP A 349 17.95 19.34 -16.95
CA TRP A 349 17.53 19.74 -18.29
C TRP A 349 18.62 20.48 -19.04
N VAL A 350 19.45 21.26 -18.34
CA VAL A 350 20.58 21.92 -18.98
C VAL A 350 21.56 20.87 -19.50
N SER A 351 21.82 19.82 -18.71
CA SER A 351 22.68 18.75 -19.17
C SER A 351 22.11 18.04 -20.39
N PHE A 352 20.77 17.88 -20.44
CA PHE A 352 20.15 17.25 -21.58
C PHE A 352 20.39 18.07 -22.86
N VAL A 353 20.33 19.41 -22.74
CA VAL A 353 20.58 20.26 -23.90
C VAL A 353 22.01 20.09 -24.39
N PHE A 354 22.96 20.00 -23.46
CA PHE A 354 24.37 19.84 -23.85
C PHE A 354 24.58 18.56 -24.65
N VAL A 355 23.97 17.46 -24.21
CA VAL A 355 24.11 16.20 -24.94
C VAL A 355 23.39 16.28 -26.28
N PHE A 356 22.22 16.93 -26.31
CA PHE A 356 21.48 17.06 -27.55
C PHE A 356 22.26 17.86 -28.59
N LEU A 357 22.89 18.95 -28.17
CA LEU A 357 23.69 19.75 -29.10
C LEU A 357 24.88 18.97 -29.62
N SER A 358 25.41 18.03 -28.81
CA SER A 358 26.53 17.22 -29.25
C SER A 358 26.16 16.35 -30.45
N VAL A 359 24.94 15.80 -30.45
CA VAL A 359 24.49 14.99 -31.57
C VAL A 359 24.37 15.85 -32.83
N LEU A 360 23.82 17.05 -32.71
CA LEU A 360 23.69 17.94 -33.85
C LEU A 360 25.06 18.39 -34.36
N GLU A 361 26.07 18.42 -33.48
CA GLU A 361 27.39 18.87 -33.89
C GLU A 361 27.98 17.97 -34.97
N TYR A 362 27.86 16.65 -34.80
CA TYR A 362 28.42 15.73 -35.78
C TYR A 362 27.64 15.76 -37.09
N ALA A 363 26.32 16.03 -37.01
CA ALA A 363 25.52 16.09 -38.22
C ALA A 363 25.98 17.21 -39.15
N ALA A 364 26.31 18.37 -38.58
CA ALA A 364 26.81 19.47 -39.39
C ALA A 364 28.14 19.10 -40.04
N VAL A 365 29.03 18.45 -39.28
CA VAL A 365 30.34 18.08 -39.82
C VAL A 365 30.18 17.09 -40.97
N ASN A 366 29.31 16.09 -40.80
CA ASN A 366 29.12 15.09 -41.84
C ASN A 366 28.55 15.72 -43.11
N TYR A 367 27.58 16.62 -42.96
CA TYR A 367 26.99 17.25 -44.14
C TYR A 367 28.00 18.12 -44.88
N LEU A 368 28.80 18.89 -44.15
CA LEU A 368 29.78 19.75 -44.79
C LEU A 368 30.85 18.93 -45.51
N THR A 369 31.26 17.80 -44.92
CA THR A 369 32.23 16.94 -45.58
C THR A 369 31.69 16.39 -46.90
N THR A 370 30.43 15.95 -46.90
CA THR A 370 29.83 15.44 -48.13
C THR A 370 29.75 16.51 -49.21
N VAL A 371 29.37 17.73 -48.83
CA VAL A 371 29.29 18.82 -49.79
C VAL A 371 30.67 19.14 -50.34
N GLN A 372 31.68 19.17 -49.47
CA GLN A 372 33.04 19.48 -49.92
C GLN A 372 33.55 18.43 -50.90
N GLU A 373 33.29 17.15 -50.62
CA GLU A 373 33.70 16.10 -51.56
C GLU A 373 32.97 16.23 -52.89
N ARG A 374 31.68 16.53 -52.86
CA ARG A 374 30.92 16.68 -54.10
C ARG A 374 31.44 17.85 -54.92
N LYS A 375 31.73 18.98 -54.27
CA LYS A 375 32.27 20.14 -55.00
C LYS A 375 33.62 19.83 -55.61
N GLU A 376 34.49 19.13 -54.85
CA GLU A 376 35.80 18.79 -55.37
C GLU A 376 35.71 17.81 -56.54
N GLN A 377 34.80 16.83 -56.44
CA GLN A 377 34.64 15.86 -57.53
C GLN A 377 34.15 16.53 -58.80
N LYS A 378 33.21 17.46 -58.68
CA LYS A 378 32.68 18.17 -59.84
C LYS A 378 33.70 19.16 -60.39
N ASP A 451 42.67 14.56 -41.92
CA ASP A 451 42.73 15.84 -41.23
C ASP A 451 41.57 15.99 -40.24
N THR A 452 41.64 17.01 -39.40
CA THR A 452 40.62 17.30 -38.41
C THR A 452 39.81 18.51 -38.84
N HIS A 453 38.49 18.38 -38.84
CA HIS A 453 37.63 19.48 -39.24
C HIS A 453 37.67 20.61 -38.23
N ALA A 454 37.40 21.83 -38.70
CA ALA A 454 37.46 23.00 -37.84
C ALA A 454 36.42 22.95 -36.73
N ILE A 455 35.23 22.40 -37.02
CA ILE A 455 34.17 22.32 -36.02
C ILE A 455 34.59 21.42 -34.86
N ASP A 456 35.20 20.27 -35.18
CA ASP A 456 35.65 19.35 -34.13
C ASP A 456 36.73 19.98 -33.28
N LYS A 457 37.67 20.71 -33.90
CA LYS A 457 38.78 21.29 -33.15
C LYS A 457 38.30 22.31 -32.14
N TYR A 458 37.34 23.16 -32.53
CA TYR A 458 36.81 24.16 -31.60
C TYR A 458 35.88 23.55 -30.56
N SER A 459 35.18 22.46 -30.91
CA SER A 459 34.26 21.85 -29.97
C SER A 459 34.98 21.24 -28.78
N ARG A 460 36.24 20.83 -28.98
CA ARG A 460 37.01 20.24 -27.90
C ARG A 460 37.25 21.22 -26.75
N ILE A 461 37.25 22.51 -27.04
CA ILE A 461 37.54 23.53 -26.04
C ILE A 461 36.28 24.26 -25.60
N ILE A 462 35.38 24.57 -26.53
CA ILE A 462 34.21 25.37 -26.19
C ILE A 462 33.27 24.60 -25.26
N PHE A 463 33.01 23.33 -25.56
CA PHE A 463 32.08 22.56 -24.74
C PHE A 463 32.53 22.40 -23.29
N PRO A 464 33.76 21.99 -22.99
CA PRO A 464 34.17 21.94 -21.57
C PRO A 464 34.12 23.28 -20.88
N ALA A 465 34.47 24.36 -21.58
CA ALA A 465 34.47 25.69 -20.96
C ALA A 465 33.07 26.12 -20.58
N ALA A 466 32.08 25.88 -21.45
CA ALA A 466 30.71 26.30 -21.17
C ALA A 466 30.14 25.55 -19.97
N TYR A 467 30.39 24.24 -19.89
CA TYR A 467 29.83 23.45 -18.80
C TYR A 467 30.43 23.85 -17.46
N ILE A 468 31.74 24.11 -17.43
CA ILE A 468 32.39 24.54 -16.19
C ILE A 468 31.84 25.89 -15.74
N LEU A 469 31.65 26.82 -16.69
CA LEU A 469 31.09 28.12 -16.34
C LEU A 469 29.68 27.97 -15.78
N PHE A 470 28.89 27.06 -16.36
CA PHE A 470 27.53 26.83 -15.85
C PHE A 470 27.56 26.31 -14.40
N ASN A 471 28.49 25.40 -14.10
CA ASN A 471 28.58 24.86 -12.74
C ASN A 471 28.94 25.94 -11.74
N LEU A 472 29.86 26.84 -12.10
CA LEU A 472 30.25 27.91 -11.19
C LEU A 472 29.06 28.80 -10.87
N ILE A 473 28.27 29.15 -11.89
CA ILE A 473 27.11 30.01 -11.67
C ILE A 473 26.03 29.26 -10.90
N TYR A 474 25.79 28.00 -11.26
CA TYR A 474 24.72 27.24 -10.62
C TYR A 474 24.99 27.03 -9.14
N TRP A 475 26.23 26.68 -8.78
CA TRP A 475 26.56 26.41 -7.38
C TRP A 475 26.77 27.67 -6.57
N SER A 476 26.97 28.83 -7.22
CA SER A 476 27.08 30.08 -6.48
C SER A 476 25.72 30.59 -6.02
N ILE A 477 24.69 30.42 -6.84
CA ILE A 477 23.35 30.90 -6.48
C ILE A 477 22.78 30.05 -5.35
N PHE A 478 22.90 28.73 -5.47
CA PHE A 478 22.32 27.82 -4.49
C PHE A 478 23.29 27.41 -3.39
N SER A 479 24.50 27.97 -3.39
CA SER A 479 25.52 27.68 -2.37
C SER A 479 25.82 26.18 -2.27
N GLN B 77 -29.12 19.72 39.76
CA GLN B 77 -28.92 19.75 38.31
C GLN B 77 -29.66 20.94 37.69
N LEU B 78 -28.95 21.71 36.86
CA LEU B 78 -29.56 22.86 36.21
C LEU B 78 -30.58 22.43 35.16
N LEU B 79 -30.32 21.32 34.47
CA LEU B 79 -31.21 20.80 33.45
C LEU B 79 -31.93 19.56 33.98
N ARG B 80 -33.25 19.53 33.78
CA ARG B 80 -34.07 18.41 34.22
C ARG B 80 -34.10 17.34 33.12
N ILE B 81 -32.95 16.67 32.98
CA ILE B 81 -32.81 15.65 31.95
C ILE B 81 -33.64 14.43 32.30
N ASP B 82 -33.61 14.00 33.56
CA ASP B 82 -34.28 12.77 33.97
C ASP B 82 -35.80 12.91 34.00
N ASP B 83 -36.34 14.12 33.86
CA ASP B 83 -37.78 14.34 33.93
C ASP B 83 -38.47 14.27 32.58
N HIS B 84 -37.74 13.98 31.51
CA HIS B 84 -38.31 13.94 30.16
C HIS B 84 -37.81 12.71 29.43
N ASP B 85 -38.59 12.28 28.44
CA ASP B 85 -38.24 11.16 27.57
C ASP B 85 -37.72 11.76 26.26
N PHE B 86 -36.40 11.67 26.05
CA PHE B 86 -35.75 12.24 24.88
C PHE B 86 -35.71 11.27 23.70
N SER B 87 -36.54 10.23 23.72
CA SER B 87 -36.63 9.31 22.59
C SER B 87 -37.56 9.83 21.49
N MET B 88 -38.23 10.95 21.71
CA MET B 88 -39.12 11.56 20.74
C MET B 88 -38.64 12.97 20.42
N ARG B 89 -38.80 13.36 19.15
CA ARG B 89 -38.38 14.69 18.72
C ARG B 89 -39.28 15.75 19.34
N PRO B 90 -38.78 16.98 19.47
CA PRO B 90 -39.64 18.08 19.94
C PRO B 90 -40.81 18.28 19.00
N GLY B 91 -41.96 18.62 19.58
CA GLY B 91 -43.18 18.71 18.79
C GLY B 91 -43.63 17.39 18.24
N PHE B 92 -43.52 16.32 19.03
CA PHE B 92 -43.87 14.98 18.56
C PHE B 92 -45.35 14.91 18.22
N GLY B 93 -45.65 14.33 17.06
CA GLY B 93 -47.02 14.22 16.60
C GLY B 93 -47.62 15.48 16.04
N GLY B 94 -46.80 16.51 15.80
CA GLY B 94 -47.30 17.77 15.30
C GLY B 94 -46.51 18.29 14.12
N PRO B 95 -46.42 19.62 13.99
CA PRO B 95 -45.69 20.21 12.87
C PRO B 95 -44.20 19.94 12.95
N ALA B 96 -43.55 20.07 11.80
CA ALA B 96 -42.11 19.84 11.72
C ALA B 96 -41.34 20.93 12.46
N ILE B 97 -40.14 20.57 12.90
CA ILE B 97 -39.26 21.46 13.65
C ILE B 97 -38.15 21.93 12.73
N PRO B 98 -38.00 23.23 12.49
CA PRO B 98 -36.93 23.73 11.62
C PRO B 98 -35.56 23.51 12.23
N VAL B 99 -34.57 23.26 11.36
CA VAL B 99 -33.19 23.05 11.76
C VAL B 99 -32.29 23.87 10.85
N GLY B 100 -31.36 24.63 11.44
CA GLY B 100 -30.41 25.39 10.68
C GLY B 100 -29.04 24.74 10.61
N VAL B 101 -28.28 25.03 9.56
CA VAL B 101 -26.96 24.44 9.36
C VAL B 101 -25.97 25.53 8.98
N ASP B 102 -24.81 25.51 9.63
CA ASP B 102 -23.68 26.37 9.28
C ASP B 102 -22.46 25.50 9.03
N VAL B 103 -21.71 25.84 7.99
CA VAL B 103 -20.58 25.03 7.55
C VAL B 103 -19.37 25.93 7.33
N GLN B 104 -18.23 25.53 7.90
CA GLN B 104 -16.96 26.19 7.66
C GLN B 104 -15.96 25.14 7.19
N VAL B 105 -15.37 25.34 6.01
CA VAL B 105 -14.46 24.39 5.41
C VAL B 105 -13.05 24.67 5.91
N GLU B 106 -12.36 23.63 6.36
CA GLU B 106 -11.02 23.76 6.90
C GLU B 106 -9.92 23.49 5.88
N SER B 107 -9.95 22.35 5.21
CA SER B 107 -8.93 22.03 4.22
C SER B 107 -9.40 20.87 3.35
N LEU B 108 -8.77 20.72 2.19
CA LEU B 108 -8.98 19.59 1.30
C LEU B 108 -7.71 18.75 1.29
N ASP B 109 -7.86 17.44 1.50
CA ASP B 109 -6.73 16.55 1.73
C ASP B 109 -6.12 16.00 0.44
N SER B 110 -6.91 15.25 -0.33
CA SER B 110 -6.36 14.59 -1.51
C SER B 110 -7.46 14.34 -2.53
N ILE B 111 -7.03 14.15 -3.78
CA ILE B 111 -7.92 13.82 -4.89
C ILE B 111 -7.34 12.61 -5.61
N SER B 112 -8.18 11.61 -5.87
CA SER B 112 -7.76 10.38 -6.53
C SER B 112 -8.45 10.29 -7.88
N GLU B 113 -7.65 10.10 -8.94
CA GLU B 113 -8.21 9.96 -10.28
C GLU B 113 -8.73 8.55 -10.52
N VAL B 114 -8.02 7.53 -10.03
CA VAL B 114 -8.44 6.15 -10.25
C VAL B 114 -9.70 5.84 -9.44
N ASP B 115 -9.78 6.35 -8.22
CA ASP B 115 -10.92 6.08 -7.35
C ASP B 115 -12.03 7.12 -7.49
N MET B 116 -11.72 8.31 -8.03
CA MET B 116 -12.70 9.35 -8.33
C MET B 116 -13.45 9.77 -7.05
N ASP B 117 -12.68 10.29 -6.10
CA ASP B 117 -13.24 10.79 -4.86
C ASP B 117 -12.31 11.85 -4.29
N PHE B 118 -12.81 12.58 -3.29
CA PHE B 118 -12.06 13.63 -2.63
C PHE B 118 -12.34 13.58 -1.14
N THR B 119 -11.42 14.15 -0.36
CA THR B 119 -11.50 14.16 1.09
C THR B 119 -11.58 15.60 1.58
N MET B 120 -12.51 15.87 2.51
CA MET B 120 -12.72 17.21 3.03
C MET B 120 -12.89 17.15 4.53
N THR B 121 -12.34 18.15 5.22
CA THR B 121 -12.52 18.35 6.65
C THR B 121 -13.23 19.67 6.88
N LEU B 122 -14.25 19.65 7.73
CA LEU B 122 -15.11 20.81 7.89
C LEU B 122 -15.74 20.79 9.27
N TYR B 123 -16.29 21.92 9.67
CA TYR B 123 -17.03 22.07 10.91
C TYR B 123 -18.52 22.15 10.58
N LEU B 124 -19.33 21.33 11.26
CA LEU B 124 -20.76 21.28 11.03
C LEU B 124 -21.48 21.79 12.28
N ARG B 125 -22.44 22.69 12.08
CA ARG B 125 -23.18 23.29 13.17
C ARG B 125 -24.68 23.12 12.94
N HIS B 126 -25.43 23.02 14.02
CA HIS B 126 -26.87 22.84 13.97
C HIS B 126 -27.55 23.86 14.88
N TYR B 127 -28.76 24.26 14.49
CA TYR B 127 -29.55 25.21 15.25
C TYR B 127 -30.99 24.72 15.35
N TRP B 128 -31.49 24.65 16.57
CA TRP B 128 -32.89 24.29 16.82
C TRP B 128 -33.27 24.75 18.22
N LYS B 129 -34.55 24.62 18.54
CA LYS B 129 -35.08 25.02 19.84
C LYS B 129 -35.82 23.86 20.47
N ASP B 130 -35.61 23.67 21.77
CA ASP B 130 -36.28 22.62 22.53
C ASP B 130 -36.64 23.19 23.89
N GLU B 131 -37.95 23.28 24.17
CA GLU B 131 -38.41 23.85 25.42
C GLU B 131 -38.09 22.97 26.62
N ARG B 132 -37.79 21.69 26.42
CA ARG B 132 -37.50 20.78 27.51
C ARG B 132 -36.15 21.05 28.16
N LEU B 133 -35.28 21.84 27.53
CA LEU B 133 -33.96 22.15 28.06
C LEU B 133 -33.90 23.53 28.70
N SER B 134 -35.04 24.17 28.93
CA SER B 134 -35.06 25.50 29.50
C SER B 134 -34.65 25.48 30.97
N PHE B 135 -33.90 26.50 31.37
CA PHE B 135 -33.48 26.67 32.75
C PHE B 135 -33.63 28.13 33.13
N PRO B 136 -33.89 28.43 34.41
CA PRO B 136 -34.07 29.83 34.82
C PRO B 136 -32.75 30.55 35.05
N SER B 137 -32.70 31.79 34.57
CA SER B 137 -31.53 32.65 34.76
C SER B 137 -31.97 34.10 34.55
N THR B 138 -31.09 35.02 34.93
CA THR B 138 -31.36 36.45 34.81
C THR B 138 -30.49 37.16 33.78
N ASN B 139 -29.33 36.60 33.45
CA ASN B 139 -28.42 37.26 32.52
C ASN B 139 -28.83 37.08 31.06
N ASN B 140 -29.56 36.01 30.75
CA ASN B 140 -29.99 35.70 29.39
C ASN B 140 -28.79 35.59 28.45
N LEU B 141 -27.91 34.66 28.79
CA LEU B 141 -26.71 34.40 27.99
C LEU B 141 -26.53 32.90 27.80
N SER B 142 -25.86 32.54 26.72
CA SER B 142 -25.62 31.14 26.42
C SER B 142 -24.65 30.54 27.44
N MET B 143 -24.92 29.29 27.82
CA MET B 143 -24.08 28.55 28.76
C MET B 143 -23.53 27.31 28.07
N THR B 144 -22.25 27.02 28.34
CA THR B 144 -21.54 25.94 27.68
C THR B 144 -21.35 24.77 28.63
N PHE B 145 -21.62 23.56 28.16
CA PHE B 145 -21.44 22.34 28.93
C PHE B 145 -20.28 21.54 28.36
N ASP B 146 -19.82 20.56 29.14
CA ASP B 146 -18.64 19.79 28.78
C ASP B 146 -18.81 19.01 27.48
N GLY B 147 -20.04 18.60 27.14
CA GLY B 147 -20.31 17.92 25.90
C GLY B 147 -20.70 16.47 26.02
N ARG B 148 -20.52 15.83 27.18
CA ARG B 148 -20.95 14.45 27.33
C ARG B 148 -22.44 14.32 27.62
N LEU B 149 -23.14 15.44 27.82
CA LEU B 149 -24.59 15.42 27.99
C LEU B 149 -25.32 15.26 26.66
N VAL B 150 -24.60 15.29 25.54
CA VAL B 150 -25.23 15.16 24.23
C VAL B 150 -25.91 13.81 24.09
N LYS B 151 -25.25 12.75 24.56
CA LYS B 151 -25.81 11.39 24.47
C LYS B 151 -27.03 11.18 25.35
N LYS B 152 -27.51 12.19 26.07
CA LYS B 152 -28.69 12.07 26.91
C LYS B 152 -29.85 12.94 26.44
N ILE B 153 -29.70 13.64 25.31
CA ILE B 153 -30.73 14.52 24.79
C ILE B 153 -30.94 14.19 23.32
N TRP B 154 -31.97 14.83 22.74
CA TRP B 154 -32.31 14.59 21.35
C TRP B 154 -31.37 15.36 20.42
N VAL B 155 -30.86 14.67 19.41
CA VAL B 155 -29.91 15.25 18.46
C VAL B 155 -30.29 14.84 17.05
N PRO B 156 -30.19 15.77 16.10
CA PRO B 156 -30.49 15.44 14.70
C PRO B 156 -29.58 14.33 14.19
N ASP B 157 -29.98 13.75 13.06
CA ASP B 157 -29.35 12.56 12.50
C ASP B 157 -28.91 12.83 11.06
N MET B 158 -28.23 13.96 10.85
CA MET B 158 -27.74 14.30 9.53
C MET B 158 -26.65 13.32 9.09
N PHE B 159 -26.61 13.05 7.80
CA PHE B 159 -25.60 12.15 7.23
C PHE B 159 -25.22 12.64 5.84
N PHE B 160 -24.07 12.18 5.36
CA PHE B 160 -23.53 12.57 4.07
C PHE B 160 -23.90 11.53 3.03
N VAL B 161 -24.58 11.97 1.97
CA VAL B 161 -25.02 11.06 0.91
C VAL B 161 -23.87 10.83 -0.06
N HIS B 162 -23.82 9.62 -0.61
CA HIS B 162 -22.80 9.23 -1.61
C HIS B 162 -21.39 9.34 -1.05
N SER B 163 -21.22 9.01 0.23
CA SER B 163 -19.91 9.02 0.86
C SER B 163 -19.37 7.60 0.99
N LYS B 164 -18.04 7.48 0.94
CA LYS B 164 -17.38 6.19 1.04
C LYS B 164 -16.90 5.88 2.45
N ARG B 165 -16.29 6.84 3.14
CA ARG B 165 -15.83 6.64 4.51
C ARG B 165 -15.71 7.99 5.20
N SER B 166 -15.87 7.95 6.52
CA SER B 166 -15.80 9.17 7.32
C SER B 166 -15.69 8.78 8.79
N PHE B 167 -15.26 9.73 9.61
CA PHE B 167 -15.07 9.50 11.03
C PHE B 167 -15.09 10.84 11.76
N ILE B 168 -15.07 10.76 13.08
CA ILE B 168 -15.09 11.93 13.95
C ILE B 168 -13.86 11.90 14.84
N HIS B 169 -13.16 13.02 14.93
CA HIS B 169 -11.98 13.10 15.78
C HIS B 169 -12.36 12.97 17.24
N ASP B 170 -11.53 12.25 18.01
CA ASP B 170 -11.81 11.98 19.42
C ASP B 170 -10.58 12.18 20.30
N THR B 171 -9.75 13.17 19.97
CA THR B 171 -8.54 13.46 20.75
C THR B 171 -8.52 14.94 21.10
N THR B 172 -8.36 15.25 22.38
CA THR B 172 -8.23 14.25 23.44
C THR B 172 -9.60 13.76 23.89
N THR B 173 -10.64 14.43 23.40
CA THR B 173 -12.02 14.05 23.64
C THR B 173 -12.79 14.28 22.35
N ASP B 174 -14.06 13.86 22.34
CA ASP B 174 -14.90 14.09 21.17
C ASP B 174 -15.06 15.58 20.92
N ASN B 175 -14.86 15.99 19.66
CA ASN B 175 -14.94 17.40 19.30
C ASN B 175 -16.42 17.79 19.20
N VAL B 176 -17.02 17.97 20.38
CA VAL B 176 -18.44 18.27 20.50
C VAL B 176 -18.60 19.53 21.34
N MET B 177 -19.41 20.46 20.84
CA MET B 177 -19.74 21.69 21.56
C MET B 177 -21.25 21.74 21.78
N LEU B 178 -21.65 22.07 23.00
CA LEU B 178 -23.06 22.15 23.36
C LEU B 178 -23.30 23.42 24.14
N ARG B 179 -24.08 24.34 23.57
CA ARG B 179 -24.45 25.58 24.23
C ARG B 179 -25.95 25.70 24.23
N VAL B 180 -26.53 25.99 25.40
CA VAL B 180 -27.97 26.07 25.58
C VAL B 180 -28.32 27.44 26.14
N GLN B 181 -29.23 28.13 25.48
CA GLN B 181 -29.74 29.41 25.95
C GLN B 181 -30.84 29.19 26.98
N PRO B 182 -31.10 30.18 27.83
CA PRO B 182 -32.15 30.01 28.85
C PRO B 182 -33.52 29.70 28.28
N ASP B 183 -33.85 30.24 27.11
CA ASP B 183 -35.16 30.00 26.53
C ASP B 183 -35.26 28.64 25.84
N GLY B 184 -34.14 27.95 25.66
CA GLY B 184 -34.14 26.63 25.08
C GLY B 184 -33.42 26.49 23.74
N LYS B 185 -32.85 27.57 23.22
CA LYS B 185 -32.09 27.48 21.98
C LYS B 185 -30.80 26.68 22.21
N VAL B 186 -30.48 25.81 21.27
CA VAL B 186 -29.37 24.87 21.41
C VAL B 186 -28.43 25.04 20.22
N LEU B 187 -27.13 25.07 20.51
CA LEU B 187 -26.09 25.11 19.49
C LEU B 187 -25.27 23.83 19.59
N TYR B 188 -25.11 23.15 18.46
CA TYR B 188 -24.40 21.87 18.40
C TYR B 188 -23.40 21.91 17.26
N SER B 189 -22.16 21.55 17.56
CA SER B 189 -21.07 21.60 16.58
C SER B 189 -20.30 20.29 16.57
N LEU B 190 -19.73 19.97 15.41
CA LEU B 190 -18.95 18.76 15.24
C LEU B 190 -17.80 19.03 14.28
N ARG B 191 -16.78 18.17 14.36
CA ARG B 191 -15.63 18.21 13.47
C ARG B 191 -15.45 16.84 12.85
N VAL B 192 -15.65 16.74 11.54
CA VAL B 192 -15.64 15.47 10.82
C VAL B 192 -14.76 15.57 9.60
N THR B 193 -14.33 14.41 9.11
CA THR B 193 -13.60 14.29 7.85
C THR B 193 -14.36 13.32 6.97
N VAL B 194 -14.76 13.77 5.78
CA VAL B 194 -15.67 13.02 4.92
C VAL B 194 -15.03 12.80 3.56
N THR B 195 -15.14 11.59 3.05
CA THR B 195 -14.69 11.25 1.70
C THR B 195 -15.93 10.98 0.86
N ALA B 196 -16.06 11.71 -0.25
CA ALA B 196 -17.22 11.59 -1.13
C ALA B 196 -16.77 11.39 -2.56
N MET B 197 -17.57 10.66 -3.32
CA MET B 197 -17.24 10.35 -4.70
C MET B 197 -17.64 11.50 -5.63
N CYS B 198 -16.93 11.59 -6.75
CA CYS B 198 -17.20 12.63 -7.74
C CYS B 198 -16.92 12.05 -9.13
N ASN B 199 -17.85 12.27 -10.06
CA ASN B 199 -17.73 11.77 -11.42
C ASN B 199 -16.97 12.79 -12.25
N MET B 200 -15.77 12.43 -12.68
CA MET B 200 -14.90 13.32 -13.46
C MET B 200 -14.84 12.85 -14.90
N ASP B 201 -14.59 13.81 -15.80
CA ASP B 201 -14.43 13.54 -17.23
C ASP B 201 -13.01 13.92 -17.64
N PHE B 202 -12.35 13.00 -18.37
CA PHE B 202 -10.97 13.21 -18.79
C PHE B 202 -10.83 13.34 -20.30
N SER B 203 -11.85 13.89 -20.97
CA SER B 203 -11.76 14.09 -22.41
C SER B 203 -10.70 15.12 -22.77
N ARG B 204 -10.49 16.12 -21.92
CA ARG B 204 -9.52 17.18 -22.17
C ARG B 204 -8.29 17.07 -21.28
N PHE B 205 -8.03 15.90 -20.71
CA PHE B 205 -6.87 15.73 -19.85
C PHE B 205 -5.58 15.99 -20.65
N PRO B 206 -4.58 16.66 -20.06
CA PRO B 206 -4.57 17.20 -18.70
C PRO B 206 -5.04 18.65 -18.58
N LEU B 207 -5.74 19.15 -19.60
CA LEU B 207 -6.24 20.53 -19.60
C LEU B 207 -7.74 20.58 -19.29
N ASP B 208 -8.22 19.70 -18.42
CA ASP B 208 -9.63 19.59 -18.12
C ASP B 208 -9.99 20.41 -16.87
N THR B 209 -11.30 20.58 -16.68
CA THR B 209 -11.85 21.27 -15.52
C THR B 209 -12.92 20.39 -14.90
N GLN B 210 -12.87 20.22 -13.59
CA GLN B 210 -13.76 19.31 -12.88
C GLN B 210 -14.59 20.06 -11.84
N THR B 211 -15.82 19.60 -11.66
CA THR B 211 -16.74 20.16 -10.68
C THR B 211 -17.25 19.03 -9.79
N CYS B 212 -17.22 19.25 -8.48
CA CYS B 212 -17.67 18.27 -7.50
C CYS B 212 -18.54 18.95 -6.46
N SER B 213 -19.32 18.16 -5.75
CA SER B 213 -20.26 18.67 -4.78
C SER B 213 -20.36 17.73 -3.58
N LEU B 214 -20.80 18.27 -2.46
CA LEU B 214 -21.03 17.52 -1.23
C LEU B 214 -22.48 17.65 -0.82
N GLU B 215 -23.07 16.56 -0.36
CA GLU B 215 -24.49 16.50 -0.06
C GLU B 215 -24.71 16.21 1.42
N ILE B 216 -25.65 16.92 2.02
CA ILE B 216 -26.04 16.74 3.43
C ILE B 216 -27.54 16.50 3.46
N GLU B 217 -27.94 15.46 4.21
CA GLU B 217 -29.35 15.08 4.26
C GLU B 217 -29.63 14.40 5.60
N SER B 218 -30.89 14.47 6.02
CA SER B 218 -31.35 13.76 7.20
C SER B 218 -31.75 12.35 6.81
N TYR B 219 -31.35 11.38 7.64
CA TYR B 219 -31.55 9.98 7.28
C TYR B 219 -32.92 9.46 7.71
N ALA B 220 -33.40 9.85 8.89
CA ALA B 220 -34.59 9.25 9.46
C ALA B 220 -35.85 10.07 9.28
N TYR B 221 -35.77 11.40 9.35
CA TYR B 221 -36.94 12.26 9.34
C TYR B 221 -37.16 12.85 7.95
N THR B 222 -38.41 12.77 7.49
CA THR B 222 -38.81 13.32 6.20
C THR B 222 -39.13 14.81 6.35
N GLU B 223 -39.66 15.40 5.27
CA GLU B 223 -40.01 16.82 5.31
C GLU B 223 -41.20 17.10 6.22
N ASP B 224 -42.02 16.09 6.52
CA ASP B 224 -43.18 16.28 7.37
C ASP B 224 -42.83 16.26 8.85
N ASP B 225 -41.60 15.89 9.21
CA ASP B 225 -41.16 15.87 10.60
C ASP B 225 -39.98 16.79 10.87
N LEU B 226 -39.13 17.05 9.88
CA LEU B 226 -37.98 17.92 10.08
C LEU B 226 -37.75 18.72 8.79
N MET B 227 -37.57 20.02 8.93
CA MET B 227 -37.31 20.90 7.80
C MET B 227 -35.86 21.37 7.87
N LEU B 228 -35.11 21.16 6.80
CA LEU B 228 -33.69 21.50 6.74
C LEU B 228 -33.48 22.69 5.81
N TYR B 229 -32.73 23.68 6.28
CA TYR B 229 -32.46 24.88 5.49
C TYR B 229 -31.16 25.51 5.98
N TRP B 230 -30.59 26.35 5.13
CA TRP B 230 -29.37 27.07 5.49
C TRP B 230 -29.68 28.17 6.50
N LYS B 231 -28.83 28.29 7.52
CA LYS B 231 -29.11 29.23 8.61
C LYS B 231 -29.15 30.67 8.11
N LYS B 232 -28.21 31.06 7.26
CA LYS B 232 -28.12 32.44 6.78
C LYS B 232 -28.03 32.50 5.26
N GLY B 233 -28.52 31.47 4.58
CA GLY B 233 -28.53 31.50 3.12
C GLY B 233 -27.13 31.45 2.54
N ASN B 234 -26.83 32.43 1.69
CA ASN B 234 -25.53 32.46 1.00
C ASN B 234 -24.37 32.74 1.96
N ASP B 235 -24.65 33.26 3.14
CA ASP B 235 -23.62 33.62 4.11
C ASP B 235 -23.28 32.48 5.07
N SER B 236 -23.87 31.30 4.90
CA SER B 236 -23.66 30.19 5.81
C SER B 236 -22.41 29.37 5.48
N LEU B 237 -21.69 29.70 4.41
CA LEU B 237 -20.50 28.96 4.00
C LEU B 237 -19.27 29.84 4.19
N LYS B 238 -18.28 29.31 4.90
CA LYS B 238 -17.02 29.99 5.11
C LYS B 238 -15.87 29.04 4.78
N THR B 239 -14.76 29.60 4.32
CA THR B 239 -13.59 28.82 3.94
C THR B 239 -12.34 29.41 4.58
N ASP B 240 -11.43 28.52 4.98
CA ASP B 240 -10.16 28.95 5.56
C ASP B 240 -9.26 29.56 4.48
N GLU B 241 -8.46 30.54 4.89
CA GLU B 241 -7.54 31.20 3.98
C GLU B 241 -6.34 30.32 3.63
N ARG B 242 -6.13 29.22 4.34
CA ARG B 242 -4.99 28.35 4.11
C ARG B 242 -5.32 27.18 3.18
N ILE B 243 -6.53 27.12 2.64
CA ILE B 243 -6.91 26.03 1.75
C ILE B 243 -6.15 26.17 0.44
N SER B 244 -5.43 25.12 0.06
CA SER B 244 -4.65 25.13 -1.17
C SER B 244 -4.40 23.71 -1.62
N LEU B 245 -4.19 23.53 -2.92
CA LEU B 245 -3.85 22.26 -3.51
C LEU B 245 -2.62 22.43 -4.40
N SER B 246 -1.71 21.45 -4.33
CA SER B 246 -0.47 21.55 -5.08
C SER B 246 -0.72 21.48 -6.59
N GLN B 247 -1.67 20.64 -7.02
CA GLN B 247 -1.91 20.40 -8.43
C GLN B 247 -3.19 21.05 -8.94
N PHE B 248 -4.06 21.52 -8.06
CA PHE B 248 -5.35 22.05 -8.47
C PHE B 248 -5.55 23.46 -7.94
N LEU B 249 -6.39 24.22 -8.63
CA LEU B 249 -6.80 25.56 -8.22
C LEU B 249 -8.27 25.52 -7.81
N ILE B 250 -8.57 26.04 -6.63
CA ILE B 250 -9.88 25.95 -6.03
C ILE B 250 -10.59 27.30 -6.16
N GLN B 251 -11.84 27.28 -6.59
CA GLN B 251 -12.61 28.49 -6.83
C GLN B 251 -14.09 28.15 -6.87
N GLU B 252 -14.92 29.20 -6.87
CA GLU B 252 -16.36 29.10 -7.09
C GLU B 252 -17.04 28.24 -6.03
N PHE B 253 -16.96 28.71 -4.78
CA PHE B 253 -17.70 28.08 -3.69
C PHE B 253 -19.09 28.68 -3.59
N HIS B 254 -20.11 27.82 -3.61
CA HIS B 254 -21.49 28.26 -3.47
C HIS B 254 -22.33 27.08 -3.00
N THR B 255 -23.54 27.39 -2.53
CA THR B 255 -24.45 26.40 -1.99
C THR B 255 -25.79 26.49 -2.69
N THR B 256 -26.46 25.34 -2.80
CA THR B 256 -27.78 25.26 -3.41
C THR B 256 -28.66 24.35 -2.54
N THR B 257 -29.90 24.17 -2.98
CA THR B 257 -30.84 23.33 -2.25
C THR B 257 -31.76 22.63 -3.25
N LYS B 258 -32.03 21.36 -2.98
CA LYS B 258 -32.90 20.56 -3.84
C LYS B 258 -33.52 19.43 -3.03
N LEU B 259 -34.71 19.01 -3.44
CA LEU B 259 -35.42 17.94 -2.78
C LEU B 259 -35.02 16.59 -3.36
N ALA B 260 -35.22 15.55 -2.56
CA ALA B 260 -34.95 14.17 -2.96
C ALA B 260 -36.15 13.30 -2.64
N PHE B 261 -36.36 12.27 -3.45
CA PHE B 261 -37.48 11.36 -3.28
C PHE B 261 -36.99 9.93 -3.28
N TYR B 262 -37.55 9.12 -2.38
CA TYR B 262 -37.31 7.68 -2.33
C TYR B 262 -38.64 6.97 -2.48
N SER B 263 -38.64 5.89 -3.27
CA SER B 263 -39.89 5.22 -3.62
C SER B 263 -40.58 4.56 -2.44
N SER B 264 -39.86 4.30 -1.34
CA SER B 264 -40.43 3.54 -0.23
C SER B 264 -40.38 4.26 1.11
N THR B 265 -39.83 5.47 1.18
CA THR B 265 -39.78 6.16 2.47
C THR B 265 -40.46 7.53 2.39
N GLY B 266 -40.36 8.21 1.26
CA GLY B 266 -40.98 9.51 1.08
C GLY B 266 -39.96 10.51 0.58
N TRP B 267 -40.26 11.79 0.84
CA TRP B 267 -39.46 12.89 0.34
C TRP B 267 -38.50 13.39 1.42
N TYR B 268 -37.38 13.96 0.98
CA TYR B 268 -36.38 14.53 1.87
C TYR B 268 -35.82 15.81 1.27
N ASN B 269 -35.11 16.57 2.09
CA ASN B 269 -34.49 17.81 1.68
C ASN B 269 -32.97 17.66 1.75
N ARG B 270 -32.29 18.12 0.70
CA ARG B 270 -30.84 18.00 0.58
C ARG B 270 -30.20 19.39 0.53
N LEU B 271 -28.95 19.47 0.99
CA LEU B 271 -28.14 20.67 0.89
C LEU B 271 -26.87 20.35 0.12
N TYR B 272 -26.39 21.31 -0.67
CA TYR B 272 -25.26 21.11 -1.56
C TYR B 272 -24.18 22.15 -1.29
N ILE B 273 -22.93 21.72 -1.42
CA ILE B 273 -21.76 22.59 -1.37
C ILE B 273 -20.94 22.31 -2.63
N ASN B 274 -20.76 23.34 -3.46
CA ASN B 274 -20.17 23.17 -4.78
C ASN B 274 -18.85 23.94 -4.87
N PHE B 275 -17.94 23.41 -5.68
CA PHE B 275 -16.65 24.06 -5.93
C PHE B 275 -16.12 23.56 -7.28
N THR B 276 -15.15 24.29 -7.81
CA THR B 276 -14.57 24.00 -9.11
C THR B 276 -13.06 23.88 -8.97
N LEU B 277 -12.47 23.02 -9.80
CA LEU B 277 -11.04 22.71 -9.74
C LEU B 277 -10.43 22.83 -11.13
N ARG B 278 -9.20 23.34 -11.19
CA ARG B 278 -8.44 23.49 -12.43
C ARG B 278 -7.03 22.99 -12.22
N ARG B 279 -6.54 22.20 -13.19
CA ARG B 279 -5.21 21.63 -13.08
C ARG B 279 -4.13 22.63 -13.45
N HIS B 280 -2.89 22.29 -13.12
CA HIS B 280 -1.71 23.04 -13.54
C HIS B 280 -1.00 22.28 -14.65
N ILE B 281 -0.66 23.00 -15.73
CA ILE B 281 -0.14 22.35 -16.94
C ILE B 281 1.38 22.33 -17.01
N PHE B 282 2.07 23.01 -16.10
CA PHE B 282 3.53 23.12 -16.20
C PHE B 282 4.20 21.76 -16.12
N PHE B 283 3.77 20.93 -15.17
CA PHE B 283 4.41 19.62 -14.98
C PHE B 283 4.22 18.73 -16.19
N PHE B 284 3.01 18.69 -16.75
CA PHE B 284 2.73 17.82 -17.88
C PHE B 284 3.50 18.25 -19.13
N LEU B 285 3.59 19.56 -19.36
CA LEU B 285 4.33 20.05 -20.51
C LEU B 285 5.80 19.63 -20.45
N LEU B 286 6.44 19.89 -19.31
CA LEU B 286 7.87 19.61 -19.19
C LEU B 286 8.17 18.12 -19.21
N GLN B 287 7.30 17.30 -18.62
CA GLN B 287 7.59 15.88 -18.49
C GLN B 287 7.20 15.07 -19.73
N THR B 288 6.17 15.50 -20.45
CA THR B 288 5.65 14.73 -21.57
C THR B 288 5.80 15.42 -22.92
N TYR B 289 5.34 16.68 -23.02
CA TYR B 289 5.33 17.34 -24.32
C TYR B 289 6.73 17.67 -24.83
N PHE B 290 7.59 18.20 -23.97
CA PHE B 290 8.95 18.53 -24.40
C PHE B 290 9.75 17.31 -24.84
N PRO B 291 9.80 16.20 -24.08
CA PRO B 291 10.54 15.03 -24.57
C PRO B 291 9.99 14.49 -25.89
N ALA B 292 8.68 14.55 -26.09
CA ALA B 292 8.10 14.06 -27.34
C ALA B 292 8.57 14.88 -28.53
N THR B 293 8.59 16.20 -28.40
CA THR B 293 9.01 17.06 -29.50
C THR B 293 10.48 16.86 -29.84
N LEU B 294 11.32 16.70 -28.83
CA LEU B 294 12.75 16.53 -29.07
C LEU B 294 13.04 15.24 -29.84
N MET B 295 12.31 14.17 -29.52
CA MET B 295 12.51 12.91 -30.22
C MET B 295 12.12 13.04 -31.69
N VAL B 296 11.04 13.77 -31.98
CA VAL B 296 10.61 13.95 -33.36
C VAL B 296 11.66 14.73 -34.16
N MET B 297 12.22 15.78 -33.56
CA MET B 297 13.25 16.56 -34.24
C MET B 297 14.55 15.78 -34.38
N LEU B 298 14.76 14.77 -33.53
CA LEU B 298 15.96 13.95 -33.64
C LEU B 298 15.94 13.10 -34.91
N SER B 299 14.74 12.68 -35.36
CA SER B 299 14.67 11.87 -36.57
C SER B 299 14.93 12.71 -37.82
N TRP B 300 14.76 14.03 -37.73
CA TRP B 300 14.97 14.90 -38.88
C TRP B 300 16.43 15.06 -39.24
N VAL B 301 17.35 14.78 -38.32
CA VAL B 301 18.77 14.97 -38.61
C VAL B 301 19.31 13.89 -39.55
N SER B 302 18.57 12.79 -39.72
CA SER B 302 19.02 11.74 -40.62
C SER B 302 18.92 12.15 -42.09
N PHE B 303 18.06 13.11 -42.41
CA PHE B 303 17.92 13.56 -43.79
C PHE B 303 19.13 14.34 -44.28
N TRP B 304 19.98 14.82 -43.38
CA TRP B 304 21.18 15.57 -43.74
C TRP B 304 22.43 14.70 -43.76
N ILE B 305 22.28 13.39 -43.58
CA ILE B 305 23.41 12.46 -43.58
C ILE B 305 23.45 11.75 -44.93
N ASP B 306 24.67 11.44 -45.39
CA ASP B 306 24.84 10.75 -46.66
C ASP B 306 24.14 9.39 -46.60
N ARG B 307 23.46 9.04 -47.70
CA ARG B 307 22.69 7.80 -47.76
C ARG B 307 23.58 6.56 -47.88
N ARG B 308 24.87 6.72 -48.13
CA ARG B 308 25.78 5.59 -48.24
C ARG B 308 26.16 5.00 -46.88
N ALA B 309 25.89 5.72 -45.79
CA ALA B 309 26.17 5.21 -44.46
C ALA B 309 24.93 4.50 -43.92
N VAL B 310 24.66 3.32 -44.51
CA VAL B 310 23.47 2.56 -44.14
C VAL B 310 23.49 2.15 -42.66
N PRO B 311 24.59 1.60 -42.11
CA PRO B 311 24.55 1.19 -40.69
C PRO B 311 24.60 2.38 -39.73
N ALA B 312 24.61 3.60 -40.27
CA ALA B 312 24.65 4.80 -39.45
C ALA B 312 23.30 5.51 -39.34
N ARG B 313 22.44 5.36 -40.34
CA ARG B 313 21.12 5.99 -40.32
C ARG B 313 20.01 5.07 -39.83
N VAL B 314 20.10 3.77 -40.12
CA VAL B 314 19.07 2.84 -39.65
C VAL B 314 18.98 2.78 -38.13
N PRO B 315 20.09 2.63 -37.38
CA PRO B 315 19.95 2.64 -35.92
C PRO B 315 19.37 3.93 -35.37
N LEU B 316 19.64 5.07 -36.00
CA LEU B 316 19.10 6.34 -35.53
C LEU B 316 17.57 6.32 -35.57
N GLY B 317 16.99 5.87 -36.68
CA GLY B 317 15.55 5.84 -36.79
C GLY B 317 14.90 4.86 -35.83
N ILE B 318 15.50 3.68 -35.68
CA ILE B 318 14.88 2.64 -34.86
C ILE B 318 14.89 3.02 -33.39
N THR B 319 16.01 3.58 -32.90
CA THR B 319 16.09 3.95 -31.49
C THR B 319 15.07 5.03 -31.14
N THR B 320 14.81 5.95 -32.07
CA THR B 320 13.79 6.98 -31.82
C THR B 320 12.40 6.36 -31.69
N VAL B 321 12.10 5.34 -32.51
CA VAL B 321 10.81 4.68 -32.42
C VAL B 321 10.65 4.01 -31.07
N LEU B 322 11.68 3.28 -30.62
CA LEU B 322 11.61 2.58 -29.35
C LEU B 322 11.48 3.56 -28.19
N THR B 323 12.21 4.67 -28.24
CA THR B 323 12.12 5.67 -27.17
C THR B 323 10.73 6.28 -27.10
N MET B 324 10.13 6.58 -28.26
CA MET B 324 8.79 7.14 -28.29
C MET B 324 7.78 6.17 -27.70
N SER B 325 7.93 4.87 -28.00
CA SER B 325 7.03 3.88 -27.45
C SER B 325 7.13 3.81 -25.93
N THR B 326 8.34 3.93 -25.39
CA THR B 326 8.53 3.91 -23.94
C THR B 326 7.83 5.10 -23.30
N ILE B 327 7.91 6.28 -23.93
CA ILE B 327 7.28 7.47 -23.37
C ILE B 327 5.76 7.29 -23.30
N ILE B 328 5.17 6.73 -24.36
CA ILE B 328 3.72 6.55 -24.40
C ILE B 328 3.25 5.62 -23.29
N THR B 329 3.99 4.52 -23.08
CA THR B 329 3.58 3.53 -22.09
C THR B 329 3.59 4.11 -20.68
N GLY B 330 4.61 4.92 -20.36
CA GLY B 330 4.75 5.41 -18.99
C GLY B 330 3.67 6.40 -18.59
N VAL B 331 3.07 7.09 -19.57
CA VAL B 331 2.07 8.11 -19.25
C VAL B 331 0.80 7.48 -18.71
N ASN B 332 0.36 6.37 -19.32
CA ASN B 332 -0.91 5.75 -18.96
C ASN B 332 -0.90 5.07 -17.60
N ALA B 333 0.27 4.93 -16.97
CA ALA B 333 0.34 4.22 -15.70
C ALA B 333 -0.38 4.95 -14.58
N SER B 334 -0.56 6.26 -14.69
CA SER B 334 -1.16 7.07 -13.64
C SER B 334 -2.62 7.43 -13.91
N MET B 335 -3.25 6.82 -14.90
CA MET B 335 -4.63 7.11 -15.27
C MET B 335 -5.46 5.83 -15.28
N PRO B 336 -6.76 5.93 -15.02
CA PRO B 336 -7.61 4.74 -15.06
C PRO B 336 -7.90 4.29 -16.49
N ARG B 337 -8.54 3.13 -16.59
CA ARG B 337 -8.84 2.51 -17.88
C ARG B 337 -10.17 3.06 -18.38
N VAL B 338 -10.11 4.24 -18.99
CA VAL B 338 -11.30 4.86 -19.57
C VAL B 338 -11.56 4.25 -20.94
N SER B 339 -12.76 4.47 -21.47
CA SER B 339 -13.17 3.92 -22.76
C SER B 339 -13.09 4.95 -23.89
N TYR B 340 -12.45 6.09 -23.65
CA TYR B 340 -12.32 7.13 -24.66
C TYR B 340 -10.89 7.64 -24.65
N ILE B 341 -10.47 8.19 -25.79
CA ILE B 341 -9.10 8.68 -25.98
C ILE B 341 -8.99 10.08 -25.41
N LYS B 342 -7.86 10.35 -24.76
CA LYS B 342 -7.61 11.65 -24.13
C LYS B 342 -6.82 12.55 -25.08
N ALA B 343 -6.75 13.83 -24.69
CA ALA B 343 -6.04 14.81 -25.50
C ALA B 343 -4.54 14.50 -25.57
N VAL B 344 -3.96 14.05 -24.45
CA VAL B 344 -2.53 13.74 -24.44
C VAL B 344 -2.22 12.55 -25.33
N ASP B 345 -3.12 11.58 -25.42
CA ASP B 345 -2.88 10.41 -26.25
C ASP B 345 -2.80 10.78 -27.73
N ILE B 346 -3.60 11.75 -28.16
CA ILE B 346 -3.59 12.17 -29.55
C ILE B 346 -2.22 12.74 -29.93
N TYR B 347 -1.66 13.59 -29.08
CA TYR B 347 -0.36 14.20 -29.38
C TYR B 347 0.74 13.15 -29.44
N LEU B 348 0.73 12.20 -28.50
CA LEU B 348 1.79 11.20 -28.47
C LEU B 348 1.74 10.26 -29.67
N TRP B 349 0.53 9.80 -30.03
CA TRP B 349 0.42 8.84 -31.11
C TRP B 349 0.69 9.47 -32.48
N VAL B 350 0.32 10.74 -32.66
CA VAL B 350 0.64 11.43 -33.91
C VAL B 350 2.16 11.55 -34.05
N SER B 351 2.86 11.86 -32.96
CA SER B 351 4.31 11.93 -33.00
C SER B 351 4.92 10.57 -33.33
N PHE B 352 4.32 9.49 -32.82
CA PHE B 352 4.82 8.16 -33.13
C PHE B 352 4.72 7.87 -34.62
N VAL B 353 3.63 8.30 -35.26
CA VAL B 353 3.47 8.09 -36.69
C VAL B 353 4.55 8.83 -37.46
N PHE B 354 4.86 10.06 -37.04
CA PHE B 354 5.88 10.85 -37.73
C PHE B 354 7.23 10.16 -37.70
N VAL B 355 7.61 9.61 -36.54
CA VAL B 355 8.89 8.90 -36.44
C VAL B 355 8.84 7.61 -37.24
N PHE B 356 7.70 6.92 -37.23
CA PHE B 356 7.59 5.67 -37.99
C PHE B 356 7.73 5.91 -39.48
N LEU B 357 7.11 6.98 -39.99
CA LEU B 357 7.23 7.29 -41.41
C LEU B 357 8.66 7.66 -41.78
N SER B 358 9.41 8.23 -40.83
CA SER B 358 10.80 8.58 -41.10
C SER B 358 11.64 7.34 -41.40
N VAL B 359 11.38 6.25 -40.66
CA VAL B 359 12.12 5.00 -40.90
C VAL B 359 11.79 4.45 -42.29
N LEU B 360 10.51 4.48 -42.67
CA LEU B 360 10.12 4.01 -43.99
C LEU B 360 10.69 4.88 -45.10
N GLU B 361 10.96 6.16 -44.80
CA GLU B 361 11.47 7.06 -45.81
C GLU B 361 12.83 6.62 -46.34
N TYR B 362 13.72 6.21 -45.43
CA TYR B 362 15.05 5.78 -45.85
C TYR B 362 15.00 4.45 -46.58
N ALA B 363 14.04 3.59 -46.22
CA ALA B 363 13.93 2.29 -46.89
C ALA B 363 13.62 2.46 -48.37
N ALA B 364 12.72 3.39 -48.71
CA ALA B 364 12.42 3.65 -50.11
C ALA B 364 13.64 4.16 -50.86
N VAL B 365 14.39 5.07 -50.22
CA VAL B 365 15.57 5.64 -50.87
C VAL B 365 16.61 4.56 -51.13
N ASN B 366 16.85 3.69 -50.15
CA ASN B 366 17.84 2.63 -50.31
C ASN B 366 17.44 1.67 -51.42
N TYR B 367 16.17 1.29 -51.48
CA TYR B 367 15.71 0.36 -52.51
C TYR B 367 15.85 0.97 -53.90
N LEU B 368 15.46 2.23 -54.06
CA LEU B 368 15.55 2.88 -55.37
C LEU B 368 17.00 3.01 -55.81
N THR B 369 17.91 3.32 -54.88
CA THR B 369 19.32 3.41 -55.23
C THR B 369 19.86 2.08 -55.74
N THR B 370 19.48 0.97 -55.06
CA THR B 370 19.94 -0.34 -55.49
C THR B 370 19.42 -0.69 -56.88
N VAL B 371 18.14 -0.39 -57.14
CA VAL B 371 17.57 -0.66 -58.45
C VAL B 371 18.26 0.17 -59.53
N GLN B 372 18.52 1.45 -59.23
CA GLN B 372 19.17 2.31 -60.21
C GLN B 372 20.57 1.80 -60.54
N GLU B 373 21.33 1.37 -59.53
CA GLU B 373 22.65 0.82 -59.78
C GLU B 373 22.58 -0.45 -60.62
N ARG B 374 21.62 -1.33 -60.31
CA ARG B 374 21.48 -2.56 -61.07
C ARG B 374 21.12 -2.29 -62.53
N LYS B 375 20.21 -1.34 -62.76
CA LYS B 375 19.84 -1.00 -64.13
C LYS B 375 21.02 -0.40 -64.90
N GLU B 376 21.80 0.45 -64.24
CA GLU B 376 22.96 1.05 -64.89
C GLU B 376 24.03 0.01 -65.20
N GLN B 377 24.25 -0.94 -64.27
CA GLN B 377 25.25 -1.97 -64.48
C GLN B 377 24.86 -2.88 -65.65
N LYS B 378 23.58 -3.23 -65.76
CA LYS B 378 23.12 -4.08 -66.85
C LYS B 378 23.09 -3.32 -68.17
N ASP B 451 25.78 12.68 -54.75
CA ASP B 451 24.61 13.52 -54.97
C ASP B 451 23.55 13.26 -53.91
N THR B 452 22.53 14.11 -53.88
CA THR B 452 21.43 14.00 -52.92
C THR B 452 20.19 13.51 -53.66
N HIS B 453 19.55 12.48 -53.12
CA HIS B 453 18.36 11.92 -53.74
C HIS B 453 17.19 12.90 -53.61
N ALA B 454 16.25 12.79 -54.56
CA ALA B 454 15.10 13.70 -54.58
C ALA B 454 14.22 13.53 -53.35
N ILE B 455 14.08 12.29 -52.87
CA ILE B 455 13.24 12.05 -51.69
C ILE B 455 13.80 12.74 -50.47
N ASP B 456 15.12 12.67 -50.27
CA ASP B 456 15.74 13.32 -49.13
C ASP B 456 15.59 14.84 -49.21
N LYS B 457 15.75 15.40 -50.40
CA LYS B 457 15.68 16.86 -50.55
C LYS B 457 14.30 17.39 -50.18
N TYR B 458 13.25 16.71 -50.62
CA TYR B 458 11.89 17.15 -50.30
C TYR B 458 11.51 16.86 -48.85
N SER B 459 12.07 15.79 -48.27
CA SER B 459 11.74 15.44 -46.89
C SER B 459 12.24 16.49 -45.91
N ARG B 460 13.31 17.19 -46.27
CA ARG B 460 13.86 18.22 -45.39
C ARG B 460 12.87 19.35 -45.14
N ILE B 461 11.97 19.60 -46.09
CA ILE B 461 11.03 20.71 -46.00
C ILE B 461 9.62 20.24 -45.63
N ILE B 462 9.19 19.11 -46.20
CA ILE B 462 7.81 18.66 -45.98
C ILE B 462 7.59 18.26 -44.53
N PHE B 463 8.52 17.50 -43.96
CA PHE B 463 8.34 17.02 -42.59
C PHE B 463 8.25 18.14 -41.57
N PRO B 464 9.15 19.13 -41.54
CA PRO B 464 8.98 20.23 -40.57
C PRO B 464 7.69 21.01 -40.78
N ALA B 465 7.28 21.20 -42.04
CA ALA B 465 6.07 21.97 -42.31
C ALA B 465 4.83 21.26 -41.77
N ALA B 466 4.74 19.95 -41.96
CA ALA B 466 3.57 19.20 -41.51
C ALA B 466 3.46 19.22 -40.00
N TYR B 467 4.58 19.05 -39.29
CA TYR B 467 4.54 19.01 -37.83
C TYR B 467 4.14 20.36 -37.25
N ILE B 468 4.65 21.46 -37.82
CA ILE B 468 4.29 22.78 -37.35
C ILE B 468 2.81 23.05 -37.57
N LEU B 469 2.28 22.65 -38.74
CA LEU B 469 0.86 22.82 -39.00
C LEU B 469 0.01 22.03 -38.01
N PHE B 470 0.46 20.82 -37.66
CA PHE B 470 -0.27 20.02 -36.68
C PHE B 470 -0.31 20.71 -35.32
N ASN B 471 0.81 21.30 -34.90
CA ASN B 471 0.85 21.98 -33.61
C ASN B 471 -0.10 23.17 -33.58
N LEU B 472 -0.16 23.94 -34.66
CA LEU B 472 -1.07 25.08 -34.71
C LEU B 472 -2.52 24.64 -34.55
N ILE B 473 -2.91 23.57 -35.24
CA ILE B 473 -4.27 23.08 -35.16
C ILE B 473 -4.54 22.47 -33.79
N TYR B 474 -3.59 21.69 -33.28
CA TYR B 474 -3.79 21.02 -31.99
C TYR B 474 -3.95 22.01 -30.85
N TRP B 475 -3.10 23.05 -30.82
CA TRP B 475 -3.16 24.02 -29.73
C TRP B 475 -4.27 25.04 -29.89
N SER B 476 -4.84 25.17 -31.09
CA SER B 476 -5.98 26.07 -31.27
C SER B 476 -7.27 25.46 -30.74
N ILE B 477 -7.45 24.16 -30.91
CA ILE B 477 -8.67 23.50 -30.44
C ILE B 477 -8.70 23.44 -28.91
N PHE B 478 -7.58 23.07 -28.31
CA PHE B 478 -7.49 22.91 -26.86
C PHE B 478 -7.00 24.16 -26.14
N SER B 479 -6.76 25.25 -26.87
CA SER B 479 -6.29 26.50 -26.29
C SER B 479 -5.00 26.33 -25.49
N GLN C 77 -43.93 7.07 29.35
CA GLN C 77 -43.41 6.40 28.18
C GLN C 77 -44.54 5.86 27.30
N LEU C 78 -44.48 6.17 26.00
CA LEU C 78 -45.50 5.70 25.08
C LEU C 78 -45.41 4.19 24.88
N LEU C 79 -44.20 3.63 24.87
CA LEU C 79 -43.99 2.21 24.71
C LEU C 79 -43.61 1.57 26.04
N ARG C 80 -44.26 0.46 26.36
CA ARG C 80 -44.01 -0.26 27.60
C ARG C 80 -42.86 -1.25 27.37
N ILE C 81 -41.65 -0.69 27.24
CA ILE C 81 -40.47 -1.51 26.98
C ILE C 81 -40.10 -2.32 28.22
N ASP C 82 -40.16 -1.70 29.40
CA ASP C 82 -39.72 -2.35 30.63
C ASP C 82 -40.69 -3.44 31.10
N ASP C 83 -41.87 -3.55 30.50
CA ASP C 83 -42.87 -4.52 30.93
C ASP C 83 -42.79 -5.84 30.17
N HIS C 84 -41.83 -5.99 29.27
CA HIS C 84 -41.69 -7.21 28.48
C HIS C 84 -40.23 -7.65 28.43
N ASP C 85 -40.04 -8.94 28.20
CA ASP C 85 -38.71 -9.54 28.04
C ASP C 85 -38.48 -9.71 26.53
N PHE C 86 -37.60 -8.87 25.98
CA PHE C 86 -37.31 -8.87 24.55
C PHE C 86 -36.18 -9.82 24.18
N SER C 87 -35.84 -10.77 25.06
CA SER C 87 -34.85 -11.79 24.76
C SER C 87 -35.42 -12.94 23.95
N MET C 88 -36.73 -12.97 23.72
CA MET C 88 -37.39 -14.01 22.96
C MET C 88 -38.10 -13.39 21.76
N ARG C 89 -38.10 -14.11 20.64
CA ARG C 89 -38.75 -13.62 19.44
C ARG C 89 -40.27 -13.60 19.62
N PRO C 90 -40.97 -12.76 18.86
CA PRO C 90 -42.44 -12.79 18.90
C PRO C 90 -42.96 -14.15 18.47
N GLY C 91 -44.04 -14.58 19.12
CA GLY C 91 -44.56 -15.92 18.89
C GLY C 91 -43.62 -17.00 19.37
N PHE C 92 -42.98 -16.80 20.52
CA PHE C 92 -42.01 -17.75 21.04
C PHE C 92 -42.68 -19.09 21.32
N GLY C 93 -42.04 -20.17 20.87
CA GLY C 93 -42.58 -21.50 21.06
C GLY C 93 -43.71 -21.86 20.12
N GLY C 94 -43.98 -21.07 19.10
CA GLY C 94 -45.07 -21.33 18.18
C GLY C 94 -44.66 -21.24 16.73
N PRO C 95 -45.58 -20.83 15.87
CA PRO C 95 -45.28 -20.74 14.44
C PRO C 95 -44.26 -19.66 14.14
N ALA C 96 -43.63 -19.78 12.97
CA ALA C 96 -42.62 -18.83 12.54
C ALA C 96 -43.25 -17.47 12.24
N ILE C 97 -42.45 -16.43 12.35
CA ILE C 97 -42.86 -15.05 12.13
C ILE C 97 -42.32 -14.60 10.78
N PRO C 98 -43.17 -14.21 9.83
CA PRO C 98 -42.67 -13.74 8.53
C PRO C 98 -41.91 -12.42 8.65
N VAL C 99 -40.91 -12.26 7.78
CA VAL C 99 -40.09 -11.06 7.73
C VAL C 99 -39.93 -10.65 6.27
N GLY C 100 -40.17 -9.37 5.98
CA GLY C 100 -39.99 -8.84 4.64
C GLY C 100 -38.71 -8.06 4.50
N VAL C 101 -38.17 -8.00 3.27
CA VAL C 101 -36.91 -7.32 3.00
C VAL C 101 -37.08 -6.43 1.77
N ASP C 102 -36.61 -5.19 1.87
CA ASP C 102 -36.53 -4.28 0.74
C ASP C 102 -35.10 -3.77 0.62
N VAL C 103 -34.61 -3.70 -0.61
CA VAL C 103 -33.23 -3.36 -0.89
C VAL C 103 -33.17 -2.29 -1.97
N GLN C 104 -32.40 -1.24 -1.71
CA GLN C 104 -32.11 -0.20 -2.70
C GLN C 104 -30.60 -0.05 -2.80
N VAL C 105 -30.06 -0.23 -4.01
CA VAL C 105 -28.63 -0.18 -4.24
C VAL C 105 -28.21 1.25 -4.51
N GLU C 106 -27.17 1.70 -3.82
CA GLU C 106 -26.68 3.06 -3.94
C GLU C 106 -25.55 3.21 -4.95
N SER C 107 -24.47 2.45 -4.81
CA SER C 107 -23.35 2.54 -5.73
C SER C 107 -22.46 1.31 -5.58
N LEU C 108 -21.63 1.07 -6.59
CA LEU C 108 -20.59 0.05 -6.57
C LEU C 108 -19.23 0.73 -6.53
N ASP C 109 -18.38 0.31 -5.59
CA ASP C 109 -17.14 1.03 -5.31
C ASP C 109 -15.97 0.56 -6.19
N SER C 110 -15.59 -0.71 -6.09
CA SER C 110 -14.42 -1.19 -6.80
C SER C 110 -14.53 -2.68 -7.06
N ILE C 111 -13.76 -3.15 -8.03
CA ILE C 111 -13.65 -4.56 -8.39
C ILE C 111 -12.18 -4.92 -8.45
N SER C 112 -11.81 -6.01 -7.80
CA SER C 112 -10.41 -6.48 -7.77
C SER C 112 -10.31 -7.79 -8.51
N GLU C 113 -9.39 -7.87 -9.48
CA GLU C 113 -9.18 -9.10 -10.22
C GLU C 113 -8.31 -10.08 -9.44
N VAL C 114 -7.29 -9.59 -8.74
CA VAL C 114 -6.41 -10.48 -7.99
C VAL C 114 -7.12 -11.06 -6.78
N ASP C 115 -7.94 -10.25 -6.11
CA ASP C 115 -8.64 -10.69 -4.91
C ASP C 115 -10.01 -11.27 -5.22
N MET C 116 -10.58 -10.98 -6.39
CA MET C 116 -11.85 -11.55 -6.85
C MET C 116 -12.98 -11.25 -5.87
N ASP C 117 -13.24 -9.95 -5.70
CA ASP C 117 -14.33 -9.51 -4.85
C ASP C 117 -14.80 -8.14 -5.34
N PHE C 118 -15.95 -7.72 -4.81
CA PHE C 118 -16.54 -6.44 -5.15
C PHE C 118 -17.11 -5.79 -3.90
N THR C 119 -17.28 -4.48 -3.95
CA THR C 119 -17.79 -3.71 -2.83
C THR C 119 -19.08 -3.02 -3.23
N MET C 120 -20.09 -3.10 -2.36
CA MET C 120 -21.41 -2.54 -2.64
C MET C 120 -21.93 -1.82 -1.41
N THR C 121 -22.60 -0.69 -1.65
CA THR C 121 -23.29 0.07 -0.61
C THR C 121 -24.77 0.09 -0.92
N LEU C 122 -25.60 -0.20 0.08
CA LEU C 122 -27.02 -0.37 -0.16
C LEU C 122 -27.79 -0.07 1.13
N TYR C 123 -29.10 0.11 0.97
CA TYR C 123 -30.00 0.30 2.09
C TYR C 123 -30.80 -0.98 2.30
N LEU C 124 -30.83 -1.45 3.55
CA LEU C 124 -31.52 -2.68 3.91
C LEU C 124 -32.71 -2.35 4.80
N ARG C 125 -33.87 -2.89 4.48
CA ARG C 125 -35.10 -2.63 5.22
C ARG C 125 -35.73 -3.95 5.66
N HIS C 126 -36.41 -3.92 6.80
CA HIS C 126 -37.07 -5.10 7.35
C HIS C 126 -38.52 -4.76 7.70
N TYR C 127 -39.38 -5.77 7.61
CA TYR C 127 -40.79 -5.62 7.91
C TYR C 127 -41.25 -6.80 8.76
N TRP C 128 -41.86 -6.50 9.90
CA TRP C 128 -42.44 -7.54 10.76
C TRP C 128 -43.45 -6.86 11.69
N LYS C 129 -44.16 -7.68 12.45
CA LYS C 129 -45.17 -7.20 13.38
C LYS C 129 -44.90 -7.77 14.76
N ASP C 130 -45.03 -6.92 15.78
CA ASP C 130 -44.83 -7.32 17.17
C ASP C 130 -45.90 -6.63 18.01
N GLU C 131 -46.78 -7.42 18.62
CA GLU C 131 -47.88 -6.86 19.41
C GLU C 131 -47.40 -6.21 20.70
N ARG C 132 -46.18 -6.52 21.15
CA ARG C 132 -45.67 -5.95 22.39
C ARG C 132 -45.31 -4.48 22.26
N LEU C 133 -45.24 -3.94 21.05
CA LEU C 133 -44.90 -2.54 20.82
C LEU C 133 -46.12 -1.69 20.51
N SER C 134 -47.32 -2.22 20.73
CA SER C 134 -48.53 -1.47 20.42
C SER C 134 -48.74 -0.33 21.41
N PHE C 135 -49.22 0.80 20.88
CA PHE C 135 -49.54 1.96 21.69
C PHE C 135 -50.86 2.54 21.21
N PRO C 136 -51.64 3.16 22.10
CA PRO C 136 -52.95 3.72 21.69
C PRO C 136 -52.83 5.06 21.00
N SER C 137 -53.61 5.23 19.94
CA SER C 137 -53.67 6.49 19.21
C SER C 137 -54.96 6.49 18.39
N THR C 138 -55.29 7.68 17.86
CA THR C 138 -56.50 7.85 17.07
C THR C 138 -56.23 8.14 15.60
N ASN C 139 -55.06 8.66 15.25
CA ASN C 139 -54.76 9.00 13.87
C ASN C 139 -54.40 7.80 13.01
N ASN C 140 -53.89 6.74 13.62
CA ASN C 140 -53.48 5.52 12.91
C ASN C 140 -52.42 5.85 11.86
N LEU C 141 -51.31 6.41 12.32
CA LEU C 141 -50.20 6.78 11.45
C LEU C 141 -48.90 6.33 12.09
N SER C 142 -47.90 6.10 11.24
CA SER C 142 -46.59 5.66 11.71
C SER C 142 -45.91 6.78 12.48
N MET C 143 -45.22 6.40 13.56
CA MET C 143 -44.48 7.34 14.39
C MET C 143 -43.00 6.97 14.37
N THR C 144 -42.15 7.98 14.31
CA THR C 144 -40.71 7.79 14.16
C THR C 144 -40.00 8.13 15.46
N PHE C 145 -39.08 7.25 15.87
CA PHE C 145 -38.29 7.44 17.07
C PHE C 145 -36.84 7.74 16.69
N ASP C 146 -36.08 8.22 17.67
CA ASP C 146 -34.71 8.66 17.42
C ASP C 146 -33.80 7.54 16.93
N GLY C 147 -34.07 6.29 17.33
CA GLY C 147 -33.31 5.15 16.86
C GLY C 147 -32.45 4.46 17.89
N ARG C 148 -32.23 5.06 19.06
CA ARG C 148 -31.46 4.40 20.10
C ARG C 148 -32.29 3.39 20.89
N LEU C 149 -33.60 3.34 20.67
CA LEU C 149 -34.45 2.33 21.31
C LEU C 149 -34.34 0.97 20.64
N VAL C 150 -33.60 0.88 19.53
CA VAL C 150 -33.45 -0.39 18.83
C VAL C 150 -32.74 -1.42 19.71
N LYS C 151 -31.70 -0.99 20.43
CA LYS C 151 -30.95 -1.88 21.30
C LYS C 151 -31.74 -2.37 22.50
N LYS C 152 -33.01 -2.00 22.65
CA LYS C 152 -33.85 -2.44 23.76
C LYS C 152 -35.01 -3.31 23.31
N ILE C 153 -35.12 -3.62 22.02
CA ILE C 153 -36.21 -4.41 21.49
C ILE C 153 -35.63 -5.53 20.63
N TRP C 154 -36.51 -6.43 20.19
CA TRP C 154 -36.09 -7.58 19.39
C TRP C 154 -35.86 -7.15 17.94
N VAL C 155 -34.73 -7.57 17.39
CA VAL C 155 -34.35 -7.21 16.01
C VAL C 155 -33.81 -8.45 15.31
N PRO C 156 -34.18 -8.62 14.04
CA PRO C 156 -33.65 -9.75 13.27
C PRO C 156 -32.13 -9.72 13.18
N ASP C 157 -31.57 -10.85 12.80
CA ASP C 157 -30.13 -11.08 12.81
C ASP C 157 -29.64 -11.49 11.43
N MET C 158 -30.05 -10.74 10.41
CA MET C 158 -29.63 -11.02 9.05
C MET C 158 -28.13 -10.76 8.88
N PHE C 159 -27.49 -11.57 8.04
CA PHE C 159 -26.07 -11.42 7.77
C PHE C 159 -25.80 -11.79 6.33
N PHE C 160 -24.65 -11.33 5.82
CA PHE C 160 -24.26 -11.55 4.44
C PHE C 160 -23.33 -12.76 4.36
N VAL C 161 -23.71 -13.73 3.55
CA VAL C 161 -22.94 -14.96 3.40
C VAL C 161 -21.81 -14.74 2.40
N HIS C 162 -20.68 -15.40 2.64
CA HIS C 162 -19.51 -15.34 1.76
C HIS C 162 -18.98 -13.91 1.63
N SER C 163 -19.03 -13.14 2.72
CA SER C 163 -18.49 -11.79 2.74
C SER C 163 -17.14 -11.77 3.46
N LYS C 164 -16.29 -10.83 3.02
CA LYS C 164 -14.95 -10.69 3.60
C LYS C 164 -14.88 -9.61 4.67
N ARG C 165 -15.51 -8.45 4.44
CA ARG C 165 -15.50 -7.39 5.43
C ARG C 165 -16.68 -6.47 5.17
N SER C 166 -17.16 -5.83 6.23
CA SER C 166 -18.30 -4.93 6.14
C SER C 166 -18.40 -4.13 7.44
N PHE C 167 -19.14 -3.04 7.37
CA PHE C 167 -19.29 -2.15 8.52
C PHE C 167 -20.55 -1.31 8.32
N ILE C 168 -20.91 -0.56 9.36
CA ILE C 168 -22.08 0.30 9.37
C ILE C 168 -21.64 1.73 9.64
N HIS C 169 -22.13 2.67 8.84
CA HIS C 169 -21.79 4.07 9.04
C HIS C 169 -22.36 4.58 10.35
N ASP C 170 -21.58 5.43 11.04
CA ASP C 170 -21.97 5.93 12.35
C ASP C 170 -21.71 7.43 12.48
N THR C 171 -21.90 8.19 11.41
CA THR C 171 -21.69 9.63 11.41
C THR C 171 -22.93 10.31 10.85
N THR C 172 -23.47 11.28 11.59
CA THR C 172 -22.96 11.67 12.90
C THR C 172 -23.48 10.74 13.99
N THR C 173 -24.44 9.89 13.60
CA THR C 173 -24.98 8.86 14.46
C THR C 173 -25.20 7.61 13.62
N ASP C 174 -25.58 6.52 14.29
CA ASP C 174 -25.87 5.28 13.57
C ASP C 174 -27.03 5.49 12.60
N ASN C 175 -26.84 5.06 11.36
CA ASN C 175 -27.85 5.23 10.31
C ASN C 175 -28.95 4.18 10.54
N VAL C 176 -29.80 4.46 11.52
CA VAL C 176 -30.86 3.57 11.94
C VAL C 176 -32.18 4.32 11.92
N MET C 177 -33.19 3.72 11.31
CA MET C 177 -34.54 4.28 11.28
C MET C 177 -35.50 3.29 11.93
N LEU C 178 -36.36 3.80 12.82
CA LEU C 178 -37.31 2.96 13.53
C LEU C 178 -38.67 3.65 13.49
N ARG C 179 -39.63 3.02 12.82
CA ARG C 179 -41.00 3.51 12.75
C ARG C 179 -41.94 2.41 13.20
N VAL C 180 -42.83 2.75 14.12
CA VAL C 180 -43.77 1.79 14.70
C VAL C 180 -45.18 2.29 14.48
N GLN C 181 -46.02 1.43 13.91
CA GLN C 181 -47.44 1.73 13.73
C GLN C 181 -48.21 1.43 15.01
N PRO C 182 -49.38 2.03 15.19
CA PRO C 182 -50.15 1.78 16.41
C PRO C 182 -50.51 0.32 16.62
N ASP C 183 -50.76 -0.43 15.55
CA ASP C 183 -51.11 -1.83 15.70
C ASP C 183 -49.91 -2.73 15.97
N GLY C 184 -48.70 -2.22 15.84
CA GLY C 184 -47.50 -2.97 16.12
C GLY C 184 -46.59 -3.23 14.95
N LYS C 185 -46.92 -2.77 13.76
CA LYS C 185 -46.03 -2.93 12.61
C LYS C 185 -44.78 -2.08 12.79
N VAL C 186 -43.64 -2.66 12.46
CA VAL C 186 -42.34 -2.05 12.70
C VAL C 186 -41.57 -1.96 11.38
N LEU C 187 -40.96 -0.81 11.14
CA LEU C 187 -40.09 -0.61 9.99
C LEU C 187 -38.67 -0.34 10.49
N TYR C 188 -37.71 -1.08 9.96
CA TYR C 188 -36.32 -1.00 10.40
C TYR C 188 -35.42 -0.89 9.17
N SER C 189 -34.54 0.11 9.16
CA SER C 189 -33.68 0.39 8.02
C SER C 189 -32.24 0.53 8.48
N LEU C 190 -31.31 0.19 7.59
CA LEU C 190 -29.89 0.30 7.87
C LEU C 190 -29.15 0.70 6.59
N ARG C 191 -27.95 1.24 6.78
CA ARG C 191 -27.05 1.61 5.69
C ARG C 191 -25.71 0.94 5.93
N VAL C 192 -25.34 0.01 5.06
CA VAL C 192 -24.14 -0.80 5.23
C VAL C 192 -23.34 -0.80 3.93
N THR C 193 -22.05 -1.13 4.06
CA THR C 193 -21.16 -1.34 2.93
C THR C 193 -20.57 -2.73 3.07
N VAL C 194 -20.77 -3.57 2.06
CA VAL C 194 -20.45 -4.99 2.14
C VAL C 194 -19.49 -5.36 1.01
N THR C 195 -18.46 -6.12 1.34
CA THR C 195 -17.53 -6.68 0.36
C THR C 195 -17.76 -8.18 0.28
N ALA C 196 -18.03 -8.68 -0.91
CA ALA C 196 -18.33 -10.09 -1.12
C ALA C 196 -17.48 -10.64 -2.25
N MET C 197 -17.13 -11.93 -2.13
CA MET C 197 -16.29 -12.58 -3.11
C MET C 197 -17.09 -13.04 -4.31
N CYS C 198 -16.43 -13.12 -5.46
CA CYS C 198 -17.06 -13.56 -6.70
C CYS C 198 -16.04 -14.33 -7.52
N ASN C 199 -16.44 -15.50 -8.03
CA ASN C 199 -15.55 -16.35 -8.82
C ASN C 199 -15.67 -15.93 -10.28
N MET C 200 -14.58 -15.39 -10.82
CA MET C 200 -14.53 -14.91 -12.19
C MET C 200 -13.69 -15.84 -13.05
N ASP C 201 -14.00 -15.86 -14.34
CA ASP C 201 -13.26 -16.64 -15.33
C ASP C 201 -12.62 -15.70 -16.34
N PHE C 202 -11.33 -15.91 -16.61
CA PHE C 202 -10.58 -15.05 -17.50
C PHE C 202 -10.13 -15.78 -18.77
N SER C 203 -10.92 -16.74 -19.24
CA SER C 203 -10.57 -17.46 -20.47
C SER C 203 -10.66 -16.54 -21.69
N ARG C 204 -11.57 -15.57 -21.66
CA ARG C 204 -11.77 -14.64 -22.78
C ARG C 204 -11.27 -13.24 -22.47
N PHE C 205 -10.40 -13.09 -21.47
CA PHE C 205 -9.88 -11.77 -21.13
C PHE C 205 -9.11 -11.19 -22.32
N PRO C 206 -9.26 -9.88 -22.59
CA PRO C 206 -10.08 -8.91 -21.86
C PRO C 206 -11.49 -8.74 -22.43
N LEU C 207 -11.96 -9.68 -23.23
CA LEU C 207 -13.30 -9.63 -23.83
C LEU C 207 -14.26 -10.56 -23.12
N ASP C 208 -14.13 -10.69 -21.79
CA ASP C 208 -14.93 -11.62 -21.02
C ASP C 208 -16.14 -10.93 -20.40
N THR C 209 -17.07 -11.73 -19.92
CA THR C 209 -18.27 -11.27 -19.23
C THR C 209 -18.39 -12.00 -17.90
N GLN C 210 -18.64 -11.26 -16.83
CA GLN C 210 -18.66 -11.81 -15.49
C GLN C 210 -20.03 -11.59 -14.84
N THR C 211 -20.43 -12.57 -14.03
CA THR C 211 -21.67 -12.51 -13.27
C THR C 211 -21.37 -12.74 -11.80
N CYS C 212 -21.93 -11.89 -10.94
CA CYS C 212 -21.73 -11.98 -9.50
C CYS C 212 -23.07 -11.81 -8.80
N SER C 213 -23.11 -12.26 -7.54
CA SER C 213 -24.35 -12.24 -6.77
C SER C 213 -24.04 -11.93 -5.32
N LEU C 214 -25.05 -11.44 -4.61
CA LEU C 214 -24.98 -11.15 -3.20
C LEU C 214 -26.04 -11.96 -2.45
N GLU C 215 -25.66 -12.49 -1.29
CA GLU C 215 -26.51 -13.40 -0.54
C GLU C 215 -26.87 -12.80 0.81
N ILE C 216 -28.14 -12.93 1.19
CA ILE C 216 -28.65 -12.48 2.49
C ILE C 216 -29.31 -13.66 3.18
N GLU C 217 -28.98 -13.87 4.44
CA GLU C 217 -29.50 -15.02 5.18
C GLU C 217 -29.55 -14.68 6.66
N SER C 218 -30.44 -15.36 7.38
CA SER C 218 -30.52 -15.25 8.82
C SER C 218 -29.54 -16.23 9.46
N TYR C 219 -28.83 -15.76 10.49
CA TYR C 219 -27.75 -16.56 11.06
C TYR C 219 -28.26 -17.52 12.14
N ALA C 220 -29.18 -17.07 12.98
CA ALA C 220 -29.58 -17.83 14.16
C ALA C 220 -30.86 -18.62 13.98
N TYR C 221 -31.85 -18.09 13.28
CA TYR C 221 -33.17 -18.72 13.19
C TYR C 221 -33.31 -19.50 11.89
N THR C 222 -33.81 -20.73 12.01
CA THR C 222 -34.06 -21.59 10.87
C THR C 222 -35.42 -21.27 10.27
N GLU C 223 -35.84 -22.10 9.30
CA GLU C 223 -37.14 -21.89 8.66
C GLU C 223 -38.31 -22.19 9.60
N ASP C 224 -38.08 -22.95 10.67
CA ASP C 224 -39.14 -23.26 11.62
C ASP C 224 -39.39 -22.15 12.62
N ASP C 225 -38.52 -21.14 12.67
CA ASP C 225 -38.69 -20.02 13.58
C ASP C 225 -38.82 -18.68 12.88
N LEU C 226 -38.23 -18.52 11.69
CA LEU C 226 -38.33 -17.26 10.95
C LEU C 226 -38.40 -17.59 9.47
N MET C 227 -39.35 -16.95 8.78
CA MET C 227 -39.53 -17.13 7.34
C MET C 227 -39.10 -15.84 6.64
N LEU C 228 -38.18 -15.96 5.68
CA LEU C 228 -37.63 -14.82 4.97
C LEU C 228 -38.13 -14.82 3.53
N TYR C 229 -38.61 -13.67 3.07
CA TYR C 229 -39.13 -13.53 1.72
C TYR C 229 -39.04 -12.08 1.29
N TRP C 230 -39.11 -11.87 -0.02
CA TRP C 230 -39.08 -10.51 -0.57
C TRP C 230 -40.42 -9.83 -0.30
N LYS C 231 -40.35 -8.55 0.10
CA LYS C 231 -41.56 -7.84 0.50
C LYS C 231 -42.54 -7.70 -0.66
N LYS C 232 -42.04 -7.36 -1.85
CA LYS C 232 -42.90 -7.12 -3.01
C LYS C 232 -42.43 -7.91 -4.22
N GLY C 233 -41.70 -9.00 -4.00
CA GLY C 233 -41.28 -9.84 -5.11
C GLY C 233 -40.27 -9.14 -6.00
N ASN C 234 -40.58 -9.08 -7.30
CA ASN C 234 -39.67 -8.50 -8.27
C ASN C 234 -39.53 -6.99 -8.10
N ASP C 235 -40.46 -6.34 -7.40
CA ASP C 235 -40.45 -4.90 -7.23
C ASP C 235 -39.69 -4.45 -5.98
N SER C 236 -39.06 -5.37 -5.26
CA SER C 236 -38.37 -5.04 -4.03
C SER C 236 -36.94 -4.55 -4.24
N LEU C 237 -36.46 -4.52 -5.48
CA LEU C 237 -35.10 -4.10 -5.79
C LEU C 237 -35.13 -2.78 -6.55
N LYS C 238 -34.39 -1.79 -6.06
CA LYS C 238 -34.26 -0.51 -6.72
C LYS C 238 -32.80 -0.12 -6.82
N THR C 239 -32.46 0.62 -7.87
CA THR C 239 -31.09 1.03 -8.13
C THR C 239 -31.04 2.53 -8.39
N ASP C 240 -29.97 3.16 -7.92
CA ASP C 240 -29.77 4.58 -8.15
C ASP C 240 -29.39 4.83 -9.60
N GLU C 241 -29.82 5.98 -10.13
CA GLU C 241 -29.52 6.35 -11.49
C GLU C 241 -28.07 6.79 -11.68
N ARG C 242 -27.33 7.01 -10.61
CA ARG C 242 -25.94 7.45 -10.68
C ARG C 242 -24.94 6.30 -10.62
N ILE C 243 -25.43 5.05 -10.58
CA ILE C 243 -24.51 3.92 -10.52
C ILE C 243 -23.79 3.77 -11.85
N SER C 244 -22.46 3.76 -11.80
CA SER C 244 -21.65 3.65 -13.00
C SER C 244 -20.27 3.12 -12.63
N LEU C 245 -19.63 2.47 -13.60
CA LEU C 245 -18.26 1.98 -13.45
C LEU C 245 -17.44 2.45 -14.63
N SER C 246 -16.20 2.87 -14.35
CA SER C 246 -15.34 3.40 -15.40
C SER C 246 -14.95 2.33 -16.41
N GLN C 247 -14.72 1.10 -15.94
CA GLN C 247 -14.23 0.03 -16.80
C GLN C 247 -15.28 -1.03 -17.11
N PHE C 248 -16.41 -1.02 -16.40
CA PHE C 248 -17.42 -2.07 -16.56
C PHE C 248 -18.78 -1.46 -16.88
N LEU C 249 -19.62 -2.26 -17.53
CA LEU C 249 -21.00 -1.90 -17.83
C LEU C 249 -21.92 -2.78 -17.00
N ILE C 250 -22.85 -2.15 -16.30
CA ILE C 250 -23.72 -2.84 -15.34
C ILE C 250 -25.10 -3.01 -15.95
N GLN C 251 -25.65 -4.21 -15.83
CA GLN C 251 -26.94 -4.54 -16.42
C GLN C 251 -27.49 -5.79 -15.75
N GLU C 252 -28.77 -6.07 -16.06
CA GLU C 252 -29.43 -7.32 -15.68
C GLU C 252 -29.49 -7.49 -14.16
N PHE C 253 -30.18 -6.57 -13.50
CA PHE C 253 -30.45 -6.70 -12.07
C PHE C 253 -31.73 -7.50 -11.86
N HIS C 254 -31.63 -8.54 -11.04
CA HIS C 254 -32.79 -9.37 -10.71
C HIS C 254 -32.50 -10.10 -9.40
N THR C 255 -33.56 -10.64 -8.81
CA THR C 255 -33.49 -11.33 -7.53
C THR C 255 -34.10 -12.72 -7.65
N THR C 256 -33.56 -13.66 -6.87
CA THR C 256 -34.04 -15.03 -6.82
C THR C 256 -34.10 -15.47 -5.37
N THR C 257 -34.52 -16.71 -5.16
CA THR C 257 -34.63 -17.27 -3.82
C THR C 257 -34.30 -18.76 -3.88
N LYS C 258 -33.56 -19.22 -2.87
CA LYS C 258 -33.18 -20.62 -2.79
C LYS C 258 -32.91 -20.97 -1.34
N LEU C 259 -33.12 -22.25 -1.00
CA LEU C 259 -32.91 -22.74 0.35
C LEU C 259 -31.47 -23.21 0.53
N ALA C 260 -31.02 -23.22 1.78
CA ALA C 260 -29.69 -23.68 2.15
C ALA C 260 -29.80 -24.68 3.29
N PHE C 261 -28.87 -25.63 3.32
CA PHE C 261 -28.87 -26.67 4.34
C PHE C 261 -27.48 -26.76 4.98
N TYR C 262 -27.47 -26.92 6.29
CA TYR C 262 -26.25 -27.16 7.05
C TYR C 262 -26.39 -28.48 7.78
N SER C 263 -25.32 -29.28 7.80
CA SER C 263 -25.40 -30.64 8.33
C SER C 263 -25.65 -30.68 9.83
N SER C 264 -25.39 -29.60 10.56
CA SER C 264 -25.47 -29.62 12.01
C SER C 264 -26.41 -28.58 12.61
N THR C 265 -27.06 -27.74 11.80
CA THR C 265 -27.96 -26.75 12.37
C THR C 265 -29.36 -26.86 11.79
N GLY C 266 -29.46 -27.23 10.52
CA GLY C 266 -30.75 -27.38 9.88
C GLY C 266 -30.81 -26.59 8.58
N TRP C 267 -32.03 -26.26 8.17
CA TRP C 267 -32.29 -25.59 6.91
C TRP C 267 -32.46 -24.09 7.11
N TYR C 268 -32.13 -23.31 6.07
CA TYR C 268 -32.28 -21.87 6.09
C TYR C 268 -32.75 -21.39 4.73
N ASN C 269 -33.19 -20.14 4.69
CA ASN C 269 -33.67 -19.50 3.46
C ASN C 269 -32.72 -18.38 3.08
N ARG C 270 -32.37 -18.31 1.79
CA ARG C 270 -31.43 -17.32 1.28
C ARG C 270 -32.11 -16.45 0.25
N LEU C 271 -31.62 -15.22 0.12
CA LEU C 271 -32.06 -14.27 -0.90
C LEU C 271 -30.85 -13.86 -1.74
N TYR C 272 -31.09 -13.66 -3.04
CA TYR C 272 -30.02 -13.37 -3.98
C TYR C 272 -30.29 -12.08 -4.73
N ILE C 273 -29.22 -11.35 -5.01
CA ILE C 273 -29.25 -10.16 -5.87
C ILE C 273 -28.18 -10.36 -6.94
N ASN C 274 -28.60 -10.38 -8.20
CA ASN C 274 -27.73 -10.74 -9.32
C ASN C 274 -27.56 -9.56 -10.26
N PHE C 275 -26.39 -9.51 -10.89
CA PHE C 275 -26.08 -8.48 -11.88
C PHE C 275 -24.99 -9.01 -12.81
N THR C 276 -24.84 -8.34 -13.95
CA THR C 276 -23.88 -8.75 -14.97
C THR C 276 -22.98 -7.58 -15.32
N LEU C 277 -21.73 -7.88 -15.67
CA LEU C 277 -20.72 -6.88 -15.95
C LEU C 277 -20.03 -7.17 -17.26
N ARG C 278 -19.72 -6.12 -18.02
CA ARG C 278 -19.03 -6.23 -19.29
C ARG C 278 -17.91 -5.19 -19.36
N ARG C 279 -16.73 -5.62 -19.81
CA ARG C 279 -15.57 -4.75 -19.86
C ARG C 279 -15.63 -3.83 -21.09
N HIS C 280 -14.77 -2.82 -21.06
CA HIS C 280 -14.56 -1.94 -22.19
C HIS C 280 -13.23 -2.28 -22.86
N ILE C 281 -13.25 -2.41 -24.19
CA ILE C 281 -12.09 -2.93 -24.92
C ILE C 281 -11.20 -1.83 -25.48
N PHE C 282 -11.62 -0.56 -25.42
CA PHE C 282 -10.85 0.51 -26.06
C PHE C 282 -9.46 0.63 -25.47
N PHE C 283 -9.35 0.59 -24.13
CA PHE C 283 -8.06 0.77 -23.48
C PHE C 283 -7.09 -0.36 -23.84
N PHE C 284 -7.58 -1.61 -23.82
CA PHE C 284 -6.71 -2.74 -24.10
C PHE C 284 -6.22 -2.74 -25.54
N LEU C 285 -7.10 -2.40 -26.47
CA LEU C 285 -6.70 -2.35 -27.89
C LEU C 285 -5.58 -1.34 -28.10
N LEU C 286 -5.77 -0.12 -27.60
CA LEU C 286 -4.79 0.94 -27.84
C LEU C 286 -3.47 0.69 -27.13
N GLN C 287 -3.51 0.10 -25.93
CA GLN C 287 -2.31 -0.05 -25.14
C GLN C 287 -1.52 -1.31 -25.49
N THR C 288 -2.20 -2.37 -25.93
CA THR C 288 -1.55 -3.66 -26.16
C THR C 288 -1.59 -4.09 -27.62
N TYR C 289 -2.77 -4.10 -28.24
CA TYR C 289 -2.89 -4.65 -29.60
C TYR C 289 -2.19 -3.78 -30.63
N PHE C 290 -2.38 -2.47 -30.58
CA PHE C 290 -1.74 -1.58 -31.56
C PHE C 290 -0.22 -1.62 -31.47
N PRO C 291 0.42 -1.51 -30.30
CA PRO C 291 1.90 -1.61 -30.28
C PRO C 291 2.42 -2.95 -30.78
N ALA C 292 1.69 -4.03 -30.53
CA ALA C 292 2.13 -5.34 -30.99
C ALA C 292 2.14 -5.42 -32.52
N THR C 293 1.08 -4.90 -33.16
CA THR C 293 1.00 -4.95 -34.61
C THR C 293 2.09 -4.11 -35.26
N LEU C 294 2.37 -2.93 -34.69
CA LEU C 294 3.38 -2.04 -35.27
C LEU C 294 4.77 -2.68 -35.24
N MET C 295 5.09 -3.38 -34.15
CA MET C 295 6.39 -4.05 -34.05
C MET C 295 6.52 -5.15 -35.10
N VAL C 296 5.45 -5.89 -35.35
CA VAL C 296 5.49 -6.95 -36.36
C VAL C 296 5.74 -6.37 -37.74
N MET C 297 5.04 -5.27 -38.07
CA MET C 297 5.24 -4.66 -39.38
C MET C 297 6.62 -4.01 -39.49
N LEU C 298 7.24 -3.66 -38.35
CA LEU C 298 8.58 -3.10 -38.39
C LEU C 298 9.61 -4.11 -38.87
N SER C 299 9.41 -5.39 -38.57
CA SER C 299 10.35 -6.41 -39.01
C SER C 299 10.26 -6.67 -40.51
N TRP C 300 9.12 -6.33 -41.13
CA TRP C 300 8.93 -6.56 -42.54
C TRP C 300 9.73 -5.61 -43.42
N VAL C 301 10.18 -4.47 -42.87
CA VAL C 301 10.93 -3.51 -43.69
C VAL C 301 12.34 -3.99 -43.97
N SER C 302 12.82 -5.00 -43.24
CA SER C 302 14.16 -5.52 -43.49
C SER C 302 14.25 -6.30 -44.80
N PHE C 303 13.13 -6.84 -45.28
CA PHE C 303 13.13 -7.59 -46.53
C PHE C 303 13.37 -6.71 -47.74
N TRP C 304 13.20 -5.39 -47.62
CA TRP C 304 13.40 -4.46 -48.73
C TRP C 304 14.78 -3.81 -48.69
N ILE C 305 15.65 -4.23 -47.78
CA ILE C 305 16.99 -3.68 -47.64
C ILE C 305 17.98 -4.64 -48.27
N ASP C 306 19.03 -4.10 -48.87
CA ASP C 306 20.06 -4.93 -49.49
C ASP C 306 20.70 -5.85 -48.46
N ARG C 307 20.92 -7.10 -48.87
CA ARG C 307 21.46 -8.10 -47.96
C ARG C 307 22.94 -7.90 -47.65
N ARG C 308 23.62 -7.02 -48.39
CA ARG C 308 25.04 -6.76 -48.14
C ARG C 308 25.28 -5.88 -46.92
N ALA C 309 24.25 -5.23 -46.40
CA ALA C 309 24.37 -4.41 -45.20
C ALA C 309 24.05 -5.26 -43.98
N VAL C 310 24.98 -6.18 -43.68
CA VAL C 310 24.80 -7.10 -42.56
C VAL C 310 24.67 -6.37 -41.22
N PRO C 311 25.53 -5.39 -40.87
CA PRO C 311 25.38 -4.73 -39.57
C PRO C 311 24.19 -3.77 -39.52
N ALA C 312 23.43 -3.69 -40.61
CA ALA C 312 22.27 -2.80 -40.67
C ALA C 312 20.96 -3.53 -40.52
N ARG C 313 20.88 -4.81 -40.89
CA ARG C 313 19.66 -5.59 -40.79
C ARG C 313 19.58 -6.43 -39.52
N VAL C 314 20.72 -6.94 -39.04
CA VAL C 314 20.72 -7.74 -37.82
C VAL C 314 20.24 -6.96 -36.61
N PRO C 315 20.74 -5.74 -36.33
CA PRO C 315 20.20 -4.99 -35.18
C PRO C 315 18.71 -4.70 -35.29
N LEU C 316 18.20 -4.50 -36.50
CA LEU C 316 16.77 -4.23 -36.66
C LEU C 316 15.93 -5.41 -36.16
N GLY C 317 16.30 -6.63 -36.55
CA GLY C 317 15.55 -7.79 -36.11
C GLY C 317 15.64 -8.04 -34.62
N ILE C 318 16.83 -7.88 -34.05
CA ILE C 318 17.04 -8.20 -32.65
C ILE C 318 16.28 -7.23 -31.75
N THR C 319 16.33 -5.93 -32.08
CA THR C 319 15.66 -4.93 -31.24
C THR C 319 14.15 -5.15 -31.24
N THR C 320 13.58 -5.59 -32.35
CA THR C 320 12.15 -5.89 -32.39
C THR C 320 11.80 -7.05 -31.48
N VAL C 321 12.66 -8.08 -31.42
CA VAL C 321 12.42 -9.22 -30.54
C VAL C 321 12.43 -8.77 -29.09
N LEU C 322 13.42 -7.97 -28.71
CA LEU C 322 13.52 -7.51 -27.33
C LEU C 322 12.34 -6.63 -26.94
N THR C 323 11.91 -5.75 -27.85
CA THR C 323 10.77 -4.89 -27.56
C THR C 323 9.50 -5.70 -27.39
N MET C 324 9.30 -6.73 -28.22
CA MET C 324 8.12 -7.56 -28.09
C MET C 324 8.11 -8.31 -26.76
N SER C 325 9.28 -8.78 -26.32
CA SER C 325 9.37 -9.46 -25.03
C SER C 325 9.00 -8.52 -23.89
N THR C 326 9.44 -7.26 -23.96
CA THR C 326 9.10 -6.30 -22.93
C THR C 326 7.59 -6.06 -22.85
N ILE C 327 6.92 -5.99 -24.01
CA ILE C 327 5.48 -5.77 -24.04
C ILE C 327 4.76 -6.93 -23.36
N ILE C 328 5.18 -8.17 -23.65
CA ILE C 328 4.51 -9.34 -23.09
C ILE C 328 4.63 -9.35 -21.57
N THR C 329 5.82 -9.02 -21.05
CA THR C 329 6.04 -9.07 -19.60
C THR C 329 5.15 -8.06 -18.87
N GLY C 330 5.01 -6.86 -19.42
CA GLY C 330 4.29 -5.81 -18.72
C GLY C 330 2.80 -6.08 -18.60
N VAL C 331 2.24 -6.87 -19.51
CA VAL C 331 0.79 -7.11 -19.49
C VAL C 331 0.40 -7.98 -18.29
N ASN C 332 1.20 -8.99 -17.99
CA ASN C 332 0.83 -9.95 -16.94
C ASN C 332 0.94 -9.37 -15.54
N ALA C 333 1.52 -8.18 -15.38
CA ALA C 333 1.71 -7.61 -14.04
C ALA C 333 0.39 -7.27 -13.36
N SER C 334 -0.68 -7.07 -14.12
CA SER C 334 -1.96 -6.66 -13.56
C SER C 334 -2.98 -7.79 -13.47
N MET C 335 -2.56 -9.03 -13.66
CA MET C 335 -3.44 -10.19 -13.63
C MET C 335 -2.92 -11.22 -12.64
N PRO C 336 -3.80 -12.02 -12.06
CA PRO C 336 -3.36 -13.07 -11.13
C PRO C 336 -2.73 -14.24 -11.86
N ARG C 337 -2.17 -15.16 -11.06
CA ARG C 337 -1.46 -16.33 -11.59
C ARG C 337 -2.47 -17.45 -11.82
N VAL C 338 -3.16 -17.37 -12.95
CA VAL C 338 -4.12 -18.40 -13.34
C VAL C 338 -3.37 -19.58 -13.94
N SER C 339 -4.05 -20.73 -14.06
CA SER C 339 -3.46 -21.95 -14.59
C SER C 339 -3.85 -22.21 -16.04
N TYR C 340 -4.45 -21.23 -16.71
CA TYR C 340 -4.86 -21.38 -18.10
C TYR C 340 -4.45 -20.13 -18.88
N ILE C 341 -4.28 -20.30 -20.18
CA ILE C 341 -3.83 -19.24 -21.06
C ILE C 341 -5.02 -18.37 -21.45
N LYS C 342 -4.79 -17.06 -21.51
CA LYS C 342 -5.84 -16.10 -21.83
C LYS C 342 -5.80 -15.76 -23.32
N ALA C 343 -6.86 -15.07 -23.77
CA ALA C 343 -6.95 -14.69 -25.18
C ALA C 343 -5.86 -13.70 -25.56
N VAL C 344 -5.52 -12.77 -24.68
CA VAL C 344 -4.50 -11.78 -24.97
C VAL C 344 -3.13 -12.44 -25.10
N ASP C 345 -2.86 -13.47 -24.30
CA ASP C 345 -1.57 -14.15 -24.37
C ASP C 345 -1.35 -14.81 -25.72
N ILE C 346 -2.42 -15.35 -26.31
CA ILE C 346 -2.30 -16.02 -27.61
C ILE C 346 -1.84 -15.03 -28.68
N TYR C 347 -2.45 -13.84 -28.70
CA TYR C 347 -2.10 -12.85 -29.71
C TYR C 347 -0.66 -12.39 -29.55
N LEU C 348 -0.22 -12.16 -28.31
CA LEU C 348 1.13 -11.65 -28.08
C LEU C 348 2.18 -12.69 -28.45
N TRP C 349 1.98 -13.95 -28.07
CA TRP C 349 2.99 -14.97 -28.31
C TRP C 349 3.08 -15.34 -29.78
N VAL C 350 1.96 -15.33 -30.50
CA VAL C 350 2.00 -15.57 -31.94
C VAL C 350 2.80 -14.49 -32.64
N SER C 351 2.61 -13.23 -32.23
CA SER C 351 3.39 -12.14 -32.80
C SER C 351 4.87 -12.30 -32.49
N PHE C 352 5.21 -12.80 -31.30
CA PHE C 352 6.60 -13.03 -30.96
C PHE C 352 7.24 -14.05 -31.89
N VAL C 353 6.50 -15.10 -32.23
CA VAL C 353 7.02 -16.12 -33.15
C VAL C 353 7.29 -15.52 -34.52
N PHE C 354 6.39 -14.64 -35.00
CA PHE C 354 6.57 -14.03 -36.30
C PHE C 354 7.85 -13.21 -36.35
N VAL C 355 8.12 -12.43 -35.31
CA VAL C 355 9.34 -11.64 -35.27
C VAL C 355 10.57 -12.54 -35.15
N PHE C 356 10.46 -13.61 -34.36
CA PHE C 356 11.57 -14.53 -34.19
C PHE C 356 11.94 -15.20 -35.51
N LEU C 357 10.93 -15.63 -36.28
CA LEU C 357 11.19 -16.26 -37.56
C LEU C 357 11.84 -15.28 -38.54
N SER C 358 11.53 -13.98 -38.40
CA SER C 358 12.12 -12.98 -39.28
C SER C 358 13.64 -12.91 -39.09
N VAL C 359 14.10 -13.02 -37.85
CA VAL C 359 15.54 -13.01 -37.58
C VAL C 359 16.21 -14.23 -38.21
N LEU C 360 15.59 -15.41 -38.07
CA LEU C 360 16.14 -16.62 -38.68
C LEU C 360 16.13 -16.55 -40.19
N GLU C 361 15.21 -15.76 -40.77
CA GLU C 361 15.12 -15.69 -42.22
C GLU C 361 16.39 -15.09 -42.84
N TYR C 362 16.93 -14.03 -42.23
CA TYR C 362 18.13 -13.41 -42.77
C TYR C 362 19.35 -14.29 -42.55
N ALA C 363 19.36 -15.07 -41.48
CA ALA C 363 20.50 -15.96 -41.21
C ALA C 363 20.65 -16.99 -42.32
N ALA C 364 19.54 -17.56 -42.79
CA ALA C 364 19.60 -18.52 -43.90
C ALA C 364 20.12 -17.86 -45.16
N VAL C 365 19.66 -16.65 -45.46
CA VAL C 365 20.09 -15.94 -46.66
C VAL C 365 21.59 -15.66 -46.61
N ASN C 366 22.07 -15.19 -45.46
CA ASN C 366 23.49 -14.87 -45.34
C ASN C 366 24.36 -16.12 -45.51
N TYR C 367 23.95 -17.24 -44.90
CA TYR C 367 24.72 -18.47 -45.01
C TYR C 367 24.77 -18.97 -46.45
N LEU C 368 23.62 -18.95 -47.14
CA LEU C 368 23.59 -19.44 -48.51
C LEU C 368 24.43 -18.56 -49.43
N THR C 369 24.43 -17.25 -49.20
CA THR C 369 25.25 -16.35 -50.01
C THR C 369 26.74 -16.66 -49.82
N THR C 370 27.17 -16.89 -48.58
CA THR C 370 28.57 -17.22 -48.33
C THR C 370 28.97 -18.52 -48.99
N VAL C 371 28.10 -19.54 -48.93
CA VAL C 371 28.39 -20.82 -49.57
C VAL C 371 28.48 -20.65 -51.08
N GLN C 372 27.55 -19.87 -51.65
CA GLN C 372 27.56 -19.67 -53.10
C GLN C 372 28.84 -18.97 -53.55
N GLU C 373 29.28 -17.96 -52.81
CA GLU C 373 30.53 -17.28 -53.15
C GLU C 373 31.72 -18.22 -53.04
N ARG C 374 31.76 -19.05 -51.99
CA ARG C 374 32.86 -19.99 -51.82
C ARG C 374 32.90 -21.00 -52.97
N LYS C 375 31.74 -21.53 -53.36
CA LYS C 375 31.69 -22.49 -54.46
C LYS C 375 32.14 -21.85 -55.77
N GLU C 376 31.71 -20.61 -56.02
CA GLU C 376 32.11 -19.92 -57.24
C GLU C 376 33.60 -19.62 -57.25
N GLN C 377 34.15 -19.23 -56.10
CA GLN C 377 35.58 -18.93 -56.03
C GLN C 377 36.42 -20.17 -56.28
N LYS C 378 36.01 -21.31 -55.73
CA LYS C 378 36.73 -22.57 -55.92
C LYS C 378 36.54 -23.10 -57.33
N ASP C 451 21.63 -8.26 -57.02
CA ASP C 451 20.39 -9.00 -57.25
C ASP C 451 19.67 -9.27 -55.93
N THR C 452 18.43 -9.74 -56.03
CA THR C 452 17.60 -10.06 -54.88
C THR C 452 17.50 -11.57 -54.74
N HIS C 453 17.78 -12.08 -53.53
CA HIS C 453 17.72 -13.51 -53.28
C HIS C 453 16.28 -14.00 -53.33
N ALA C 454 16.13 -15.29 -53.67
CA ALA C 454 14.80 -15.88 -53.80
C ALA C 454 14.05 -15.89 -52.47
N ILE C 455 14.77 -16.11 -51.35
CA ILE C 455 14.12 -16.15 -50.05
C ILE C 455 13.51 -14.79 -49.71
N ASP C 456 14.26 -13.71 -49.97
CA ASP C 456 13.75 -12.37 -49.68
C ASP C 456 12.53 -12.05 -50.54
N LYS C 457 12.55 -12.44 -51.81
CA LYS C 457 11.44 -12.12 -52.70
C LYS C 457 10.14 -12.77 -52.26
N TYR C 458 10.21 -14.04 -51.84
CA TYR C 458 9.01 -14.73 -51.38
C TYR C 458 8.58 -14.27 -49.99
N SER C 459 9.52 -13.86 -49.15
CA SER C 459 9.19 -13.43 -47.79
C SER C 459 8.36 -12.15 -47.81
N ARG C 460 8.52 -11.33 -48.85
CA ARG C 460 7.77 -10.08 -48.93
C ARG C 460 6.27 -10.32 -49.05
N ILE C 461 5.87 -11.47 -49.59
CA ILE C 461 4.46 -11.77 -49.82
C ILE C 461 3.92 -12.77 -48.80
N ILE C 462 4.72 -13.79 -48.45
CA ILE C 462 4.22 -14.84 -47.56
C ILE C 462 3.96 -14.30 -46.16
N PHE C 463 4.89 -13.50 -45.63
CA PHE C 463 4.73 -13.01 -44.26
C PHE C 463 3.50 -12.12 -44.08
N PRO C 464 3.24 -11.11 -44.93
CA PRO C 464 2.00 -10.35 -44.74
C PRO C 464 0.74 -11.18 -44.90
N ALA C 465 0.74 -12.15 -45.81
CA ALA C 465 -0.44 -12.98 -46.03
C ALA C 465 -0.76 -13.83 -44.80
N ALA C 466 0.27 -14.42 -44.19
CA ALA C 466 0.04 -15.28 -43.03
C ALA C 466 -0.51 -14.49 -41.84
N TYR C 467 0.03 -13.29 -41.60
CA TYR C 467 -0.42 -12.49 -40.47
C TYR C 467 -1.85 -12.03 -40.64
N ILE C 468 -2.23 -11.63 -41.86
CA ILE C 468 -3.60 -11.20 -42.11
C ILE C 468 -4.56 -12.37 -41.93
N LEU C 469 -4.19 -13.56 -42.41
CA LEU C 469 -5.04 -14.73 -42.22
C LEU C 469 -5.22 -15.04 -40.73
N PHE C 470 -4.14 -14.90 -39.94
CA PHE C 470 -4.24 -15.14 -38.51
C PHE C 470 -5.21 -14.16 -37.85
N ASN C 471 -5.17 -12.89 -38.25
CA ASN C 471 -6.07 -11.89 -37.67
C ASN C 471 -7.53 -12.22 -37.98
N LEU C 472 -7.82 -12.64 -39.20
CA LEU C 472 -9.19 -12.99 -39.57
C LEU C 472 -9.72 -14.13 -38.71
N ILE C 473 -8.89 -15.16 -38.50
CA ILE C 473 -9.32 -16.30 -37.69
C ILE C 473 -9.42 -15.90 -36.22
N TYR C 474 -8.44 -15.13 -35.73
CA TYR C 474 -8.44 -14.77 -34.31
C TYR C 474 -9.65 -13.91 -33.95
N TRP C 475 -9.98 -12.93 -34.79
CA TRP C 475 -11.09 -12.04 -34.48
C TRP C 475 -12.45 -12.64 -34.80
N SER C 476 -12.50 -13.71 -35.58
CA SER C 476 -13.77 -14.39 -35.83
C SER C 476 -14.20 -15.25 -34.65
N ILE C 477 -13.24 -15.90 -33.97
CA ILE C 477 -13.58 -16.76 -32.85
C ILE C 477 -14.01 -15.91 -31.65
N PHE C 478 -13.28 -14.84 -31.37
CA PHE C 478 -13.57 -14.00 -30.21
C PHE C 478 -14.46 -12.81 -30.53
N SER C 479 -14.94 -12.70 -31.77
CA SER C 479 -15.82 -11.61 -32.20
C SER C 479 -15.21 -10.24 -31.93
N GLN D 77 -39.20 -14.10 33.60
CA GLN D 77 -38.02 -14.59 32.90
C GLN D 77 -37.96 -16.12 32.94
N LEU D 78 -37.74 -16.73 31.76
CA LEU D 78 -37.66 -18.18 31.68
C LEU D 78 -36.39 -18.70 32.34
N LEU D 79 -35.29 -17.94 32.23
CA LEU D 79 -34.02 -18.32 32.82
C LEU D 79 -33.73 -17.46 34.04
N ARG D 80 -33.35 -18.11 35.14
CA ARG D 80 -33.02 -17.41 36.39
C ARG D 80 -31.55 -16.98 36.37
N ILE D 81 -31.29 -15.98 35.53
CA ILE D 81 -29.92 -15.48 35.38
C ILE D 81 -29.48 -14.74 36.64
N ASP D 82 -30.36 -13.91 37.20
CA ASP D 82 -30.00 -13.08 38.34
C ASP D 82 -29.84 -13.86 39.63
N ASP D 83 -30.23 -15.14 39.65
CA ASP D 83 -30.17 -15.94 40.87
C ASP D 83 -28.87 -16.72 41.01
N HIS D 84 -27.93 -16.56 40.08
CA HIS D 84 -26.67 -17.30 40.12
C HIS D 84 -25.52 -16.36 39.83
N ASP D 85 -24.33 -16.74 40.30
CA ASP D 85 -23.08 -16.01 40.04
C ASP D 85 -22.35 -16.74 38.93
N PHE D 86 -22.34 -16.15 37.73
CA PHE D 86 -21.73 -16.76 36.57
C PHE D 86 -20.25 -16.41 36.42
N SER D 87 -19.61 -15.94 37.50
CA SER D 87 -18.18 -15.67 37.48
C SER D 87 -17.36 -16.92 37.72
N MET D 88 -17.98 -18.05 38.02
CA MET D 88 -17.31 -19.32 38.25
C MET D 88 -17.80 -20.36 37.26
N ARG D 89 -16.90 -21.23 36.81
CA ARG D 89 -17.26 -22.26 35.87
C ARG D 89 -18.16 -23.30 36.52
N PRO D 90 -18.97 -24.01 35.72
CA PRO D 90 -19.77 -25.11 36.28
C PRO D 90 -18.88 -26.17 36.90
N GLY D 91 -19.35 -26.75 38.01
CA GLY D 91 -18.53 -27.68 38.76
C GLY D 91 -17.32 -27.02 39.39
N PHE D 92 -17.49 -25.81 39.92
CA PHE D 92 -16.37 -25.07 40.51
C PHE D 92 -15.81 -25.82 41.71
N GLY D 93 -14.48 -25.93 41.74
CA GLY D 93 -13.81 -26.64 42.81
C GLY D 93 -13.86 -28.14 42.72
N GLY D 94 -14.30 -28.70 41.58
CA GLY D 94 -14.41 -30.12 41.42
C GLY D 94 -13.79 -30.63 40.14
N PRO D 95 -14.35 -31.70 39.59
CA PRO D 95 -13.80 -32.27 38.35
C PRO D 95 -13.98 -31.34 37.17
N ALA D 96 -13.17 -31.58 36.14
CA ALA D 96 -13.21 -30.78 34.93
C ALA D 96 -14.52 -31.01 34.17
N ILE D 97 -14.90 -30.01 33.39
CA ILE D 97 -16.13 -30.04 32.59
C ILE D 97 -15.75 -30.26 31.13
N PRO D 98 -16.22 -31.33 30.50
CA PRO D 98 -15.90 -31.57 29.09
C PRO D 98 -16.53 -30.52 28.17
N VAL D 99 -15.83 -30.22 27.09
CA VAL D 99 -16.28 -29.26 26.09
C VAL D 99 -16.06 -29.85 24.71
N GLY D 100 -17.08 -29.81 23.86
CA GLY D 100 -16.97 -30.29 22.50
C GLY D 100 -16.81 -29.16 21.49
N VAL D 101 -16.18 -29.44 20.36
CA VAL D 101 -15.92 -28.45 19.33
C VAL D 101 -16.31 -29.01 17.97
N ASP D 102 -17.04 -28.22 17.19
CA ASP D 102 -17.34 -28.53 15.80
C ASP D 102 -16.91 -27.35 14.93
N VAL D 103 -16.30 -27.68 13.79
CA VAL D 103 -15.70 -26.69 12.90
C VAL D 103 -16.15 -26.94 11.48
N GLN D 104 -16.63 -25.89 10.82
CA GLN D 104 -16.95 -25.92 9.39
C GLN D 104 -16.20 -24.80 8.70
N VAL D 105 -15.39 -25.15 7.71
CA VAL D 105 -14.56 -24.18 7.01
C VAL D 105 -15.35 -23.58 5.86
N GLU D 106 -15.33 -22.25 5.76
CA GLU D 106 -16.08 -21.53 4.74
C GLU D 106 -15.25 -21.21 3.50
N SER D 107 -14.10 -20.55 3.66
CA SER D 107 -13.27 -20.21 2.52
C SER D 107 -11.87 -19.82 3.01
N LEU D 108 -10.91 -19.86 2.09
CA LEU D 108 -9.56 -19.37 2.32
C LEU D 108 -9.35 -18.12 1.49
N ASP D 109 -8.84 -17.06 2.13
CA ASP D 109 -8.79 -15.74 1.51
C ASP D 109 -7.51 -15.51 0.71
N SER D 110 -6.35 -15.55 1.36
CA SER D 110 -5.11 -15.22 0.68
C SER D 110 -3.94 -15.91 1.36
N ILE D 111 -2.84 -16.03 0.61
CA ILE D 111 -1.59 -16.60 1.09
C ILE D 111 -0.47 -15.63 0.73
N SER D 112 0.38 -15.31 1.70
CA SER D 112 1.48 -14.38 1.50
C SER D 112 2.79 -15.13 1.64
N GLU D 113 3.66 -15.01 0.64
CA GLU D 113 4.97 -15.66 0.69
C GLU D 113 5.96 -14.86 1.53
N VAL D 114 5.92 -13.53 1.41
CA VAL D 114 6.86 -12.70 2.17
C VAL D 114 6.53 -12.72 3.65
N ASP D 115 5.24 -12.70 3.99
CA ASP D 115 4.82 -12.68 5.38
C ASP D 115 4.61 -14.07 5.97
N MET D 116 4.43 -15.09 5.11
CA MET D 116 4.32 -16.48 5.52
C MET D 116 3.16 -16.69 6.49
N ASP D 117 1.96 -16.38 5.99
CA ASP D 117 0.73 -16.57 6.75
C ASP D 117 -0.42 -16.80 5.79
N PHE D 118 -1.55 -17.23 6.36
CA PHE D 118 -2.76 -17.48 5.59
C PHE D 118 -3.96 -17.00 6.38
N THR D 119 -5.06 -16.74 5.66
CA THR D 119 -6.29 -16.25 6.26
C THR D 119 -7.41 -17.25 6.02
N MET D 120 -8.17 -17.53 7.07
CA MET D 120 -9.25 -18.51 7.00
C MET D 120 -10.48 -17.98 7.71
N THR D 121 -11.64 -18.27 7.14
CA THR D 121 -12.94 -17.96 7.74
C THR D 121 -13.68 -19.26 8.01
N LEU D 122 -14.22 -19.40 9.20
CA LEU D 122 -14.80 -20.66 9.63
C LEU D 122 -15.86 -20.41 10.69
N TYR D 123 -16.68 -21.43 10.93
CA TYR D 123 -17.69 -21.42 11.98
C TYR D 123 -17.20 -22.28 13.14
N LEU D 124 -17.25 -21.73 14.35
CA LEU D 124 -16.80 -22.42 15.54
C LEU D 124 -17.99 -22.70 16.44
N ARG D 125 -18.11 -23.93 16.92
CA ARG D 125 -19.23 -24.35 17.76
C ARG D 125 -18.70 -24.97 19.03
N HIS D 126 -19.46 -24.83 20.12
CA HIS D 126 -19.09 -25.36 21.42
C HIS D 126 -20.26 -26.15 22.00
N TYR D 127 -19.93 -27.17 22.79
CA TYR D 127 -20.93 -28.01 23.44
C TYR D 127 -20.53 -28.24 24.89
N TRP D 128 -21.46 -27.95 25.80
CA TRP D 128 -21.26 -28.20 27.22
C TRP D 128 -22.63 -28.22 27.89
N LYS D 129 -22.63 -28.58 29.18
CA LYS D 129 -23.85 -28.66 29.97
C LYS D 129 -23.70 -27.82 31.24
N ASP D 130 -24.74 -27.07 31.56
CA ASP D 130 -24.77 -26.24 32.77
C ASP D 130 -26.15 -26.35 33.39
N GLU D 131 -26.22 -26.91 34.59
CA GLU D 131 -27.50 -27.11 35.25
C GLU D 131 -28.16 -25.80 35.70
N ARG D 132 -27.38 -24.71 35.79
CA ARG D 132 -27.92 -23.43 36.22
C ARG D 132 -28.83 -22.79 35.18
N LEU D 133 -28.81 -23.26 33.93
CA LEU D 133 -29.64 -22.71 32.86
C LEU D 133 -30.88 -23.55 32.58
N SER D 134 -31.20 -24.50 33.46
CA SER D 134 -32.34 -25.37 33.23
C SER D 134 -33.65 -24.60 33.41
N PHE D 135 -34.62 -24.92 32.57
CA PHE D 135 -35.96 -24.34 32.63
C PHE D 135 -36.98 -25.44 32.41
N PRO D 136 -38.16 -25.32 33.00
CA PRO D 136 -39.18 -26.37 32.84
C PRO D 136 -39.94 -26.26 31.53
N SER D 137 -40.17 -27.42 30.92
CA SER D 137 -40.95 -27.51 29.68
C SER D 137 -41.40 -28.95 29.51
N THR D 138 -42.33 -29.14 28.58
CA THR D 138 -42.89 -30.47 28.30
C THR D 138 -42.51 -31.03 26.93
N ASN D 139 -42.14 -30.18 25.98
CA ASN D 139 -41.81 -30.64 24.64
C ASN D 139 -40.41 -31.24 24.53
N ASN D 140 -39.50 -30.83 25.41
CA ASN D 140 -38.12 -31.30 25.42
C ASN D 140 -37.45 -31.01 24.06
N LEU D 141 -37.42 -29.72 23.72
CA LEU D 141 -36.81 -29.28 22.47
C LEU D 141 -35.94 -28.07 22.75
N SER D 142 -34.95 -27.87 21.88
CA SER D 142 -34.03 -26.75 22.03
C SER D 142 -34.76 -25.44 21.74
N MET D 143 -34.42 -24.41 22.53
CA MET D 143 -34.99 -23.08 22.37
C MET D 143 -33.89 -22.09 22.05
N THR D 144 -34.17 -21.17 21.13
CA THR D 144 -33.19 -20.23 20.62
C THR D 144 -33.46 -18.84 21.17
N PHE D 145 -32.41 -18.17 21.64
CA PHE D 145 -32.49 -16.82 22.16
C PHE D 145 -31.80 -15.85 21.21
N ASP D 146 -32.05 -14.56 21.41
CA ASP D 146 -31.56 -13.54 20.49
C ASP D 146 -30.04 -13.48 20.44
N GLY D 147 -29.35 -13.83 21.53
CA GLY D 147 -27.90 -13.88 21.55
C GLY D 147 -27.22 -12.85 22.42
N ARG D 148 -27.93 -11.82 22.87
CA ARG D 148 -27.31 -10.84 23.76
C ARG D 148 -27.25 -11.31 25.21
N LEU D 149 -27.86 -12.46 25.53
CA LEU D 149 -27.77 -13.04 26.86
C LEU D 149 -26.43 -13.75 27.08
N VAL D 150 -25.61 -13.87 26.04
CA VAL D 150 -24.32 -14.55 26.17
C VAL D 150 -23.43 -13.82 27.16
N LYS D 151 -23.41 -12.49 27.10
CA LYS D 151 -22.57 -11.69 27.99
C LYS D 151 -23.02 -11.74 29.46
N LYS D 152 -24.05 -12.50 29.79
CA LYS D 152 -24.51 -12.63 31.17
C LYS D 152 -24.36 -14.03 31.72
N ILE D 153 -23.78 -14.95 30.96
CA ILE D 153 -23.59 -16.33 31.39
C ILE D 153 -22.14 -16.73 31.16
N TRP D 154 -21.78 -17.92 31.64
CA TRP D 154 -20.43 -18.42 31.52
C TRP D 154 -20.17 -18.95 30.12
N VAL D 155 -19.04 -18.55 29.54
CA VAL D 155 -18.68 -18.95 28.17
C VAL D 155 -17.21 -19.33 28.14
N PRO D 156 -16.88 -20.39 27.41
CA PRO D 156 -15.47 -20.79 27.28
C PRO D 156 -14.63 -19.68 26.66
N ASP D 157 -13.32 -19.82 26.80
CA ASP D 157 -12.35 -18.80 26.44
C ASP D 157 -11.33 -19.35 25.46
N MET D 158 -11.81 -20.02 24.42
CA MET D 158 -10.94 -20.58 23.41
C MET D 158 -10.25 -19.46 22.62
N PHE D 159 -9.02 -19.71 22.21
CA PHE D 159 -8.26 -18.74 21.43
C PHE D 159 -7.37 -19.48 20.45
N PHE D 160 -6.92 -18.76 19.41
CA PHE D 160 -6.11 -19.34 18.35
C PHE D 160 -4.63 -19.06 18.64
N VAL D 161 -3.84 -20.11 18.71
CA VAL D 161 -2.42 -20.00 19.01
C VAL D 161 -1.66 -19.65 17.75
N HIS D 162 -0.58 -18.86 17.91
CA HIS D 162 0.28 -18.46 16.80
C HIS D 162 -0.48 -17.70 15.71
N SER D 163 -1.44 -16.87 16.13
CA SER D 163 -2.19 -16.04 15.21
C SER D 163 -1.69 -14.60 15.24
N LYS D 164 -1.80 -13.92 14.11
CA LYS D 164 -1.36 -12.53 13.98
C LYS D 164 -2.49 -11.52 14.17
N ARG D 165 -3.65 -11.76 13.57
CA ARG D 165 -4.79 -10.87 13.72
C ARG D 165 -6.06 -11.63 13.42
N SER D 166 -7.15 -11.19 14.03
CA SER D 166 -8.45 -11.82 13.86
C SER D 166 -9.52 -10.91 14.43
N PHE D 167 -10.76 -11.17 14.03
CA PHE D 167 -11.89 -10.34 14.44
C PHE D 167 -13.17 -11.15 14.27
N ILE D 168 -14.27 -10.59 14.76
CA ILE D 168 -15.59 -11.21 14.69
C ILE D 168 -16.53 -10.28 13.95
N HIS D 169 -17.28 -10.83 13.00
CA HIS D 169 -18.23 -10.03 12.23
C HIS D 169 -19.36 -9.55 13.14
N ASP D 170 -19.79 -8.30 12.91
CA ASP D 170 -20.81 -7.68 13.76
C ASP D 170 -21.86 -6.94 12.93
N THR D 171 -22.21 -7.47 11.76
CA THR D 171 -23.21 -6.87 10.90
C THR D 171 -24.24 -7.92 10.51
N THR D 172 -25.52 -7.61 10.73
CA THR D 172 -25.95 -6.34 11.31
C THR D 172 -25.87 -6.40 12.83
N THR D 173 -25.62 -7.61 13.35
CA THR D 173 -25.40 -7.83 14.77
C THR D 173 -24.29 -8.87 14.91
N ASP D 174 -23.87 -9.11 16.15
CA ASP D 174 -22.85 -10.12 16.39
C ASP D 174 -23.35 -11.50 15.95
N ASN D 175 -22.51 -12.21 15.20
CA ASN D 175 -22.87 -13.52 14.67
C ASN D 175 -22.76 -14.53 15.81
N VAL D 176 -23.75 -14.51 16.68
CA VAL D 176 -23.78 -15.36 17.87
C VAL D 176 -25.08 -16.13 17.90
N MET D 177 -24.99 -17.44 18.13
CA MET D 177 -26.16 -18.30 18.27
C MET D 177 -26.13 -18.95 19.65
N LEU D 178 -27.27 -18.94 20.33
CA LEU D 178 -27.38 -19.51 21.66
C LEU D 178 -28.65 -20.34 21.72
N ARG D 179 -28.49 -21.65 21.91
CA ARG D 179 -29.61 -22.58 22.05
C ARG D 179 -29.42 -23.37 23.34
N VAL D 180 -30.47 -23.41 24.15
CA VAL D 180 -30.41 -24.06 25.45
C VAL D 180 -31.52 -25.12 25.50
N GLN D 181 -31.15 -26.34 25.84
CA GLN D 181 -32.10 -27.42 26.04
C GLN D 181 -32.70 -27.35 27.43
N PRO D 182 -33.87 -27.96 27.64
CA PRO D 182 -34.49 -27.90 28.97
C PRO D 182 -33.63 -28.50 30.07
N ASP D 183 -32.84 -29.53 29.77
CA ASP D 183 -32.01 -30.16 30.79
C ASP D 183 -30.74 -29.37 31.08
N GLY D 184 -30.43 -28.37 30.26
CA GLY D 184 -29.27 -27.52 30.48
C GLY D 184 -28.19 -27.60 29.43
N LYS D 185 -28.36 -28.40 28.38
CA LYS D 185 -27.38 -28.44 27.31
C LYS D 185 -27.40 -27.14 26.53
N VAL D 186 -26.21 -26.64 26.21
CA VAL D 186 -26.04 -25.32 25.59
C VAL D 186 -25.27 -25.47 24.29
N LEU D 187 -25.74 -24.80 23.24
CA LEU D 187 -25.06 -24.74 21.96
C LEU D 187 -24.64 -23.30 21.69
N TYR D 188 -23.36 -23.11 21.37
CA TYR D 188 -22.80 -21.79 21.16
C TYR D 188 -22.00 -21.78 19.86
N SER D 189 -22.28 -20.81 19.00
CA SER D 189 -21.65 -20.74 17.69
C SER D 189 -21.11 -19.33 17.45
N LEU D 190 -20.06 -19.25 16.64
CA LEU D 190 -19.44 -17.98 16.29
C LEU D 190 -18.94 -18.03 14.86
N ARG D 191 -18.75 -16.85 14.27
CA ARG D 191 -18.19 -16.70 12.93
C ARG D 191 -17.01 -15.74 13.01
N VAL D 192 -15.81 -16.25 12.74
CA VAL D 192 -14.58 -15.49 12.90
C VAL D 192 -13.72 -15.65 11.66
N THR D 193 -12.80 -14.69 11.49
CA THR D 193 -11.79 -14.74 10.44
C THR D 193 -10.43 -14.64 11.12
N VAL D 194 -9.58 -15.63 10.90
CA VAL D 194 -8.32 -15.78 11.63
C VAL D 194 -7.16 -15.82 10.65
N THR D 195 -6.10 -15.09 10.96
CA THR D 195 -4.85 -15.13 10.22
C THR D 195 -3.79 -15.80 11.08
N ALA D 196 -3.18 -16.85 10.55
CA ALA D 196 -2.20 -17.63 11.30
C ALA D 196 -0.94 -17.81 10.46
N MET D 197 0.19 -17.87 11.13
CA MET D 197 1.47 -18.00 10.46
C MET D 197 1.76 -19.44 10.10
N CYS D 198 2.55 -19.63 9.04
CA CYS D 198 2.94 -20.95 8.59
C CYS D 198 4.35 -20.89 8.03
N ASN D 199 5.18 -21.85 8.44
CA ASN D 199 6.59 -21.90 8.02
C ASN D 199 6.66 -22.70 6.72
N MET D 200 7.02 -22.02 5.64
CA MET D 200 7.10 -22.64 4.32
C MET D 200 8.55 -22.78 3.89
N ASP D 201 8.81 -23.77 3.04
CA ASP D 201 10.13 -24.03 2.48
C ASP D 201 10.07 -23.83 0.97
N PHE D 202 11.03 -23.08 0.43
CA PHE D 202 11.07 -22.76 -0.99
C PHE D 202 12.27 -23.38 -1.69
N SER D 203 12.73 -24.54 -1.22
CA SER D 203 13.86 -25.20 -1.88
C SER D 203 13.49 -25.69 -3.28
N ARG D 204 12.23 -26.08 -3.48
CA ARG D 204 11.76 -26.58 -4.77
C ARG D 204 10.85 -25.60 -5.49
N PHE D 205 10.91 -24.31 -5.13
CA PHE D 205 10.07 -23.32 -5.79
C PHE D 205 10.42 -23.25 -7.28
N PRO D 206 9.42 -23.12 -8.16
CA PRO D 206 7.99 -23.02 -7.87
C PRO D 206 7.24 -24.36 -7.89
N LEU D 207 7.98 -25.47 -7.80
CA LEU D 207 7.39 -26.80 -7.82
C LEU D 207 7.34 -27.42 -6.42
N ASP D 208 7.09 -26.60 -5.41
CA ASP D 208 7.12 -27.04 -4.02
C ASP D 208 5.72 -27.38 -3.53
N THR D 209 5.67 -28.05 -2.38
CA THR D 209 4.44 -28.41 -1.72
C THR D 209 4.52 -27.96 -0.26
N GLN D 210 3.47 -27.30 0.21
CA GLN D 210 3.46 -26.72 1.54
C GLN D 210 2.34 -27.30 2.39
N THR D 211 2.61 -27.43 3.69
CA THR D 211 1.64 -27.92 4.66
C THR D 211 1.52 -26.90 5.79
N CYS D 212 0.29 -26.58 6.16
CA CYS D 212 0.02 -25.62 7.22
C CYS D 212 -1.07 -26.18 8.13
N SER D 213 -1.15 -25.62 9.34
CA SER D 213 -2.10 -26.10 10.33
C SER D 213 -2.62 -24.93 11.15
N LEU D 214 -3.78 -25.15 11.76
CA LEU D 214 -4.42 -24.17 12.64
C LEU D 214 -4.60 -24.80 14.02
N GLU D 215 -4.35 -24.01 15.06
CA GLU D 215 -4.36 -24.50 16.43
C GLU D 215 -5.45 -23.80 17.24
N ILE D 216 -6.17 -24.57 18.04
CA ILE D 216 -7.21 -24.08 18.93
C ILE D 216 -6.88 -24.54 20.35
N GLU D 217 -6.93 -23.62 21.31
CA GLU D 217 -6.56 -23.94 22.68
C GLU D 217 -7.32 -23.02 23.62
N SER D 218 -7.52 -23.48 24.85
CA SER D 218 -8.10 -22.67 25.91
C SER D 218 -7.00 -21.87 26.59
N TYR D 219 -7.29 -20.59 26.85
CA TYR D 219 -6.27 -19.69 27.36
C TYR D 219 -6.15 -19.74 28.88
N ALA D 220 -7.27 -19.82 29.58
CA ALA D 220 -7.27 -19.67 31.03
C ALA D 220 -7.32 -20.98 31.80
N TYR D 221 -8.04 -21.98 31.31
CA TYR D 221 -8.28 -23.21 32.05
C TYR D 221 -7.34 -24.31 31.56
N THR D 222 -6.70 -24.99 32.51
CA THR D 222 -5.82 -26.11 32.23
C THR D 222 -6.62 -27.39 32.07
N GLU D 223 -5.92 -28.52 31.96
CA GLU D 223 -6.59 -29.81 31.80
C GLU D 223 -7.30 -30.24 33.08
N ASP D 224 -6.93 -29.68 34.24
CA ASP D 224 -7.56 -30.04 35.49
C ASP D 224 -8.89 -29.30 35.72
N ASP D 225 -9.20 -28.31 34.89
CA ASP D 225 -10.44 -27.57 35.01
C ASP D 225 -11.33 -27.67 33.77
N LEU D 226 -10.76 -27.85 32.58
CA LEU D 226 -11.54 -27.97 31.36
C LEU D 226 -10.86 -28.98 30.44
N MET D 227 -11.65 -29.90 29.90
CA MET D 227 -11.17 -30.92 28.98
C MET D 227 -11.71 -30.60 27.59
N LEU D 228 -10.81 -30.50 26.62
CA LEU D 228 -11.15 -30.15 25.25
C LEU D 228 -10.97 -31.35 24.34
N TYR D 229 -11.98 -31.63 23.52
CA TYR D 229 -11.95 -32.77 22.62
C TYR D 229 -12.89 -32.50 21.44
N TRP D 230 -12.68 -33.24 20.36
CA TRP D 230 -13.54 -33.13 19.20
C TRP D 230 -14.89 -33.77 19.46
N LYS D 231 -15.96 -33.10 19.04
CA LYS D 231 -17.31 -33.56 19.36
C LYS D 231 -17.59 -34.93 18.75
N LYS D 232 -17.20 -35.14 17.49
CA LYS D 232 -17.49 -36.38 16.79
C LYS D 232 -16.25 -36.97 16.15
N GLY D 233 -15.07 -36.63 16.67
CA GLY D 233 -13.84 -37.20 16.16
C GLY D 233 -13.55 -36.74 14.74
N ASN D 234 -13.35 -37.71 13.85
CA ASN D 234 -12.99 -37.41 12.46
C ASN D 234 -14.13 -36.74 11.70
N ASP D 235 -15.36 -36.84 12.19
CA ASP D 235 -16.52 -36.28 11.51
C ASP D 235 -16.84 -34.85 11.94
N SER D 236 -16.01 -34.24 12.78
CA SER D 236 -16.27 -32.90 13.29
C SER D 236 -15.79 -31.80 12.35
N LEU D 237 -15.17 -32.14 11.23
CA LEU D 237 -14.64 -31.16 10.29
C LEU D 237 -15.43 -31.23 8.99
N LYS D 238 -15.93 -30.08 8.54
CA LYS D 238 -16.65 -29.97 7.28
C LYS D 238 -16.09 -28.81 6.49
N THR D 239 -16.16 -28.93 5.16
CA THR D 239 -15.63 -27.92 4.26
C THR D 239 -16.67 -27.57 3.21
N ASP D 240 -16.72 -26.29 2.84
CA ASP D 240 -17.63 -25.84 1.81
C ASP D 240 -17.16 -26.31 0.44
N GLU D 241 -18.12 -26.59 -0.45
CA GLU D 241 -17.81 -27.04 -1.80
C GLU D 241 -17.28 -25.92 -2.69
N ARG D 242 -17.38 -24.67 -2.26
CA ARG D 242 -16.93 -23.54 -3.05
C ARG D 242 -15.51 -23.09 -2.70
N ILE D 243 -14.83 -23.81 -1.81
CA ILE D 243 -13.46 -23.43 -1.44
C ILE D 243 -12.53 -23.70 -2.61
N SER D 244 -11.81 -22.67 -3.04
CA SER D 244 -10.89 -22.80 -4.16
C SER D 244 -9.84 -21.70 -4.07
N LEU D 245 -8.68 -21.97 -4.66
CA LEU D 245 -7.60 -21.00 -4.75
C LEU D 245 -7.12 -20.91 -6.20
N SER D 246 -6.85 -19.69 -6.64
CA SER D 246 -6.45 -19.48 -8.04
C SER D 246 -5.09 -20.11 -8.33
N GLN D 247 -4.16 -20.04 -7.37
CA GLN D 247 -2.79 -20.49 -7.59
C GLN D 247 -2.47 -21.78 -6.87
N PHE D 248 -3.32 -22.23 -5.94
CA PHE D 248 -3.02 -23.40 -5.13
C PHE D 248 -4.14 -24.42 -5.23
N LEU D 249 -3.79 -25.69 -4.99
CA LEU D 249 -4.73 -26.79 -4.93
C LEU D 249 -4.82 -27.28 -3.49
N ILE D 250 -6.05 -27.38 -2.98
CA ILE D 250 -6.30 -27.70 -1.58
C ILE D 250 -6.74 -29.14 -1.47
N GLN D 251 -6.15 -29.86 -0.51
CA GLN D 251 -6.44 -31.28 -0.33
C GLN D 251 -5.98 -31.70 1.07
N GLU D 252 -6.37 -32.92 1.44
CA GLU D 252 -5.90 -33.59 2.66
C GLU D 252 -6.27 -32.80 3.93
N PHE D 253 -7.58 -32.66 4.14
CA PHE D 253 -8.08 -32.08 5.38
C PHE D 253 -8.23 -33.17 6.44
N HIS D 254 -7.63 -32.95 7.60
CA HIS D 254 -7.74 -33.88 8.72
C HIS D 254 -7.42 -33.14 10.01
N THR D 255 -7.79 -33.75 11.13
CA THR D 255 -7.61 -33.17 12.45
C THR D 255 -6.84 -34.12 13.34
N THR D 256 -6.06 -33.55 14.26
CA THR D 256 -5.29 -34.31 15.24
C THR D 256 -5.44 -33.65 16.60
N THR D 257 -4.78 -34.25 17.59
CA THR D 257 -4.83 -33.72 18.95
C THR D 257 -3.49 -33.95 19.63
N LYS D 258 -3.04 -32.95 20.39
CA LYS D 258 -1.78 -33.04 21.09
C LYS D 258 -1.81 -32.12 22.28
N LEU D 259 -1.06 -32.47 23.32
CA LEU D 259 -0.97 -31.68 24.54
C LEU D 259 0.13 -30.63 24.44
N ALA D 260 -0.01 -29.57 25.23
CA ALA D 260 0.96 -28.50 25.29
C ALA D 260 1.31 -28.22 26.75
N PHE D 261 2.55 -27.80 26.99
CA PHE D 261 3.04 -27.52 28.33
C PHE D 261 3.66 -26.14 28.38
N TYR D 262 3.38 -25.41 29.44
CA TYR D 262 4.01 -24.12 29.73
C TYR D 262 4.71 -24.22 31.07
N SER D 263 5.92 -23.64 31.16
CA SER D 263 6.76 -23.82 32.33
C SER D 263 6.19 -23.14 33.58
N SER D 264 5.26 -22.20 33.42
CA SER D 264 4.78 -21.42 34.57
C SER D 264 3.27 -21.47 34.77
N THR D 265 2.51 -22.16 33.91
CA THR D 265 1.06 -22.22 34.10
C THR D 265 0.56 -23.65 34.22
N GLY D 266 1.19 -24.58 33.50
CA GLY D 266 0.80 -25.97 33.55
C GLY D 266 0.57 -26.52 32.16
N TRP D 267 -0.24 -27.57 32.08
CA TRP D 267 -0.50 -28.29 30.85
C TRP D 267 -1.82 -27.84 30.22
N TYR D 268 -1.91 -27.96 28.91
CA TYR D 268 -3.11 -27.62 28.16
C TYR D 268 -3.31 -28.62 27.04
N ASN D 269 -4.51 -28.59 26.45
CA ASN D 269 -4.87 -29.46 25.35
C ASN D 269 -5.10 -28.62 24.10
N ARG D 270 -4.55 -29.07 22.98
CA ARG D 270 -4.62 -28.36 21.71
C ARG D 270 -5.36 -29.20 20.67
N LEU D 271 -5.99 -28.52 19.72
CA LEU D 271 -6.65 -29.16 18.58
C LEU D 271 -6.03 -28.61 17.29
N TYR D 272 -5.91 -29.48 16.29
CA TYR D 272 -5.23 -29.13 15.05
C TYR D 272 -6.15 -29.37 13.85
N ILE D 273 -6.03 -28.49 12.86
CA ILE D 273 -6.69 -28.65 11.56
C ILE D 273 -5.61 -28.53 10.49
N ASN D 274 -5.44 -29.58 9.70
CA ASN D 274 -4.32 -29.67 8.76
C ASN D 274 -4.84 -29.73 7.33
N PHE D 275 -4.04 -29.19 6.41
CA PHE D 275 -4.35 -29.21 5.00
C PHE D 275 -3.04 -29.09 4.22
N THR D 276 -3.11 -29.43 2.93
CA THR D 276 -1.94 -29.42 2.06
C THR D 276 -2.25 -28.59 0.82
N LEU D 277 -1.21 -27.93 0.30
CA LEU D 277 -1.34 -27.02 -0.83
C LEU D 277 -0.31 -27.36 -1.90
N ARG D 278 -0.72 -27.23 -3.17
CA ARG D 278 0.15 -27.48 -4.31
C ARG D 278 -0.01 -26.34 -5.32
N ARG D 279 1.12 -25.85 -5.83
CA ARG D 279 1.11 -24.74 -6.76
C ARG D 279 0.75 -25.20 -8.17
N HIS D 280 0.44 -24.23 -9.03
CA HIS D 280 0.23 -24.46 -10.45
C HIS D 280 1.44 -23.94 -11.22
N ILE D 281 1.96 -24.76 -12.14
CA ILE D 281 3.21 -24.47 -12.80
C ILE D 281 3.05 -23.78 -14.15
N PHE D 282 1.82 -23.68 -14.67
CA PHE D 282 1.62 -23.14 -16.01
C PHE D 282 2.11 -21.70 -16.11
N PHE D 283 1.79 -20.86 -15.13
CA PHE D 283 2.16 -19.45 -15.20
C PHE D 283 3.67 -19.28 -15.17
N PHE D 284 4.35 -20.02 -14.29
CA PHE D 284 5.80 -19.86 -14.17
C PHE D 284 6.53 -20.33 -15.42
N LEU D 285 6.06 -21.44 -16.02
CA LEU D 285 6.68 -21.94 -17.24
C LEU D 285 6.60 -20.90 -18.36
N LEU D 286 5.40 -20.38 -18.60
CA LEU D 286 5.20 -19.46 -19.72
C LEU D 286 5.91 -18.13 -19.50
N GLN D 287 5.96 -17.64 -18.25
CA GLN D 287 6.50 -16.31 -17.99
C GLN D 287 8.01 -16.32 -17.83
N THR D 288 8.58 -17.41 -17.33
CA THR D 288 10.00 -17.45 -17.01
C THR D 288 10.78 -18.45 -17.86
N TYR D 289 10.34 -19.71 -17.91
CA TYR D 289 11.12 -20.75 -18.57
C TYR D 289 11.16 -20.55 -20.09
N PHE D 290 10.02 -20.27 -20.71
CA PHE D 290 10.01 -20.07 -22.16
C PHE D 290 10.85 -18.89 -22.61
N PRO D 291 10.74 -17.69 -22.02
CA PRO D 291 11.64 -16.59 -22.46
C PRO D 291 13.11 -16.91 -22.28
N ALA D 292 13.47 -17.64 -21.23
CA ALA D 292 14.87 -17.98 -21.00
C ALA D 292 15.41 -18.88 -22.10
N THR D 293 14.63 -19.88 -22.50
CA THR D 293 15.08 -20.80 -23.55
C THR D 293 15.23 -20.09 -24.89
N LEU D 294 14.30 -19.20 -25.21
CA LEU D 294 14.36 -18.49 -26.49
C LEU D 294 15.61 -17.62 -26.59
N MET D 295 15.99 -16.96 -25.50
CA MET D 295 17.19 -16.13 -25.50
C MET D 295 18.45 -16.96 -25.73
N VAL D 296 18.50 -18.15 -25.13
CA VAL D 296 19.66 -19.03 -25.30
C VAL D 296 19.78 -19.47 -26.76
N MET D 297 18.66 -19.85 -27.38
CA MET D 297 18.70 -20.25 -28.78
C MET D 297 19.00 -19.08 -29.70
N LEU D 298 18.72 -17.85 -29.25
CA LEU D 298 19.03 -16.68 -30.07
C LEU D 298 20.54 -16.50 -30.23
N SER D 299 21.32 -16.88 -29.21
CA SER D 299 22.77 -16.71 -29.30
C SER D 299 23.39 -17.74 -30.25
N TRP D 300 22.68 -18.85 -30.51
CA TRP D 300 23.20 -19.88 -31.39
C TRP D 300 23.19 -19.50 -32.86
N VAL D 301 22.39 -18.49 -33.24
CA VAL D 301 22.32 -18.10 -34.63
C VAL D 301 23.57 -17.35 -35.08
N SER D 302 24.38 -16.87 -34.14
CA SER D 302 25.60 -16.15 -34.52
C SER D 302 26.66 -17.09 -35.09
N PHE D 303 26.60 -18.38 -34.76
CA PHE D 303 27.58 -19.34 -35.28
C PHE D 303 27.41 -19.59 -36.77
N TRP D 304 26.27 -19.24 -37.36
CA TRP D 304 26.01 -19.43 -38.78
C TRP D 304 26.26 -18.17 -39.59
N ILE D 305 26.77 -17.12 -38.96
CA ILE D 305 27.05 -15.86 -39.65
C ILE D 305 28.54 -15.77 -39.92
N ASP D 306 28.89 -15.15 -41.05
CA ASP D 306 30.30 -14.98 -41.42
C ASP D 306 31.03 -14.19 -40.35
N ARG D 307 32.25 -14.64 -40.03
CA ARG D 307 33.04 -14.01 -38.98
C ARG D 307 33.61 -12.65 -39.38
N ARG D 308 33.54 -12.29 -40.66
CA ARG D 308 34.05 -11.01 -41.11
C ARG D 308 33.11 -9.85 -40.77
N ALA D 309 31.87 -10.13 -40.39
CA ALA D 309 30.93 -9.09 -39.98
C ALA D 309 31.03 -8.88 -38.47
N VAL D 310 32.16 -8.29 -38.06
CA VAL D 310 32.41 -8.06 -36.64
C VAL D 310 31.36 -7.17 -36.00
N PRO D 311 30.97 -6.00 -36.57
CA PRO D 311 29.96 -5.17 -35.91
C PRO D 311 28.55 -5.73 -35.99
N ALA D 312 28.41 -6.92 -36.59
CA ALA D 312 27.11 -7.56 -36.73
C ALA D 312 26.89 -8.69 -35.75
N ARG D 313 27.95 -9.36 -35.30
CA ARG D 313 27.84 -10.46 -34.36
C ARG D 313 28.05 -10.04 -32.90
N VAL D 314 28.92 -9.06 -32.65
CA VAL D 314 29.16 -8.61 -31.29
C VAL D 314 27.91 -8.02 -30.65
N PRO D 315 27.16 -7.11 -31.29
CA PRO D 315 25.92 -6.63 -30.66
C PRO D 315 24.90 -7.72 -30.38
N LEU D 316 24.84 -8.76 -31.23
CA LEU D 316 23.90 -9.84 -30.99
C LEU D 316 24.18 -10.54 -29.67
N GLY D 317 25.45 -10.86 -29.41
CA GLY D 317 25.79 -11.54 -28.17
C GLY D 317 25.57 -10.69 -26.94
N ILE D 318 25.93 -9.41 -27.02
CA ILE D 318 25.84 -8.53 -25.85
C ILE D 318 24.39 -8.29 -25.46
N THR D 319 23.52 -8.04 -26.44
CA THR D 319 22.12 -7.77 -26.14
C THR D 319 21.45 -8.96 -25.48
N THR D 320 21.83 -10.18 -25.88
CA THR D 320 21.27 -11.38 -25.24
C THR D 320 21.69 -11.46 -23.77
N VAL D 321 22.94 -11.10 -23.47
CA VAL D 321 23.41 -11.13 -22.08
C VAL D 321 22.62 -10.14 -21.24
N LEU D 322 22.43 -8.92 -21.75
CA LEU D 322 21.69 -7.90 -20.99
C LEU D 322 20.24 -8.31 -20.79
N THR D 323 19.61 -8.89 -21.82
CA THR D 323 18.23 -9.32 -21.69
C THR D 323 18.09 -10.44 -20.66
N MET D 324 19.03 -11.38 -20.65
CA MET D 324 18.98 -12.46 -19.66
C MET D 324 19.13 -11.91 -18.24
N SER D 325 20.00 -10.91 -18.05
CA SER D 325 20.18 -10.31 -16.75
C SER D 325 18.88 -9.64 -16.27
N THR D 326 18.18 -8.97 -17.19
CA THR D 326 16.92 -8.33 -16.83
C THR D 326 15.89 -9.36 -16.37
N ILE D 327 15.82 -10.51 -17.05
CA ILE D 327 14.86 -11.55 -16.68
C ILE D 327 15.15 -12.06 -15.28
N ILE D 328 16.42 -12.29 -14.95
CA ILE D 328 16.78 -12.83 -13.65
C ILE D 328 16.37 -11.86 -12.54
N THR D 329 16.62 -10.56 -12.74
CA THR D 329 16.32 -9.58 -11.70
C THR D 329 14.82 -9.52 -11.41
N GLY D 330 13.99 -9.57 -12.44
CA GLY D 330 12.56 -9.39 -12.24
C GLY D 330 11.90 -10.52 -11.48
N VAL D 331 12.49 -11.73 -11.53
CA VAL D 331 11.87 -12.88 -10.89
C VAL D 331 11.94 -12.74 -9.37
N ASN D 332 13.07 -12.28 -8.84
CA ASN D 332 13.28 -12.25 -7.40
C ASN D 332 12.45 -11.18 -6.70
N ALA D 333 11.80 -10.27 -7.44
CA ALA D 333 11.05 -9.19 -6.83
C ALA D 333 9.84 -9.68 -6.03
N SER D 334 9.33 -10.87 -6.35
CA SER D 334 8.12 -11.39 -5.71
C SER D 334 8.41 -12.45 -4.65
N MET D 335 9.66 -12.63 -4.25
CA MET D 335 10.06 -13.62 -3.28
C MET D 335 10.83 -12.98 -2.14
N PRO D 336 10.78 -13.56 -0.94
CA PRO D 336 11.53 -13.01 0.19
C PRO D 336 13.01 -13.31 0.07
N ARG D 337 13.78 -12.71 0.98
CA ARG D 337 15.24 -12.85 1.00
C ARG D 337 15.62 -14.08 1.80
N VAL D 338 15.54 -15.24 1.14
CA VAL D 338 15.92 -16.50 1.76
C VAL D 338 17.44 -16.65 1.71
N SER D 339 17.98 -17.57 2.49
CA SER D 339 19.41 -17.81 2.58
C SER D 339 19.86 -19.02 1.76
N TYR D 340 18.98 -19.57 0.92
CA TYR D 340 19.31 -20.72 0.10
C TYR D 340 18.81 -20.48 -1.32
N ILE D 341 19.45 -21.16 -2.27
CA ILE D 341 19.16 -20.99 -3.69
C ILE D 341 17.95 -21.85 -4.04
N LYS D 342 17.08 -21.32 -4.90
CA LYS D 342 15.87 -22.00 -5.32
C LYS D 342 16.09 -22.72 -6.64
N ALA D 343 15.12 -23.57 -7.00
CA ALA D 343 15.22 -24.35 -8.22
C ALA D 343 15.19 -23.44 -9.45
N VAL D 344 14.36 -22.38 -9.42
CA VAL D 344 14.27 -21.49 -10.57
C VAL D 344 15.57 -20.72 -10.76
N ASP D 345 16.27 -20.38 -9.68
CA ASP D 345 17.52 -19.64 -9.80
C ASP D 345 18.59 -20.47 -10.52
N ILE D 346 18.59 -21.78 -10.30
CA ILE D 346 19.59 -22.64 -10.94
C ILE D 346 19.41 -22.60 -12.46
N TYR D 347 18.17 -22.72 -12.93
CA TYR D 347 17.91 -22.73 -14.36
C TYR D 347 18.31 -21.41 -15.01
N LEU D 348 17.98 -20.29 -14.36
CA LEU D 348 18.27 -18.98 -14.93
C LEU D 348 19.76 -18.72 -15.00
N TRP D 349 20.50 -19.03 -13.93
CA TRP D 349 21.91 -18.72 -13.90
C TRP D 349 22.72 -19.62 -14.84
N VAL D 350 22.32 -20.88 -14.99
CA VAL D 350 22.98 -21.76 -15.95
C VAL D 350 22.81 -21.22 -17.36
N SER D 351 21.61 -20.74 -17.69
CA SER D 351 21.37 -20.15 -19.00
C SER D 351 22.22 -18.91 -19.20
N PHE D 352 22.41 -18.11 -18.14
CA PHE D 352 23.26 -16.92 -18.24
C PHE D 352 24.70 -17.29 -18.60
N VAL D 353 25.20 -18.38 -18.01
CA VAL D 353 26.56 -18.84 -18.31
C VAL D 353 26.68 -19.24 -19.77
N PHE D 354 25.65 -19.93 -20.30
CA PHE D 354 25.69 -20.35 -21.70
C PHE D 354 25.78 -19.17 -22.64
N VAL D 355 25.01 -18.12 -22.38
CA VAL D 355 25.06 -16.92 -23.22
C VAL D 355 26.39 -16.21 -23.05
N PHE D 356 26.91 -16.17 -21.82
CA PHE D 356 28.19 -15.50 -21.58
C PHE D 356 29.32 -16.20 -22.31
N LEU D 357 29.33 -17.53 -22.30
CA LEU D 357 30.37 -18.27 -23.02
C LEU D 357 30.28 -18.05 -24.53
N SER D 358 29.06 -17.80 -25.03
CA SER D 358 28.90 -17.55 -26.46
C SER D 358 29.62 -16.27 -26.88
N VAL D 359 29.58 -15.24 -26.05
CA VAL D 359 30.28 -14.00 -26.36
C VAL D 359 31.79 -14.22 -26.38
N LEU D 360 32.31 -14.98 -25.41
CA LEU D 360 33.73 -15.27 -25.38
C LEU D 360 34.15 -16.14 -26.56
N GLU D 361 33.23 -16.94 -27.11
CA GLU D 361 33.57 -17.81 -28.22
C GLU D 361 34.00 -17.04 -29.44
N TYR D 362 33.30 -15.95 -29.77
CA TYR D 362 33.65 -15.16 -30.95
C TYR D 362 34.93 -14.38 -30.72
N ALA D 363 35.21 -13.99 -29.48
CA ALA D 363 36.44 -13.25 -29.19
C ALA D 363 37.67 -14.09 -29.49
N ALA D 364 37.64 -15.38 -29.14
CA ALA D 364 38.76 -16.26 -29.46
C ALA D 364 38.95 -16.40 -30.96
N VAL D 365 37.83 -16.55 -31.70
CA VAL D 365 37.91 -16.71 -33.14
C VAL D 365 38.51 -15.46 -33.78
N ASN D 366 38.05 -14.29 -33.35
CA ASN D 366 38.55 -13.04 -33.93
C ASN D 366 40.04 -12.87 -33.67
N TYR D 367 40.49 -13.17 -32.44
CA TYR D 367 41.91 -13.02 -32.10
C TYR D 367 42.77 -13.97 -32.93
N LEU D 368 42.34 -15.23 -33.06
CA LEU D 368 43.13 -16.20 -33.82
C LEU D 368 43.21 -15.83 -35.28
N THR D 369 42.12 -15.29 -35.85
CA THR D 369 42.14 -14.86 -37.23
C THR D 369 43.14 -13.73 -37.45
N THR D 370 43.17 -12.76 -36.53
CA THR D 370 44.11 -11.65 -36.65
C THR D 370 45.55 -12.14 -36.56
N VAL D 371 45.83 -13.06 -35.64
CA VAL D 371 47.18 -13.60 -35.51
C VAL D 371 47.58 -14.37 -36.77
N GLN D 372 46.65 -15.15 -37.32
CA GLN D 372 46.95 -15.92 -38.52
C GLN D 372 47.27 -15.00 -39.70
N GLU D 373 46.49 -13.92 -39.85
CA GLU D 373 46.77 -12.98 -40.93
C GLU D 373 48.12 -12.30 -40.74
N ARG D 374 48.44 -11.92 -39.50
CA ARG D 374 49.73 -11.28 -39.23
C ARG D 374 50.89 -12.22 -39.54
N LYS D 375 50.78 -13.48 -39.14
CA LYS D 375 51.84 -14.45 -39.41
C LYS D 375 52.00 -14.67 -40.92
N GLU D 376 50.89 -14.76 -41.64
CA GLU D 376 50.96 -14.96 -43.09
C GLU D 376 51.56 -13.75 -43.78
N GLN D 377 51.21 -12.54 -43.34
CA GLN D 377 51.74 -11.33 -43.94
C GLN D 377 53.24 -11.22 -43.73
N LYS D 378 53.72 -11.56 -42.53
CA LYS D 378 55.14 -11.50 -42.24
C LYS D 378 55.90 -12.63 -42.93
N ASP D 451 36.10 -19.18 -45.77
CA ASP D 451 36.06 -20.47 -45.10
C ASP D 451 35.46 -20.34 -43.70
N THR D 452 35.17 -21.48 -43.08
CA THR D 452 34.59 -21.54 -41.74
C THR D 452 35.65 -21.99 -40.76
N HIS D 453 35.81 -21.24 -39.67
CA HIS D 453 36.81 -21.58 -38.66
C HIS D 453 36.41 -22.85 -37.92
N ALA D 454 37.43 -23.56 -37.40
CA ALA D 454 37.19 -24.81 -36.70
C ALA D 454 36.36 -24.61 -35.44
N ILE D 455 36.58 -23.50 -34.73
CA ILE D 455 35.83 -23.24 -33.49
C ILE D 455 34.35 -23.08 -33.78
N ASP D 456 34.01 -22.34 -34.85
CA ASP D 456 32.60 -22.16 -35.20
C ASP D 456 31.94 -23.47 -35.60
N LYS D 457 32.66 -24.31 -36.35
CA LYS D 457 32.08 -25.56 -36.81
C LYS D 457 31.73 -26.48 -35.65
N TYR D 458 32.60 -26.59 -34.66
CA TYR D 458 32.33 -27.44 -33.50
C TYR D 458 31.30 -26.82 -32.56
N SER D 459 31.24 -25.49 -32.49
CA SER D 459 30.29 -24.83 -31.59
C SER D 459 28.85 -25.08 -32.03
N ARG D 460 28.64 -25.29 -33.33
CA ARG D 460 27.29 -25.53 -33.83
C ARG D 460 26.68 -26.81 -33.26
N ILE D 461 27.52 -27.78 -32.88
CA ILE D 461 27.04 -29.06 -32.39
C ILE D 461 27.19 -29.19 -30.89
N ILE D 462 28.30 -28.70 -30.32
CA ILE D 462 28.56 -28.88 -28.89
C ILE D 462 27.56 -28.11 -28.06
N PHE D 463 27.29 -26.86 -28.41
CA PHE D 463 26.39 -26.03 -27.60
C PHE D 463 24.97 -26.58 -27.54
N PRO D 464 24.32 -26.96 -28.65
CA PRO D 464 22.98 -27.56 -28.51
C PRO D 464 22.98 -28.85 -27.72
N ALA D 465 24.02 -29.67 -27.86
CA ALA D 465 24.06 -30.95 -27.15
C ALA D 465 24.16 -30.74 -25.65
N ALA D 466 24.99 -29.80 -25.20
CA ALA D 466 25.16 -29.55 -23.78
C ALA D 466 23.87 -29.05 -23.14
N TYR D 467 23.18 -28.13 -23.81
CA TYR D 467 21.95 -27.57 -23.25
C TYR D 467 20.86 -28.62 -23.13
N ILE D 468 20.73 -29.47 -24.14
CA ILE D 468 19.71 -30.53 -24.10
C ILE D 468 20.02 -31.51 -22.96
N LEU D 469 21.30 -31.87 -22.79
CA LEU D 469 21.67 -32.77 -21.70
C LEU D 469 21.35 -32.13 -20.35
N PHE D 470 21.57 -30.82 -20.21
CA PHE D 470 21.26 -30.14 -18.96
C PHE D 470 19.76 -30.20 -18.66
N ASN D 471 18.92 -30.01 -19.69
CA ASN D 471 17.47 -30.05 -19.49
C ASN D 471 17.01 -31.42 -19.04
N LEU D 472 17.58 -32.48 -19.63
CA LEU D 472 17.20 -33.83 -19.23
C LEU D 472 17.52 -34.09 -17.76
N ILE D 473 18.70 -33.66 -17.32
CA ILE D 473 19.09 -33.86 -15.93
C ILE D 473 18.26 -32.97 -15.01
N TYR D 474 18.06 -31.71 -15.40
CA TYR D 474 17.33 -30.78 -14.54
C TYR D 474 15.89 -31.21 -14.33
N TRP D 475 15.20 -31.64 -15.39
CA TRP D 475 13.81 -32.04 -15.28
C TRP D 475 13.62 -33.43 -14.70
N SER D 476 14.67 -34.26 -14.67
CA SER D 476 14.57 -35.57 -14.03
C SER D 476 14.62 -35.47 -12.52
N ILE D 477 15.44 -34.56 -11.98
CA ILE D 477 15.56 -34.42 -10.54
C ILE D 477 14.29 -33.81 -9.95
N PHE D 478 13.77 -32.76 -10.59
CA PHE D 478 12.60 -32.04 -10.10
C PHE D 478 11.30 -32.55 -10.68
N SER D 479 11.35 -33.59 -11.52
CA SER D 479 10.15 -34.17 -12.13
C SER D 479 9.34 -33.13 -12.91
N GLN E 77 -21.04 -14.60 45.65
CA GLN E 77 -19.79 -14.26 45.01
C GLN E 77 -18.59 -14.66 45.88
N LEU E 78 -17.63 -15.36 45.26
CA LEU E 78 -16.45 -15.78 46.00
C LEU E 78 -15.56 -14.59 46.35
N LEU E 79 -15.50 -13.60 45.46
CA LEU E 79 -14.69 -12.40 45.68
C LEU E 79 -15.59 -11.22 46.01
N ARG E 80 -15.23 -10.49 47.06
CA ARG E 80 -16.00 -9.32 47.49
C ARG E 80 -15.50 -8.08 46.72
N ILE E 81 -15.84 -8.06 45.44
CA ILE E 81 -15.43 -6.96 44.57
C ILE E 81 -16.15 -5.68 44.94
N ASP E 82 -17.46 -5.77 45.19
CA ASP E 82 -18.28 -4.58 45.45
C ASP E 82 -18.00 -3.96 46.82
N ASP E 83 -17.24 -4.61 47.68
CA ASP E 83 -16.99 -4.11 49.02
C ASP E 83 -15.71 -3.28 49.12
N HIS E 84 -15.01 -3.06 48.01
CA HIS E 84 -13.77 -2.30 48.02
C HIS E 84 -13.75 -1.31 46.86
N ASP E 85 -12.96 -0.26 47.03
CA ASP E 85 -12.74 0.75 46.00
C ASP E 85 -11.42 0.44 45.33
N PHE E 86 -11.47 -0.07 44.09
CA PHE E 86 -10.29 -0.46 43.35
C PHE E 86 -9.69 0.68 42.53
N SER E 87 -10.05 1.92 42.85
CA SER E 87 -9.45 3.08 42.20
C SER E 87 -8.11 3.47 42.81
N MET E 88 -7.70 2.82 43.89
CA MET E 88 -6.42 3.09 44.54
C MET E 88 -5.58 1.82 44.54
N ARG E 89 -4.27 1.99 44.41
CA ARG E 89 -3.37 0.86 44.39
C ARG E 89 -3.29 0.23 45.78
N PRO E 90 -2.93 -1.06 45.87
CA PRO E 90 -2.71 -1.67 47.18
C PRO E 90 -1.60 -0.96 47.95
N GLY E 91 -1.78 -0.85 49.26
CA GLY E 91 -0.86 -0.07 50.07
C GLY E 91 -0.90 1.40 49.76
N PHE E 92 -2.09 1.95 49.52
CA PHE E 92 -2.23 3.36 49.16
C PHE E 92 -1.73 4.26 50.28
N GLY E 93 -0.92 5.25 49.92
CA GLY E 93 -0.35 6.16 50.89
C GLY E 93 0.80 5.61 51.68
N GLY E 94 1.35 4.46 51.30
CA GLY E 94 2.43 3.85 52.02
C GLY E 94 3.58 3.42 51.13
N PRO E 95 4.27 2.35 51.52
CA PRO E 95 5.42 1.88 50.73
C PRO E 95 4.98 1.34 49.38
N ALA E 96 5.96 1.28 48.47
CA ALA E 96 5.70 0.80 47.12
C ALA E 96 5.41 -0.70 47.13
N ILE E 97 4.68 -1.14 46.11
CA ILE E 97 4.28 -2.54 45.96
C ILE E 97 5.13 -3.16 44.86
N PRO E 98 5.90 -4.21 45.16
CA PRO E 98 6.73 -4.85 44.12
C PRO E 98 5.86 -5.54 43.07
N VAL E 99 6.37 -5.55 41.83
CA VAL E 99 5.70 -6.17 40.70
C VAL E 99 6.74 -6.99 39.92
N GLY E 100 6.41 -8.24 39.63
CA GLY E 100 7.28 -9.09 38.83
C GLY E 100 6.83 -9.20 37.38
N VAL E 101 7.77 -9.47 36.48
CA VAL E 101 7.47 -9.56 35.06
C VAL E 101 8.13 -10.82 34.49
N ASP E 102 7.37 -11.58 33.71
CA ASP E 102 7.90 -12.71 32.95
C ASP E 102 7.52 -12.53 31.49
N VAL E 103 8.48 -12.83 30.61
CA VAL E 103 8.33 -12.58 29.18
C VAL E 103 8.74 -13.83 28.41
N GLN E 104 7.88 -14.26 27.48
CA GLN E 104 8.19 -15.33 26.55
C GLN E 104 7.97 -14.81 25.14
N VAL E 105 9.00 -14.89 24.31
CA VAL E 105 8.96 -14.37 22.95
C VAL E 105 8.42 -15.45 22.02
N GLU E 106 7.45 -15.09 21.19
CA GLU E 106 6.82 -16.04 20.27
C GLU E 106 7.43 -16.02 18.88
N SER E 107 7.51 -14.86 18.23
CA SER E 107 8.09 -14.78 16.89
C SER E 107 8.39 -13.32 16.56
N LEU E 108 9.26 -13.14 15.56
CA LEU E 108 9.56 -11.83 14.99
C LEU E 108 8.98 -11.77 13.59
N ASP E 109 8.24 -10.70 13.29
CA ASP E 109 7.46 -10.62 12.06
C ASP E 109 8.25 -10.05 10.89
N SER E 110 8.71 -8.81 11.01
CA SER E 110 9.37 -8.16 9.88
C SER E 110 10.33 -7.09 10.37
N ILE E 111 11.27 -6.73 9.50
CA ILE E 111 12.24 -5.67 9.75
C ILE E 111 12.24 -4.74 8.54
N SER E 112 12.15 -3.44 8.79
CA SER E 112 12.11 -2.43 7.74
C SER E 112 13.37 -1.58 7.81
N GLU E 113 14.08 -1.47 6.69
CA GLU E 113 15.29 -0.65 6.66
C GLU E 113 14.95 0.83 6.49
N VAL E 114 13.95 1.14 5.66
CA VAL E 114 13.59 2.53 5.43
C VAL E 114 12.93 3.14 6.67
N ASP E 115 12.10 2.37 7.35
CA ASP E 115 11.39 2.85 8.54
C ASP E 115 12.16 2.61 9.83
N MET E 116 13.12 1.67 9.83
CA MET E 116 14.00 1.40 10.96
C MET E 116 13.19 1.02 12.20
N ASP E 117 12.46 -0.09 12.07
CA ASP E 117 11.68 -0.63 13.18
C ASP E 117 11.52 -2.12 12.98
N PHE E 118 11.04 -2.79 14.03
CA PHE E 118 10.82 -4.23 14.01
C PHE E 118 9.52 -4.53 14.75
N THR E 119 8.95 -5.70 14.45
CA THR E 119 7.70 -6.14 15.03
C THR E 119 7.92 -7.43 15.81
N MET E 120 7.37 -7.48 17.03
CA MET E 120 7.56 -8.63 17.90
C MET E 120 6.23 -9.00 18.56
N THR E 121 6.00 -10.29 18.69
CA THR E 121 4.85 -10.84 19.41
C THR E 121 5.35 -11.64 20.61
N LEU E 122 4.77 -11.39 21.77
CA LEU E 122 5.27 -11.98 23.01
C LEU E 122 4.14 -12.09 24.01
N TYR E 123 4.39 -12.87 25.06
CA TYR E 123 3.48 -13.02 26.19
C TYR E 123 4.05 -12.25 27.37
N LEU E 124 3.20 -11.42 27.99
CA LEU E 124 3.60 -10.60 29.12
C LEU E 124 2.86 -11.06 30.36
N ARG E 125 3.59 -11.26 31.45
CA ARG E 125 3.02 -11.74 32.70
C ARG E 125 3.37 -10.79 33.83
N HIS E 126 2.49 -10.70 34.82
CA HIS E 126 2.67 -9.82 35.97
C HIS E 126 2.45 -10.62 37.26
N TYR E 127 3.16 -10.22 38.31
CA TYR E 127 3.04 -10.85 39.62
C TYR E 127 2.96 -9.79 40.69
N TRP E 128 1.93 -9.87 41.53
CA TRP E 128 1.78 -8.98 42.67
C TRP E 128 0.81 -9.62 43.65
N LYS E 129 0.66 -8.99 44.82
CA LYS E 129 -0.20 -9.49 45.87
C LYS E 129 -1.17 -8.38 46.30
N ASP E 130 -2.43 -8.76 46.48
CA ASP E 130 -3.47 -7.83 46.92
C ASP E 130 -4.36 -8.55 47.93
N GLU E 131 -4.36 -8.07 49.17
CA GLU E 131 -5.13 -8.73 50.22
C GLU E 131 -6.63 -8.56 50.04
N ARG E 132 -7.07 -7.60 49.22
CA ARG E 132 -8.49 -7.38 49.01
C ARG E 132 -9.16 -8.46 48.17
N LEU E 133 -8.38 -9.32 47.50
CA LEU E 133 -8.91 -10.39 46.67
C LEU E 133 -8.86 -11.75 47.37
N SER E 134 -8.60 -11.77 48.67
CA SER E 134 -8.50 -13.03 49.39
C SER E 134 -9.86 -13.69 49.54
N PHE E 135 -9.88 -15.02 49.42
CA PHE E 135 -11.09 -15.81 49.60
C PHE E 135 -10.73 -17.05 50.42
N PRO E 136 -11.67 -17.57 51.20
CA PRO E 136 -11.38 -18.75 52.03
C PRO E 136 -11.46 -20.04 51.25
N SER E 137 -10.51 -20.93 51.52
CA SER E 137 -10.46 -22.25 50.92
C SER E 137 -9.56 -23.14 51.76
N THR E 138 -9.63 -24.44 51.49
CA THR E 138 -8.83 -25.42 52.22
C THR E 138 -7.75 -26.09 51.39
N ASN E 139 -7.88 -26.11 50.06
CA ASN E 139 -6.90 -26.78 49.21
C ASN E 139 -5.64 -25.96 48.99
N ASN E 140 -5.73 -24.63 49.10
CA ASN E 140 -4.61 -23.72 48.88
C ASN E 140 -4.02 -23.91 47.48
N LEU E 141 -4.87 -23.70 46.48
CA LEU E 141 -4.48 -23.83 45.09
C LEU E 141 -5.02 -22.63 44.30
N SER E 142 -4.33 -22.32 43.21
CA SER E 142 -4.73 -21.21 42.37
C SER E 142 -6.05 -21.52 41.66
N MET E 143 -6.90 -20.51 41.55
CA MET E 143 -8.19 -20.63 40.88
C MET E 143 -8.24 -19.68 39.69
N THR E 144 -8.80 -20.15 38.59
CA THR E 144 -8.81 -19.41 37.33
C THR E 144 -10.21 -18.88 37.05
N PHE E 145 -10.29 -17.61 36.67
CA PHE E 145 -11.54 -16.96 36.32
C PHE E 145 -11.59 -16.70 34.82
N ASP E 146 -12.79 -16.38 34.32
CA ASP E 146 -13.00 -16.22 32.89
C ASP E 146 -12.18 -15.08 32.29
N GLY E 147 -11.88 -14.04 33.07
CA GLY E 147 -11.05 -12.96 32.61
C GLY E 147 -11.74 -11.62 32.45
N ARG E 148 -13.08 -11.58 32.45
CA ARG E 148 -13.77 -10.30 32.34
C ARG E 148 -13.85 -9.56 33.67
N LEU E 149 -13.41 -10.18 34.76
CA LEU E 149 -13.34 -9.52 36.06
C LEU E 149 -12.13 -8.59 36.17
N VAL E 150 -11.24 -8.61 35.17
CA VAL E 150 -10.05 -7.76 35.22
C VAL E 150 -10.43 -6.30 35.23
N LYS E 151 -11.42 -5.91 34.43
CA LYS E 151 -11.87 -4.51 34.35
C LYS E 151 -12.54 -4.02 35.62
N LYS E 152 -12.65 -4.85 36.67
CA LYS E 152 -13.25 -4.44 37.93
C LYS E 152 -12.27 -4.43 39.09
N ILE E 153 -10.99 -4.70 38.84
CA ILE E 153 -9.97 -4.74 39.88
C ILE E 153 -8.78 -3.89 39.43
N TRP E 154 -7.83 -3.71 40.34
CA TRP E 154 -6.65 -2.89 40.06
C TRP E 154 -5.65 -3.67 39.23
N VAL E 155 -5.15 -3.03 38.18
CA VAL E 155 -4.20 -3.66 37.25
C VAL E 155 -3.09 -2.69 36.94
N PRO E 156 -1.85 -3.18 36.88
CA PRO E 156 -0.72 -2.32 36.52
C PRO E 156 -0.91 -1.70 35.14
N ASP E 157 -0.11 -0.66 34.87
CA ASP E 157 -0.26 0.18 33.68
C ASP E 157 1.06 0.21 32.91
N MET E 158 1.64 -0.96 32.68
CA MET E 158 2.88 -1.05 31.93
C MET E 158 2.65 -0.65 30.48
N PHE E 159 3.67 -0.03 29.88
CA PHE E 159 3.60 0.39 28.49
C PHE E 159 4.98 0.26 27.87
N PHE E 160 5.01 0.23 26.54
CA PHE E 160 6.25 0.06 25.78
C PHE E 160 6.75 1.43 25.33
N VAL E 161 7.98 1.75 25.72
CA VAL E 161 8.57 3.05 25.38
C VAL E 161 9.16 2.99 23.97
N HIS E 162 9.09 4.13 23.27
CA HIS E 162 9.62 4.27 21.92
C HIS E 162 8.97 3.29 20.93
N SER E 163 7.67 3.06 21.11
CA SER E 163 6.90 2.20 20.21
C SER E 163 6.07 3.05 19.25
N LYS E 164 5.85 2.51 18.05
CA LYS E 164 5.07 3.20 17.02
C LYS E 164 3.61 2.76 16.98
N ARG E 165 3.35 1.45 17.07
CA ARG E 165 1.99 0.95 17.06
C ARG E 165 1.97 -0.42 17.71
N SER E 166 0.82 -0.76 18.30
CA SER E 166 0.65 -2.03 18.97
C SER E 166 -0.83 -2.24 19.25
N PHE E 167 -1.20 -3.49 19.52
CA PHE E 167 -2.59 -3.86 19.76
C PHE E 167 -2.62 -5.17 20.53
N ILE E 168 -3.82 -5.55 20.96
CA ILE E 168 -4.05 -6.78 21.71
C ILE E 168 -5.05 -7.64 20.96
N HIS E 169 -4.73 -8.92 20.81
CA HIS E 169 -5.63 -9.84 20.12
C HIS E 169 -6.92 -10.02 20.91
N ASP E 170 -8.04 -10.10 20.19
CA ASP E 170 -9.35 -10.20 20.82
C ASP E 170 -10.23 -11.25 20.14
N THR E 171 -9.64 -12.36 19.69
CA THR E 171 -10.37 -13.43 19.04
C THR E 171 -10.02 -14.75 19.71
N THR E 172 -11.04 -15.50 20.14
CA THR E 172 -12.43 -15.10 20.01
C THR E 172 -12.84 -14.18 21.15
N THR E 173 -11.94 -14.06 22.13
CA THR E 173 -12.11 -13.14 23.24
C THR E 173 -10.75 -12.53 23.56
N ASP E 174 -10.72 -11.58 24.48
CA ASP E 174 -9.47 -10.96 24.88
C ASP E 174 -8.54 -12.00 25.50
N ASN E 175 -7.30 -12.03 25.05
CA ASN E 175 -6.31 -13.00 25.52
C ASN E 175 -5.83 -12.57 26.90
N VAL E 176 -6.68 -12.80 27.90
CA VAL E 176 -6.44 -12.40 29.27
C VAL E 176 -6.58 -13.61 30.18
N MET E 177 -5.60 -13.80 31.06
CA MET E 177 -5.63 -14.86 32.05
C MET E 177 -5.56 -14.23 33.45
N LEU E 178 -6.42 -14.71 34.34
CA LEU E 178 -6.48 -14.20 35.70
C LEU E 178 -6.56 -15.36 36.66
N ARG E 179 -5.52 -15.53 37.48
CA ARG E 179 -5.49 -16.58 38.49
C ARG E 179 -5.21 -15.94 39.84
N VAL E 180 -6.01 -16.26 40.84
CA VAL E 180 -5.90 -15.68 42.17
C VAL E 180 -5.72 -16.80 43.18
N GLN E 181 -4.69 -16.70 44.00
CA GLN E 181 -4.45 -17.63 45.08
C GLN E 181 -5.29 -17.26 46.30
N PRO E 182 -5.54 -18.21 47.20
CA PRO E 182 -6.36 -17.90 48.38
C PRO E 182 -5.77 -16.78 49.25
N ASP E 183 -4.45 -16.68 49.33
CA ASP E 183 -3.84 -15.64 50.16
C ASP E 183 -3.83 -14.28 49.49
N GLY E 184 -4.17 -14.21 48.20
CA GLY E 184 -4.24 -12.95 47.49
C GLY E 184 -3.25 -12.76 46.37
N LYS E 185 -2.39 -13.74 46.10
CA LYS E 185 -1.46 -13.63 44.99
C LYS E 185 -2.22 -13.70 43.66
N VAL E 186 -1.84 -12.83 42.72
CA VAL E 186 -2.56 -12.66 41.46
C VAL E 186 -1.58 -12.87 40.31
N LEU E 187 -2.02 -13.64 39.32
CA LEU E 187 -1.28 -13.85 38.08
C LEU E 187 -2.06 -13.24 36.92
N TYR E 188 -1.39 -12.40 36.13
CA TYR E 188 -2.03 -11.69 35.03
C TYR E 188 -1.17 -11.85 33.79
N SER E 189 -1.79 -12.25 32.68
CA SER E 189 -1.08 -12.52 31.44
C SER E 189 -1.78 -11.83 30.28
N LEU E 190 -0.99 -11.47 29.26
CA LEU E 190 -1.52 -10.82 28.07
C LEU E 190 -0.73 -11.29 26.85
N ARG E 191 -1.34 -11.12 25.68
CA ARG E 191 -0.72 -11.43 24.40
C ARG E 191 -0.82 -10.20 23.51
N VAL E 192 0.32 -9.60 23.19
CA VAL E 192 0.37 -8.35 22.45
C VAL E 192 1.36 -8.46 21.31
N THR E 193 1.20 -7.58 20.32
CA THR E 193 2.14 -7.43 19.22
C THR E 193 2.60 -5.98 19.20
N VAL E 194 3.90 -5.76 19.30
CA VAL E 194 4.46 -4.43 19.50
C VAL E 194 5.46 -4.13 18.39
N THR E 195 5.38 -2.91 17.84
CA THR E 195 6.35 -2.42 16.87
C THR E 195 7.17 -1.32 17.54
N ALA E 196 8.49 -1.48 17.53
CA ALA E 196 9.39 -0.54 18.18
C ALA E 196 10.49 -0.13 17.22
N MET E 197 10.95 1.10 17.37
CA MET E 197 11.98 1.65 16.49
C MET E 197 13.36 1.21 16.94
N CYS E 198 14.29 1.16 15.99
CA CYS E 198 15.66 0.77 16.26
C CYS E 198 16.58 1.54 15.33
N ASN E 199 17.64 2.12 15.89
CA ASN E 199 18.59 2.93 15.12
C ASN E 199 19.67 1.99 14.57
N MET E 200 19.70 1.83 13.25
CA MET E 200 20.64 0.95 12.59
C MET E 200 21.69 1.77 11.84
N ASP E 201 22.87 1.16 11.67
CA ASP E 201 23.98 1.76 10.94
C ASP E 201 24.29 0.90 9.73
N PHE E 202 24.42 1.55 8.56
CA PHE E 202 24.65 0.86 7.31
C PHE E 202 26.02 1.17 6.72
N SER E 203 27.03 1.44 7.57
CA SER E 203 28.36 1.71 7.06
C SER E 203 28.99 0.47 6.42
N ARG E 204 28.65 -0.72 6.92
CA ARG E 204 29.20 -1.96 6.40
C ARG E 204 28.17 -2.78 5.62
N PHE E 205 27.10 -2.14 5.15
CA PHE E 205 26.10 -2.85 4.38
C PHE E 205 26.71 -3.43 3.11
N PRO E 206 26.34 -4.65 2.71
CA PRO E 206 25.38 -5.54 3.38
C PRO E 206 26.00 -6.52 4.37
N LEU E 207 27.23 -6.26 4.80
CA LEU E 207 27.93 -7.12 5.75
C LEU E 207 27.91 -6.53 7.16
N ASP E 208 26.83 -5.87 7.54
CA ASP E 208 26.73 -5.19 8.82
C ASP E 208 26.07 -6.07 9.86
N THR E 209 26.18 -5.64 11.12
CA THR E 209 25.55 -6.30 12.25
C THR E 209 24.78 -5.26 13.06
N GLN E 210 23.54 -5.58 13.41
CA GLN E 210 22.65 -4.64 14.07
C GLN E 210 22.21 -5.19 15.43
N THR E 211 22.04 -4.26 16.37
CA THR E 211 21.56 -4.59 17.72
C THR E 211 20.35 -3.71 18.02
N CYS E 212 19.30 -4.34 18.54
CA CYS E 212 18.07 -3.64 18.89
C CYS E 212 17.59 -4.11 20.26
N SER E 213 16.73 -3.30 20.88
CA SER E 213 16.26 -3.59 22.22
C SER E 213 14.81 -3.16 22.35
N LEU E 214 14.13 -3.75 23.33
CA LEU E 214 12.74 -3.43 23.65
C LEU E 214 12.67 -2.96 25.11
N GLU E 215 11.86 -1.94 25.36
CA GLU E 215 11.79 -1.29 26.66
C GLU E 215 10.39 -1.43 27.24
N ILE E 216 10.33 -1.75 28.54
CA ILE E 216 9.08 -1.86 29.27
C ILE E 216 9.17 -0.95 30.48
N GLU E 217 8.12 -0.15 30.70
CA GLU E 217 8.12 0.83 31.78
C GLU E 217 6.68 1.07 32.23
N SER E 218 6.54 1.50 33.48
CA SER E 218 5.26 1.92 34.02
C SER E 218 5.03 3.39 33.69
N TYR E 219 3.80 3.70 33.26
CA TYR E 219 3.51 5.05 32.77
C TYR E 219 3.12 6.00 33.91
N ALA E 220 2.33 5.53 34.86
CA ALA E 220 1.74 6.42 35.87
C ALA E 220 2.47 6.43 37.20
N TYR E 221 2.99 5.29 37.65
CA TYR E 221 3.57 5.17 38.98
C TYR E 221 5.09 5.26 38.92
N THR E 222 5.66 6.08 39.79
CA THR E 222 7.10 6.25 39.90
C THR E 222 7.69 5.16 40.79
N GLU E 223 8.98 5.29 41.10
CA GLU E 223 9.65 4.31 41.95
C GLU E 223 9.16 4.37 43.39
N ASP E 224 8.57 5.49 43.81
CA ASP E 224 8.08 5.63 45.18
C ASP E 224 6.73 4.98 45.38
N ASP E 225 6.06 4.56 44.31
CA ASP E 225 4.75 3.91 44.40
C ASP E 225 4.74 2.50 43.84
N LEU E 226 5.59 2.19 42.87
CA LEU E 226 5.64 0.86 42.28
C LEU E 226 7.09 0.53 41.94
N MET E 227 7.53 -0.67 42.32
CA MET E 227 8.88 -1.14 42.04
C MET E 227 8.79 -2.25 41.00
N LEU E 228 9.52 -2.10 39.91
CA LEU E 228 9.50 -3.05 38.80
C LEU E 228 10.82 -3.80 38.75
N TYR E 229 10.74 -5.12 38.64
CA TYR E 229 11.93 -5.97 38.59
C TYR E 229 11.58 -7.27 37.89
N TRP E 230 12.62 -7.97 37.43
CA TRP E 230 12.43 -9.26 36.78
C TRP E 230 12.09 -10.32 37.82
N LYS E 231 11.12 -11.17 37.48
CA LYS E 231 10.63 -12.15 38.45
C LYS E 231 11.71 -13.14 38.87
N LYS E 232 12.49 -13.63 37.90
CA LYS E 232 13.51 -14.63 38.18
C LYS E 232 14.87 -14.23 37.61
N GLY E 233 15.08 -12.94 37.40
CA GLY E 233 16.38 -12.48 36.92
C GLY E 233 16.64 -12.93 35.50
N ASN E 234 17.79 -13.60 35.31
CA ASN E 234 18.20 -14.03 33.98
C ASN E 234 17.30 -15.14 33.42
N ASP E 235 16.54 -15.81 34.27
CA ASP E 235 15.68 -16.91 33.85
C ASP E 235 14.28 -16.49 33.47
N SER E 236 13.99 -15.18 33.46
CA SER E 236 12.66 -14.67 33.17
C SER E 236 12.38 -14.52 31.69
N LEU E 237 13.36 -14.80 30.83
CA LEU E 237 13.20 -14.65 29.38
C LEU E 237 13.23 -16.02 28.72
N LYS E 238 12.22 -16.31 27.91
CA LYS E 238 12.14 -17.55 27.15
C LYS E 238 11.82 -17.24 25.70
N THR E 239 12.31 -18.09 24.80
CA THR E 239 12.12 -17.90 23.37
C THR E 239 11.61 -19.20 22.75
N ASP E 240 10.73 -19.05 21.77
CA ASP E 240 10.21 -20.21 21.05
C ASP E 240 11.28 -20.79 20.13
N GLU E 241 11.24 -22.11 19.96
CA GLU E 241 12.20 -22.79 19.10
C GLU E 241 11.93 -22.56 17.62
N ARG E 242 10.77 -22.01 17.26
CA ARG E 242 10.40 -21.78 15.87
C ARG E 242 10.74 -20.38 15.39
N ILE E 243 11.38 -19.56 16.22
CA ILE E 243 11.73 -18.20 15.82
C ILE E 243 12.83 -18.25 14.78
N SER E 244 12.58 -17.64 13.62
CA SER E 244 13.55 -17.63 12.53
C SER E 244 13.26 -16.45 11.62
N LEU E 245 14.29 -15.99 10.93
CA LEU E 245 14.18 -14.93 9.94
C LEU E 245 14.85 -15.38 8.65
N SER E 246 14.20 -15.06 7.51
CA SER E 246 14.72 -15.51 6.23
C SER E 246 16.05 -14.84 5.89
N GLN E 247 16.20 -13.56 6.24
CA GLN E 247 17.37 -12.78 5.87
C GLN E 247 18.31 -12.51 7.03
N PHE E 248 17.89 -12.75 8.26
CA PHE E 248 18.69 -12.41 9.43
C PHE E 248 18.89 -13.63 10.32
N LEU E 249 19.97 -13.60 11.10
CA LEU E 249 20.27 -14.62 12.09
C LEU E 249 20.12 -14.01 13.47
N ILE E 250 19.36 -14.67 14.34
CA ILE E 250 19.01 -14.14 15.65
C ILE E 250 19.84 -14.85 16.71
N GLN E 251 20.41 -14.07 17.63
CA GLN E 251 21.27 -14.60 18.67
C GLN E 251 21.39 -13.58 19.80
N GLU E 252 22.00 -14.03 20.90
CA GLU E 252 22.37 -13.17 22.02
C GLU E 252 21.15 -12.48 22.66
N PHE E 253 20.25 -13.31 23.19
CA PHE E 253 19.13 -12.79 23.96
C PHE E 253 19.52 -12.63 25.42
N HIS E 254 19.33 -11.43 25.96
CA HIS E 254 19.62 -11.15 27.36
C HIS E 254 18.80 -9.95 27.80
N THR E 255 18.71 -9.76 29.11
CA THR E 255 17.93 -8.69 29.71
C THR E 255 18.80 -7.87 30.65
N THR E 256 18.49 -6.58 30.75
CA THR E 256 19.19 -5.67 31.64
C THR E 256 18.17 -4.79 32.34
N THR E 257 18.65 -3.89 33.20
CA THR E 257 17.79 -2.98 33.93
C THR E 257 18.49 -1.65 34.10
N LYS E 258 17.74 -0.57 33.95
CA LYS E 258 18.27 0.77 34.09
C LYS E 258 17.14 1.73 34.48
N LEU E 259 17.50 2.78 35.19
CA LEU E 259 16.54 3.79 35.63
C LEU E 259 16.39 4.88 34.58
N ALA E 260 15.24 5.55 34.62
CA ALA E 260 14.94 6.66 33.72
C ALA E 260 14.45 7.84 34.54
N PHE E 261 14.73 9.04 34.05
CA PHE E 261 14.36 10.28 34.73
C PHE E 261 13.63 11.20 33.77
N TYR E 262 12.56 11.82 34.25
CA TYR E 262 11.83 12.85 33.51
C TYR E 262 11.86 14.14 34.33
N SER E 263 12.06 15.27 33.65
CA SER E 263 12.27 16.53 34.34
C SER E 263 11.04 17.02 35.10
N SER E 264 9.85 16.52 34.76
CA SER E 264 8.62 17.04 35.35
C SER E 264 7.75 16.00 36.03
N THR E 265 8.15 14.73 36.06
CA THR E 265 7.33 13.73 36.72
C THR E 265 8.10 12.99 37.80
N GLY E 266 9.40 12.76 37.57
CA GLY E 266 10.22 12.07 38.53
C GLY E 266 10.97 10.93 37.88
N TRP E 267 11.35 9.95 38.70
CA TRP E 267 12.16 8.83 38.27
C TRP E 267 11.30 7.60 38.01
N TYR E 268 11.76 6.74 37.11
CA TYR E 268 11.07 5.50 36.77
C TYR E 268 12.10 4.39 36.57
N ASN E 269 11.60 3.15 36.53
CA ASN E 269 12.42 1.98 36.33
C ASN E 269 12.06 1.33 34.99
N ARG E 270 13.08 0.98 34.22
CA ARG E 270 12.89 0.38 32.89
C ARG E 270 13.47 -1.02 32.84
N LEU E 271 12.91 -1.84 31.97
CA LEU E 271 13.41 -3.18 31.70
C LEU E 271 13.75 -3.30 30.22
N TYR E 272 14.80 -4.05 29.90
CA TYR E 272 15.30 -4.15 28.55
C TYR E 272 15.37 -5.61 28.11
N ILE E 273 15.09 -5.83 26.82
CA ILE E 273 15.26 -7.12 26.17
C ILE E 273 16.11 -6.90 24.93
N ASN E 274 17.27 -7.53 24.87
CA ASN E 274 18.27 -7.27 23.84
C ASN E 274 18.49 -8.50 22.98
N PHE E 275 18.82 -8.25 21.71
CA PHE E 275 19.12 -9.32 20.76
C PHE E 275 20.00 -8.75 19.66
N THR E 276 20.64 -9.64 18.91
CA THR E 276 21.57 -9.27 17.85
C THR E 276 21.17 -9.96 16.56
N LEU E 277 21.41 -9.27 15.44
CA LEU E 277 21.00 -9.74 14.12
C LEU E 277 22.17 -9.69 13.15
N ARG E 278 22.26 -10.69 12.28
CA ARG E 278 23.30 -10.77 11.26
C ARG E 278 22.68 -11.13 9.92
N ARG E 279 23.08 -10.42 8.87
CA ARG E 279 22.52 -10.63 7.54
C ARG E 279 23.15 -11.86 6.88
N HIS E 280 22.50 -12.29 5.80
CA HIS E 280 23.03 -13.34 4.93
C HIS E 280 23.55 -12.72 3.64
N ILE E 281 24.76 -13.11 3.24
CA ILE E 281 25.45 -12.45 2.15
C ILE E 281 25.27 -13.16 0.81
N PHE E 282 24.67 -14.34 0.78
CA PHE E 282 24.59 -15.11 -0.46
C PHE E 282 23.78 -14.37 -1.52
N PHE E 283 22.64 -13.79 -1.15
CA PHE E 283 21.79 -13.12 -2.12
C PHE E 283 22.49 -11.90 -2.72
N PHE E 284 23.15 -11.10 -1.88
CA PHE E 284 23.79 -9.89 -2.37
C PHE E 284 24.96 -10.20 -3.30
N LEU E 285 25.75 -11.23 -2.97
CA LEU E 285 26.86 -11.62 -3.81
C LEU E 285 26.38 -12.02 -5.20
N LEU E 286 25.39 -12.90 -5.27
CA LEU E 286 24.94 -13.42 -6.55
C LEU E 286 24.24 -12.36 -7.38
N GLN E 287 23.50 -11.46 -6.75
CA GLN E 287 22.69 -10.49 -7.49
C GLN E 287 23.48 -9.25 -7.88
N THR E 288 24.47 -8.86 -7.09
CA THR E 288 25.19 -7.61 -7.33
C THR E 288 26.67 -7.82 -7.66
N TYR E 289 27.40 -8.57 -6.83
CA TYR E 289 28.85 -8.68 -7.01
C TYR E 289 29.21 -9.45 -8.28
N PHE E 290 28.56 -10.59 -8.50
CA PHE E 290 28.87 -11.38 -9.70
C PHE E 290 28.57 -10.65 -11.00
N PRO E 291 27.40 -10.01 -11.19
CA PRO E 291 27.21 -9.27 -12.45
C PRO E 291 28.19 -8.13 -12.64
N ALA E 292 28.61 -7.48 -11.56
CA ALA E 292 29.58 -6.39 -11.69
C ALA E 292 30.93 -6.89 -12.19
N THR E 293 31.40 -8.03 -11.66
CA THR E 293 32.69 -8.56 -12.07
C THR E 293 32.66 -9.01 -13.53
N LEU E 294 31.57 -9.62 -13.96
CA LEU E 294 31.48 -10.11 -15.34
C LEU E 294 31.53 -8.95 -16.33
N MET E 295 30.88 -7.84 -16.01
CA MET E 295 30.90 -6.68 -16.91
C MET E 295 32.31 -6.11 -17.03
N VAL E 296 33.06 -6.08 -15.93
CA VAL E 296 34.44 -5.57 -15.97
C VAL E 296 35.32 -6.45 -16.85
N MET E 297 35.18 -7.78 -16.72
CA MET E 297 35.97 -8.68 -17.55
C MET E 297 35.53 -8.64 -19.00
N LEU E 298 34.30 -8.21 -19.27
CA LEU E 298 33.84 -8.09 -20.65
C LEU E 298 34.57 -6.98 -21.40
N SER E 299 34.97 -5.92 -20.69
CA SER E 299 35.68 -4.83 -21.35
C SER E 299 37.12 -5.22 -21.70
N TRP E 300 37.66 -6.24 -21.02
CA TRP E 300 39.03 -6.66 -21.26
C TRP E 300 39.19 -7.41 -22.58
N VAL E 301 38.11 -7.92 -23.16
CA VAL E 301 38.22 -8.67 -24.41
C VAL E 301 38.48 -7.76 -25.59
N SER E 302 38.25 -6.45 -25.44
CA SER E 302 38.50 -5.52 -26.54
C SER E 302 40.00 -5.34 -26.80
N PHE E 303 40.85 -5.58 -25.82
CA PHE E 303 42.29 -5.44 -26.00
C PHE E 303 42.88 -6.50 -26.92
N TRP E 304 42.16 -7.60 -27.16
CA TRP E 304 42.64 -8.67 -28.02
C TRP E 304 42.06 -8.57 -29.43
N ILE E 305 41.34 -7.50 -29.75
CA ILE E 305 40.74 -7.30 -31.06
C ILE E 305 41.60 -6.31 -31.83
N ASP E 306 41.69 -6.50 -33.14
CA ASP E 306 42.46 -5.61 -33.99
C ASP E 306 41.91 -4.19 -33.91
N ARG E 307 42.82 -3.22 -33.83
CA ARG E 307 42.44 -1.82 -33.67
C ARG E 307 41.84 -1.21 -34.93
N ARG E 308 41.94 -1.89 -36.07
CA ARG E 308 41.38 -1.39 -37.31
C ARG E 308 39.86 -1.54 -37.39
N ALA E 309 39.27 -2.34 -36.52
CA ALA E 309 37.82 -2.50 -36.48
C ALA E 309 37.22 -1.50 -35.50
N VAL E 310 37.26 -0.23 -35.91
CA VAL E 310 36.77 0.86 -35.06
C VAL E 310 35.29 0.70 -34.72
N PRO E 311 34.38 0.42 -35.69
CA PRO E 311 32.95 0.30 -35.31
C PRO E 311 32.64 -0.99 -34.57
N ALA E 312 33.66 -1.81 -34.30
CA ALA E 312 33.47 -3.06 -33.59
C ALA E 312 33.91 -3.00 -32.14
N ARG E 313 34.85 -2.13 -31.79
CA ARG E 313 35.33 -2.01 -30.42
C ARG E 313 34.65 -0.89 -29.65
N VAL E 314 34.31 0.22 -30.32
CA VAL E 314 33.64 1.33 -29.63
C VAL E 314 32.29 0.92 -29.05
N PRO E 315 31.39 0.25 -29.79
CA PRO E 315 30.13 -0.17 -29.16
C PRO E 315 30.31 -1.11 -27.98
N LEU E 316 31.35 -1.96 -28.01
CA LEU E 316 31.58 -2.87 -26.89
C LEU E 316 31.85 -2.09 -25.60
N GLY E 317 32.71 -1.08 -25.67
CA GLY E 317 33.03 -0.32 -24.47
C GLY E 317 31.84 0.48 -23.96
N ILE E 318 31.08 1.10 -24.86
CA ILE E 318 29.99 1.98 -24.46
C ILE E 318 28.87 1.18 -23.80
N THR E 319 28.52 0.03 -24.37
CA THR E 319 27.43 -0.78 -23.81
C THR E 319 27.77 -1.27 -22.41
N THR E 320 29.04 -1.58 -22.16
CA THR E 320 29.45 -1.99 -20.81
C THR E 320 29.27 -0.85 -19.81
N VAL E 321 29.58 0.37 -20.22
CA VAL E 321 29.40 1.53 -19.33
C VAL E 321 27.94 1.71 -18.98
N LEU E 322 27.06 1.64 -19.99
CA LEU E 322 25.64 1.83 -19.75
C LEU E 322 25.08 0.72 -18.86
N THR E 323 25.51 -0.52 -19.09
CA THR E 323 25.02 -1.62 -18.26
C THR E 323 25.47 -1.47 -16.81
N MET E 324 26.71 -1.04 -16.60
CA MET E 324 27.19 -0.83 -15.24
C MET E 324 26.40 0.27 -14.53
N SER E 325 26.06 1.33 -15.26
CA SER E 325 25.27 2.41 -14.68
C SER E 325 23.88 1.91 -14.26
N THR E 326 23.28 1.05 -15.07
CA THR E 326 21.97 0.50 -14.73
C THR E 326 22.04 -0.34 -13.45
N ILE E 327 23.11 -1.12 -13.29
CA ILE E 327 23.25 -1.95 -12.10
C ILE E 327 23.35 -1.09 -10.85
N ILE E 328 24.12 0.00 -10.93
CA ILE E 328 24.31 0.87 -9.76
C ILE E 328 22.98 1.49 -9.34
N THR E 329 22.19 1.95 -10.31
CA THR E 329 20.94 2.62 -9.98
C THR E 329 19.96 1.69 -9.28
N GLY E 330 19.88 0.44 -9.73
CA GLY E 330 18.88 -0.48 -9.20
C GLY E 330 19.14 -0.88 -7.76
N VAL E 331 20.39 -0.83 -7.32
CA VAL E 331 20.73 -1.27 -5.97
C VAL E 331 20.18 -0.31 -4.93
N ASN E 332 20.28 1.00 -5.19
CA ASN E 332 19.90 2.01 -4.20
C ASN E 332 18.39 2.11 -4.00
N ALA E 333 17.58 1.45 -4.84
CA ALA E 333 16.13 1.57 -4.74
C ALA E 333 15.58 0.96 -3.44
N SER E 334 16.31 0.03 -2.83
CA SER E 334 15.84 -0.67 -1.64
C SER E 334 16.46 -0.15 -0.35
N MET E 335 17.16 0.97 -0.38
CA MET E 335 17.83 1.53 0.78
C MET E 335 17.40 2.97 1.00
N PRO E 336 17.43 3.44 2.25
CA PRO E 336 17.05 4.84 2.51
C PRO E 336 18.15 5.80 2.08
N ARG E 337 17.81 7.10 2.16
CA ARG E 337 18.72 8.17 1.74
C ARG E 337 19.62 8.55 2.91
N VAL E 338 20.67 7.75 3.10
CA VAL E 338 21.66 8.02 4.15
C VAL E 338 22.62 9.09 3.67
N SER E 339 23.38 9.67 4.60
CA SER E 339 24.33 10.73 4.29
C SER E 339 25.76 10.24 4.21
N TYR E 340 25.97 8.92 4.20
CA TYR E 340 27.30 8.35 4.13
C TYR E 340 27.30 7.22 3.10
N ILE E 341 28.48 6.94 2.55
CA ILE E 341 28.66 5.95 1.50
C ILE E 341 28.76 4.57 2.13
N LYS E 342 28.15 3.59 1.49
CA LYS E 342 28.14 2.21 1.99
C LYS E 342 29.25 1.40 1.33
N ALA E 343 29.48 0.21 1.87
CA ALA E 343 30.51 -0.67 1.35
C ALA E 343 30.20 -1.13 -0.07
N VAL E 344 28.93 -1.41 -0.35
CA VAL E 344 28.55 -1.87 -1.68
C VAL E 344 28.76 -0.77 -2.72
N ASP E 345 28.53 0.49 -2.34
CA ASP E 345 28.70 1.59 -3.28
C ASP E 345 30.15 1.72 -3.73
N ILE E 346 31.09 1.47 -2.81
CA ILE E 346 32.51 1.59 -3.16
C ILE E 346 32.88 0.58 -4.24
N TYR E 347 32.42 -0.66 -4.10
CA TYR E 347 32.76 -1.70 -5.07
C TYR E 347 32.17 -1.36 -6.45
N LEU E 348 30.92 -0.90 -6.48
CA LEU E 348 30.27 -0.62 -7.75
C LEU E 348 30.91 0.56 -8.48
N TRP E 349 31.21 1.63 -7.74
CA TRP E 349 31.76 2.82 -8.39
C TRP E 349 33.19 2.62 -8.85
N VAL E 350 33.99 1.84 -8.12
CA VAL E 350 35.34 1.53 -8.58
C VAL E 350 35.29 0.74 -9.88
N SER E 351 34.36 -0.21 -9.97
CA SER E 351 34.20 -0.97 -11.21
C SER E 351 33.78 -0.06 -12.36
N PHE E 352 32.93 0.94 -12.08
CA PHE E 352 32.53 1.87 -13.12
C PHE E 352 33.72 2.64 -13.67
N VAL E 353 34.65 3.04 -12.79
CA VAL E 353 35.84 3.76 -13.23
C VAL E 353 36.69 2.88 -14.13
N PHE E 354 36.82 1.59 -13.80
CA PHE E 354 37.63 0.68 -14.61
C PHE E 354 37.08 0.57 -16.02
N VAL E 355 35.75 0.45 -16.14
CA VAL E 355 35.14 0.37 -17.47
C VAL E 355 35.27 1.69 -18.21
N PHE E 356 35.12 2.80 -17.49
CA PHE E 356 35.25 4.11 -18.12
C PHE E 356 36.65 4.34 -18.68
N LEU E 357 37.68 3.95 -17.91
CA LEU E 357 39.04 4.10 -18.39
C LEU E 357 39.31 3.22 -19.61
N SER E 358 38.62 2.09 -19.71
CA SER E 358 38.79 1.21 -20.86
C SER E 358 38.36 1.90 -22.15
N VAL E 359 37.26 2.66 -22.10
CA VAL E 359 36.80 3.39 -23.28
C VAL E 359 37.82 4.45 -23.68
N LEU E 360 38.37 5.18 -22.71
CA LEU E 360 39.38 6.18 -23.01
C LEU E 360 40.66 5.55 -23.55
N GLU E 361 40.93 4.29 -23.20
CA GLU E 361 42.16 3.64 -23.64
C GLU E 361 42.20 3.50 -25.15
N TYR E 362 41.07 3.11 -25.77
CA TYR E 362 41.05 2.93 -27.21
C TYR E 362 41.09 4.27 -27.94
N ALA E 363 40.54 5.32 -27.31
CA ALA E 363 40.56 6.65 -27.94
C ALA E 363 41.99 7.14 -28.12
N ALA E 364 42.85 6.94 -27.12
CA ALA E 364 44.24 7.34 -27.24
C ALA E 364 44.94 6.56 -28.35
N VAL E 365 44.68 5.25 -28.44
CA VAL E 365 45.31 4.42 -29.46
C VAL E 365 44.89 4.88 -30.85
N ASN E 366 43.60 5.15 -31.04
CA ASN E 366 43.11 5.57 -32.35
C ASN E 366 43.72 6.91 -32.76
N TYR E 367 43.80 7.86 -31.83
CA TYR E 367 44.36 9.17 -32.15
C TYR E 367 45.83 9.06 -32.53
N LEU E 368 46.60 8.28 -31.76
CA LEU E 368 48.03 8.14 -32.05
C LEU E 368 48.26 7.47 -33.39
N THR E 369 47.43 6.48 -33.73
CA THR E 369 47.57 5.82 -35.03
C THR E 369 47.31 6.80 -36.17
N THR E 370 46.29 7.65 -36.04
CA THR E 370 46.01 8.62 -37.08
C THR E 370 47.15 9.62 -37.24
N VAL E 371 47.72 10.09 -36.12
CA VAL E 371 48.83 11.02 -36.19
C VAL E 371 50.05 10.36 -36.84
N GLN E 372 50.32 9.11 -36.47
CA GLN E 372 51.46 8.39 -37.04
C GLN E 372 51.31 8.23 -38.56
N GLU E 373 50.11 7.88 -39.02
CA GLU E 373 49.87 7.76 -40.46
C GLU E 373 50.04 9.10 -41.16
N ARG E 374 49.54 10.18 -40.56
CA ARG E 374 49.67 11.50 -41.17
C ARG E 374 51.13 11.92 -41.26
N LYS E 375 51.91 11.68 -40.21
CA LYS E 375 53.33 12.03 -40.24
C LYS E 375 54.08 11.22 -41.29
N GLU E 376 53.77 9.93 -41.40
CA GLU E 376 54.43 9.09 -42.40
C GLU E 376 54.05 9.51 -43.81
N GLN E 377 52.78 9.86 -44.04
CA GLN E 377 52.35 10.29 -45.37
C GLN E 377 53.03 11.59 -45.78
N LYS E 378 53.17 12.52 -44.86
CA LYS E 378 53.82 13.80 -45.16
C LYS E 378 55.32 13.63 -45.30
N ASP E 451 50.30 -5.00 -36.89
CA ASP E 451 51.04 -5.04 -35.64
C ASP E 451 50.15 -4.64 -34.45
N THR E 452 50.67 -4.85 -33.24
CA THR E 452 49.96 -4.53 -32.02
C THR E 452 50.58 -3.29 -31.38
N HIS E 453 49.74 -2.31 -31.05
CA HIS E 453 50.23 -1.08 -30.45
C HIS E 453 50.74 -1.33 -29.04
N ALA E 454 51.68 -0.48 -28.60
CA ALA E 454 52.28 -0.64 -27.28
C ALA E 454 51.25 -0.47 -26.17
N ILE E 455 50.29 0.43 -26.34
CA ILE E 455 49.28 0.67 -25.30
C ILE E 455 48.43 -0.58 -25.10
N ASP E 456 48.02 -1.22 -26.19
CA ASP E 456 47.21 -2.43 -26.08
C ASP E 456 47.98 -3.56 -25.41
N LYS E 457 49.27 -3.71 -25.74
CA LYS E 457 50.06 -4.80 -25.18
C LYS E 457 50.19 -4.67 -23.67
N TYR E 458 50.44 -3.47 -23.17
CA TYR E 458 50.57 -3.26 -21.73
C TYR E 458 49.22 -3.31 -21.01
N SER E 459 48.14 -2.92 -21.69
CA SER E 459 46.82 -2.91 -21.07
C SER E 459 46.35 -4.32 -20.76
N ARG E 460 46.82 -5.31 -21.54
CA ARG E 460 46.41 -6.69 -21.30
C ARG E 460 46.88 -7.20 -19.94
N ILE E 461 47.96 -6.65 -19.40
CA ILE E 461 48.52 -7.12 -18.15
C ILE E 461 48.21 -6.17 -17.00
N ILE E 462 48.27 -4.86 -17.25
CA ILE E 462 48.10 -3.89 -16.16
C ILE E 462 46.67 -3.93 -15.61
N PHE E 463 45.68 -3.96 -16.51
CA PHE E 463 44.29 -3.93 -16.06
C PHE E 463 43.90 -5.13 -15.20
N PRO E 464 44.17 -6.38 -15.60
CA PRO E 464 43.85 -7.50 -14.69
C PRO E 464 44.59 -7.43 -13.36
N ALA E 465 45.84 -6.97 -13.36
CA ALA E 465 46.62 -6.91 -12.13
C ALA E 465 46.03 -5.91 -11.15
N ALA E 466 45.61 -4.74 -11.65
CA ALA E 466 45.06 -3.71 -10.77
C ALA E 466 43.75 -4.16 -10.14
N TYR E 467 42.88 -4.80 -10.92
CA TYR E 467 41.59 -5.23 -10.40
C TYR E 467 41.75 -6.31 -9.33
N ILE E 468 42.66 -7.26 -9.55
CA ILE E 468 42.90 -8.31 -8.58
C ILE E 468 43.45 -7.73 -7.28
N LEU E 469 44.37 -6.77 -7.39
CA LEU E 469 44.91 -6.13 -6.20
C LEU E 469 43.82 -5.39 -5.43
N PHE E 470 42.89 -4.74 -6.14
CA PHE E 470 41.79 -4.06 -5.48
C PHE E 470 40.91 -5.04 -4.72
N ASN E 471 40.63 -6.21 -5.31
CA ASN E 471 39.79 -7.20 -4.64
C ASN E 471 40.44 -7.71 -3.36
N LEU E 472 41.76 -7.94 -3.40
CA LEU E 472 42.45 -8.41 -2.20
C LEU E 472 42.35 -7.40 -1.07
N ILE E 473 42.53 -6.11 -1.38
CA ILE E 473 42.45 -5.07 -0.36
C ILE E 473 41.01 -4.90 0.11
N TYR E 474 40.06 -4.91 -0.83
CA TYR E 474 38.67 -4.67 -0.46
C TYR E 474 38.13 -5.77 0.45
N TRP E 475 38.43 -7.03 0.13
CA TRP E 475 37.91 -8.15 0.92
C TRP E 475 38.70 -8.38 2.20
N SER E 476 39.90 -7.81 2.33
CA SER E 476 40.64 -7.92 3.58
C SER E 476 40.11 -6.98 4.65
N ILE E 477 39.69 -5.77 4.24
CA ILE E 477 39.18 -4.80 5.21
C ILE E 477 37.82 -5.23 5.73
N PHE E 478 36.94 -5.68 4.84
CA PHE E 478 35.58 -6.06 5.21
C PHE E 478 35.43 -7.55 5.51
N SER E 479 36.52 -8.31 5.46
CA SER E 479 36.51 -9.75 5.74
C SER E 479 35.52 -10.49 4.85
#